data_6XUR
# 
_entry.id   6XUR 
# 
_audit_conform.dict_name       mmcif_pdbx.dic 
_audit_conform.dict_version    5.383 
_audit_conform.dict_location   http://mmcif.pdb.org/dictionaries/ascii/mmcif_pdbx.dic 
# 
loop_
_database_2.database_id 
_database_2.database_code 
_database_2.pdbx_database_accession 
_database_2.pdbx_DOI 
PDB   6XUR         pdb_00006xur 10.2210/pdb6xur/pdb 
WWPDB D_1292105478 ?            ?                   
# 
loop_
_pdbx_audit_revision_history.ordinal 
_pdbx_audit_revision_history.data_content_type 
_pdbx_audit_revision_history.major_revision 
_pdbx_audit_revision_history.minor_revision 
_pdbx_audit_revision_history.revision_date 
1 'Structure model' 1 0 2020-02-19 
2 'Structure model' 1 1 2020-03-11 
3 'Structure model' 1 2 2020-04-22 
4 'Structure model' 1 3 2021-05-05 
5 'Structure model' 1 4 2024-01-24 
# 
_pdbx_audit_revision_details.ordinal             1 
_pdbx_audit_revision_details.revision_ordinal    1 
_pdbx_audit_revision_details.data_content_type   'Structure model' 
_pdbx_audit_revision_details.provider            repository 
_pdbx_audit_revision_details.type                'Initial release' 
_pdbx_audit_revision_details.description         ? 
_pdbx_audit_revision_details.details             ? 
# 
loop_
_pdbx_audit_revision_group.ordinal 
_pdbx_audit_revision_group.revision_ordinal 
_pdbx_audit_revision_group.data_content_type 
_pdbx_audit_revision_group.group 
1 2 'Structure model' 'Database references'    
2 3 'Structure model' 'Database references'    
3 4 'Structure model' 'Derived calculations'   
4 4 'Structure model' 'Source and taxonomy'    
5 5 'Structure model' 'Data collection'        
6 5 'Structure model' 'Database references'    
7 5 'Structure model' 'Refinement description' 
# 
loop_
_pdbx_audit_revision_category.ordinal 
_pdbx_audit_revision_category.revision_ordinal 
_pdbx_audit_revision_category.data_content_type 
_pdbx_audit_revision_category.category 
1  2 'Structure model' citation                      
2  3 'Structure model' citation                      
3  3 'Structure model' citation_author               
4  4 'Structure model' pdbx_entity_src_syn           
5  4 'Structure model' pdbx_struct_conn_angle        
6  4 'Structure model' struct_conn                   
7  5 'Structure model' chem_comp_atom                
8  5 'Structure model' chem_comp_bond                
9  5 'Structure model' database_2                    
10 5 'Structure model' pdbx_initial_refinement_model 
# 
loop_
_pdbx_audit_revision_item.ordinal 
_pdbx_audit_revision_item.revision_ordinal 
_pdbx_audit_revision_item.data_content_type 
_pdbx_audit_revision_item.item 
1  2 'Structure model' '_citation.title'                           
2  3 'Structure model' '_citation.journal_volume'                  
3  3 'Structure model' '_citation.page_first'                      
4  3 'Structure model' '_citation.page_last'                       
5  3 'Structure model' '_citation_author.identifier_ORCID'         
6  4 'Structure model' '_pdbx_entity_src_syn.ncbi_taxonomy_id'     
7  4 'Structure model' '_pdbx_entity_src_syn.organism_scientific'  
8  4 'Structure model' '_pdbx_entity_src_syn.pdbx_beg_seq_num'     
9  4 'Structure model' '_pdbx_entity_src_syn.pdbx_end_seq_num'     
10 4 'Structure model' '_pdbx_struct_conn_angle.ptnr1_auth_seq_id' 
11 4 'Structure model' '_pdbx_struct_conn_angle.ptnr3_auth_seq_id' 
12 4 'Structure model' '_pdbx_struct_conn_angle.value'             
13 4 'Structure model' '_struct_conn.pdbx_dist_value'              
14 4 'Structure model' '_struct_conn.ptnr2_auth_seq_id'            
15 5 'Structure model' '_database_2.pdbx_DOI'                      
16 5 'Structure model' '_database_2.pdbx_database_accession'       
# 
_pdbx_database_status.status_code                     REL 
_pdbx_database_status.status_code_sf                  REL 
_pdbx_database_status.status_code_mr                  ? 
_pdbx_database_status.entry_id                        6XUR 
_pdbx_database_status.recvd_initial_deposition_date   2020-01-21 
_pdbx_database_status.SG_entry                        N 
_pdbx_database_status.deposit_site                    PDBE 
_pdbx_database_status.process_site                    PDBE 
_pdbx_database_status.status_code_cs                  ? 
_pdbx_database_status.status_code_nmr_data            ? 
_pdbx_database_status.methods_development_category    ? 
_pdbx_database_status.pdb_format_compatible           Y 
# 
loop_
_audit_author.name 
_audit_author.pdbx_ordinal 
_audit_author.identifier_ORCID 
'Ennifar, E.' 1 ? 
'Micura, R.'  2 ? 
'Gasser, C.'  3 ? 
'Brillet, K.' 4 ? 
# 
_citation.abstract                  ? 
_citation.abstract_id_CAS           ? 
_citation.book_id_ISBN              ? 
_citation.book_publisher            ? 
_citation.book_publisher_city       ? 
_citation.book_title                ? 
_citation.coordinate_linkage        ? 
_citation.country                   GE 
_citation.database_id_Medline       ? 
_citation.details                   ? 
_citation.id                        primary 
_citation.journal_abbrev            Angew.Chem.Int.Ed.Engl. 
_citation.journal_id_ASTM           ACIEAY 
_citation.journal_id_CSD            0179 
_citation.journal_id_ISSN           1521-3773 
_citation.journal_full              ? 
_citation.journal_issue             ? 
_citation.journal_volume            59 
_citation.language                  ? 
_citation.page_first                6881 
_citation.page_last                 6886 
_citation.title                     
'Thioguanosine Conversion Enables mRNA-Lifetime Evaluation by RNA Sequencing Using Double Metabolic Labeling (TUC-seq DUAL).' 
_citation.year                      2020 
_citation.database_id_CSD           ? 
_citation.pdbx_database_id_DOI      10.1002/anie.201916272 
_citation.pdbx_database_id_PubMed   31999864 
_citation.unpublished_flag          ? 
# 
loop_
_citation_author.citation_id 
_citation_author.name 
_citation_author.ordinal 
_citation_author.identifier_ORCID 
primary 'Gasser, C.'      1  ?                   
primary 'Delazer, I.'     2  ?                   
primary 'Neuner, E.'      3  ?                   
primary 'Pascher, K.'     4  ?                   
primary 'Brillet, K.'     5  ?                   
primary 'Klotz, S.'       6  ?                   
primary 'Trixl, L.'       7  ?                   
primary 'Himmelstoss, M.' 8  ?                   
primary 'Ennifar, E.'     9  ?                   
primary 'Rieder, D.'      10 0000-0003-1754-690X 
primary 'Lusser, A.'      11 0000-0002-2226-9081 
primary 'Micura, R.'      12 0000-0003-2661-6105 
# 
loop_
_entity.id 
_entity.type 
_entity.src_method 
_entity.pdbx_description 
_entity.formula_weight 
_entity.pdbx_number_of_molecules 
_entity.pdbx_ec 
_entity.pdbx_mutation 
_entity.pdbx_fragment 
_entity.details 
1 polymer     syn 'RNA dodecamer with a 6-hydrazino-2-aminopurine modified base' 3881.390 1  ? ? ? 
'6HA = 6-hydrazino-2-aminopurine' 
2 non-polymer syn 'MAGNESIUM ION'                                                24.305   2  ? ? ? ? 
3 water       nat water                                                          18.015   77 ? ? ? ? 
# 
_entity_poly.entity_id                      1 
_entity_poly.type                           polyribonucleotide 
_entity_poly.nstd_linkage                   no 
_entity_poly.nstd_monomer                   yes 
_entity_poly.pdbx_seq_one_letter_code       'CGCG(O2Z)AUUAGCG' 
_entity_poly.pdbx_seq_one_letter_code_can   CGCGAAUUAGCG 
_entity_poly.pdbx_strand_id                 A 
_entity_poly.pdbx_target_identifier         ? 
# 
loop_
_pdbx_entity_nonpoly.entity_id 
_pdbx_entity_nonpoly.name 
_pdbx_entity_nonpoly.comp_id 
2 'MAGNESIUM ION' MG  
3 water           HOH 
# 
loop_
_entity_poly_seq.entity_id 
_entity_poly_seq.num 
_entity_poly_seq.mon_id 
_entity_poly_seq.hetero 
1 1  C   n 
1 2  G   n 
1 3  C   n 
1 4  G   n 
1 5  O2Z n 
1 6  A   n 
1 7  U   n 
1 8  U   n 
1 9  A   n 
1 10 G   n 
1 11 C   n 
1 12 G   n 
# 
_pdbx_entity_src_syn.entity_id              1 
_pdbx_entity_src_syn.pdbx_src_id            1 
_pdbx_entity_src_syn.pdbx_alt_source_flag   sample 
_pdbx_entity_src_syn.pdbx_beg_seq_num       1 
_pdbx_entity_src_syn.pdbx_end_seq_num       12 
_pdbx_entity_src_syn.organism_scientific    'synthetic construct' 
_pdbx_entity_src_syn.organism_common_name   ? 
_pdbx_entity_src_syn.ncbi_taxonomy_id       32630 
_pdbx_entity_src_syn.details                ? 
# 
loop_
_chem_comp.id 
_chem_comp.type 
_chem_comp.mon_nstd_flag 
_chem_comp.name 
_chem_comp.pdbx_synonyms 
_chem_comp.formula 
_chem_comp.formula_weight 
A   'RNA linking' y "ADENOSINE-5'-MONOPHOSPHATE" ? 'C10 H14 N5 O7 P' 347.221 
C   'RNA linking' y "CYTIDINE-5'-MONOPHOSPHATE" ? 'C9 H14 N3 O8 P'  323.197 
G   'RNA linking' y "GUANOSINE-5'-MONOPHOSPHATE" ? 'C10 H14 N5 O8 P' 363.221 
HOH non-polymer   . WATER ? 'H2 O'            18.015  
MG  non-polymer   . 'MAGNESIUM ION' ? 'Mg 2'            24.305  
O2Z 'RNA linking' n 
'[(2~{R},3~{S},4~{R},5~{R})-5-(2-azanyl-6-diazanyl-purin-9-yl)-3,4-bis(oxidanyl)oxolan-2-yl]methoxyphosphinic acid' ? 
'C10 H16 N7 O7 P' 377.251 
U   'RNA linking' y "URIDINE-5'-MONOPHOSPHATE" ? 'C9 H13 N2 O9 P'  324.181 
# 
loop_
_pdbx_poly_seq_scheme.asym_id 
_pdbx_poly_seq_scheme.entity_id 
_pdbx_poly_seq_scheme.seq_id 
_pdbx_poly_seq_scheme.mon_id 
_pdbx_poly_seq_scheme.ndb_seq_num 
_pdbx_poly_seq_scheme.pdb_seq_num 
_pdbx_poly_seq_scheme.auth_seq_num 
_pdbx_poly_seq_scheme.pdb_mon_id 
_pdbx_poly_seq_scheme.auth_mon_id 
_pdbx_poly_seq_scheme.pdb_strand_id 
_pdbx_poly_seq_scheme.pdb_ins_code 
_pdbx_poly_seq_scheme.hetero 
A 1 1  C   1  1001 1001 C   C   A . n 
A 1 2  G   2  1002 1002 G   G   A . n 
A 1 3  C   3  1003 1003 C   C   A . n 
A 1 4  G   4  1004 1004 G   G   A . n 
A 1 5  O2Z 5  1005 1005 O2Z 6HA A . n 
A 1 6  A   6  1006 1006 A   A   A . n 
A 1 7  U   7  1007 1007 U   U   A . n 
A 1 8  U   8  1008 1008 U   U   A . n 
A 1 9  A   9  1009 1009 A   A   A . n 
A 1 10 G   10 1010 1010 G   G   A . n 
A 1 11 C   11 1011 1011 C   C   A . n 
A 1 12 G   12 1012 1012 G   G   A . n 
# 
loop_
_pdbx_nonpoly_scheme.asym_id 
_pdbx_nonpoly_scheme.entity_id 
_pdbx_nonpoly_scheme.mon_id 
_pdbx_nonpoly_scheme.ndb_seq_num 
_pdbx_nonpoly_scheme.pdb_seq_num 
_pdbx_nonpoly_scheme.auth_seq_num 
_pdbx_nonpoly_scheme.pdb_mon_id 
_pdbx_nonpoly_scheme.auth_mon_id 
_pdbx_nonpoly_scheme.pdb_strand_id 
_pdbx_nonpoly_scheme.pdb_ins_code 
B 2 MG  1  1101 6  MG  MG2 A . 
C 2 MG  1  1102 13 MG  MG2 A . 
D 3 HOH 1  1201 83 HOH HOH A . 
D 3 HOH 2  1202 11 HOH HOH A . 
D 3 HOH 3  1203 17 HOH HOH A . 
D 3 HOH 4  1204 14 HOH HOH A . 
D 3 HOH 5  1205 45 HOH HOH A . 
D 3 HOH 6  1206 3  HOH HOH A . 
D 3 HOH 7  1207 1  HOH HOH A . 
D 3 HOH 8  1208 51 HOH HOH A . 
D 3 HOH 9  1209 46 HOH HOH A . 
D 3 HOH 10 1210 47 HOH HOH A . 
D 3 HOH 11 1211 6  HOH HOH A . 
D 3 HOH 12 1212 52 HOH HOH A . 
D 3 HOH 13 1213 58 HOH HOH A . 
D 3 HOH 14 1214 53 HOH HOH A . 
D 3 HOH 15 1215 35 HOH HOH A . 
D 3 HOH 16 1216 2  HOH HOH A . 
D 3 HOH 17 1217 94 HOH HOH A . 
D 3 HOH 18 1218 3  HOH HOH A . 
D 3 HOH 19 1219 7  HOH HOH A . 
D 3 HOH 20 1220 22 HOH HOH A . 
D 3 HOH 21 1221 40 HOH HOH A . 
D 3 HOH 22 1222 24 HOH HOH A . 
D 3 HOH 23 1223 12 HOH HOH A . 
D 3 HOH 24 1224 1  HOH HOH A . 
D 3 HOH 25 1225 2  HOH HOH A . 
D 3 HOH 26 1226 33 HOH HOH A . 
D 3 HOH 27 1227 95 HOH HOH A . 
D 3 HOH 28 1228 15 HOH HOH A . 
D 3 HOH 29 1229 19 HOH HOH A . 
D 3 HOH 30 1230 26 HOH HOH A . 
D 3 HOH 31 1231 13 HOH HOH A . 
D 3 HOH 32 1232 80 HOH HOH A . 
D 3 HOH 33 1233 32 HOH HOH A . 
D 3 HOH 34 1234 56 HOH HOH A . 
D 3 HOH 35 1235 73 HOH HOH A . 
D 3 HOH 36 1236 18 HOH HOH A . 
D 3 HOH 37 1237 4  HOH HOH A . 
D 3 HOH 38 1238 43 HOH HOH A . 
D 3 HOH 39 1239 36 HOH HOH A . 
D 3 HOH 40 1240 30 HOH HOH A . 
D 3 HOH 41 1241 48 HOH HOH A . 
D 3 HOH 42 1242 57 HOH HOH A . 
D 3 HOH 43 1243 28 HOH HOH A . 
D 3 HOH 44 1244 39 HOH HOH A . 
D 3 HOH 45 1245 16 HOH HOH A . 
D 3 HOH 46 1246 50 HOH HOH A . 
D 3 HOH 47 1247 44 HOH HOH A . 
D 3 HOH 48 1248 41 HOH HOH A . 
D 3 HOH 49 1249 62 HOH HOH A . 
D 3 HOH 50 1250 9  HOH HOH A . 
D 3 HOH 51 1251 61 HOH HOH A . 
D 3 HOH 52 1252 29 HOH HOH A . 
D 3 HOH 53 1253 11 HOH HOH A . 
D 3 HOH 54 1254 66 HOH HOH A . 
D 3 HOH 55 1255 84 HOH HOH A . 
D 3 HOH 56 1256 49 HOH HOH A . 
D 3 HOH 57 1257 54 HOH HOH A . 
D 3 HOH 58 1258 37 HOH HOH A . 
D 3 HOH 59 1259 7  HOH HOH A . 
D 3 HOH 60 1260 67 HOH HOH A . 
D 3 HOH 61 1261 5  HOH HOH A . 
D 3 HOH 62 1262 64 HOH HOH A . 
D 3 HOH 63 1263 12 HOH HOH A . 
D 3 HOH 64 1264 63 HOH HOH A . 
D 3 HOH 65 1265 8  HOH HOH A . 
D 3 HOH 66 1266 59 HOH HOH A . 
D 3 HOH 67 1267 72 HOH HOH A . 
D 3 HOH 68 1268 96 HOH HOH A . 
D 3 HOH 69 1269 90 HOH HOH A . 
D 3 HOH 70 1270 4  HOH HOH A . 
D 3 HOH 71 1271 27 HOH HOH A . 
D 3 HOH 72 1272 10 HOH HOH A . 
D 3 HOH 73 1273 5  HOH HOH A . 
D 3 HOH 74 1274 9  HOH HOH A . 
D 3 HOH 75 1275 69 HOH HOH A . 
D 3 HOH 76 1276 91 HOH HOH A . 
D 3 HOH 77 1277 92 HOH HOH A . 
# 
loop_
_software.citation_id 
_software.classification 
_software.compiler_name 
_software.compiler_version 
_software.contact_author 
_software.contact_author_email 
_software.date 
_software.description 
_software.dependencies 
_software.hardware 
_software.language 
_software.location 
_software.mods 
_software.name 
_software.os 
_software.os_version 
_software.type 
_software.version 
_software.pdbx_ordinal 
? refinement       ? ? ? ? ? ? ? ? ? ? ? PHENIX ? ? ? 1.15.2_3472 1 
? refinement       ? ? ? ? ? ? ? ? ? ? ? PHENIX ? ? ? 1.15.2_3472 2 
? 'data reduction' ? ? ? ? ? ? ? ? ? ? ? XDS    ? ? ? .           3 
? 'data scaling'   ? ? ? ? ? ? ? ? ? ? ? XDS    ? ? ? .           4 
? phasing          ? ? ? ? ? ? ? ? ? ? ? MOLREP ? ? ? .           5 
# 
_cell.angle_alpha                  90.000 
_cell.angle_alpha_esd              ? 
_cell.angle_beta                   129.724 
_cell.angle_beta_esd               ? 
_cell.angle_gamma                  90.000 
_cell.angle_gamma_esd              ? 
_cell.entry_id                     6XUR 
_cell.details                      ? 
_cell.formula_units_Z              ? 
_cell.length_a                     41.420 
_cell.length_a_esd                 ? 
_cell.length_b                     35.030 
_cell.length_b_esd                 ? 
_cell.length_c                     32.030 
_cell.length_c_esd                 ? 
_cell.volume                       35744.396 
_cell.volume_esd                   ? 
_cell.Z_PDB                        4 
_cell.reciprocal_angle_alpha       ? 
_cell.reciprocal_angle_beta        ? 
_cell.reciprocal_angle_gamma       ? 
_cell.reciprocal_angle_alpha_esd   ? 
_cell.reciprocal_angle_beta_esd    ? 
_cell.reciprocal_angle_gamma_esd   ? 
_cell.reciprocal_length_a          ? 
_cell.reciprocal_length_b          ? 
_cell.reciprocal_length_c          ? 
_cell.reciprocal_length_a_esd      ? 
_cell.reciprocal_length_b_esd      ? 
_cell.reciprocal_length_c_esd      ? 
_cell.pdbx_unique_axis             ? 
# 
_symmetry.entry_id                         6XUR 
_symmetry.cell_setting                     ? 
_symmetry.Int_Tables_number                5 
_symmetry.space_group_name_Hall            'C 2y' 
_symmetry.space_group_name_H-M             'C 1 2 1' 
_symmetry.pdbx_full_space_group_name_H-M   ? 
# 
_exptl.absorpt_coefficient_mu     ? 
_exptl.absorpt_correction_T_max   ? 
_exptl.absorpt_correction_T_min   ? 
_exptl.absorpt_correction_type    ? 
_exptl.absorpt_process_details    ? 
_exptl.entry_id                   6XUR 
_exptl.crystals_number            1 
_exptl.details                    ? 
_exptl.method                     'X-RAY DIFFRACTION' 
_exptl.method_details             ? 
# 
_exptl_crystal.colour                      ? 
_exptl_crystal.density_diffrn              ? 
_exptl_crystal.density_Matthews            2.30 
_exptl_crystal.density_method              ? 
_exptl_crystal.density_percent_sol         46.58 
_exptl_crystal.description                 ? 
_exptl_crystal.F_000                       ? 
_exptl_crystal.id                          1 
_exptl_crystal.preparation                 ? 
_exptl_crystal.size_max                    ? 
_exptl_crystal.size_mid                    ? 
_exptl_crystal.size_min                    ? 
_exptl_crystal.size_rad                    ? 
_exptl_crystal.colour_lustre               ? 
_exptl_crystal.colour_modifier             ? 
_exptl_crystal.colour_primary              ? 
_exptl_crystal.density_meas                ? 
_exptl_crystal.density_meas_esd            ? 
_exptl_crystal.density_meas_gt             ? 
_exptl_crystal.density_meas_lt             ? 
_exptl_crystal.density_meas_temp           ? 
_exptl_crystal.density_meas_temp_esd       ? 
_exptl_crystal.density_meas_temp_gt        ? 
_exptl_crystal.density_meas_temp_lt        ? 
_exptl_crystal.pdbx_crystal_image_url      ? 
_exptl_crystal.pdbx_crystal_image_format   ? 
_exptl_crystal.pdbx_mosaicity              ? 
_exptl_crystal.pdbx_mosaicity_esd          ? 
# 
_exptl_crystal_grow.apparatus       ? 
_exptl_crystal_grow.atmosphere      ? 
_exptl_crystal_grow.crystal_id      1 
_exptl_crystal_grow.details         ? 
_exptl_crystal_grow.method          'VAPOR DIFFUSION, HANGING DROP' 
_exptl_crystal_grow.method_ref      ? 
_exptl_crystal_grow.pH              ? 
_exptl_crystal_grow.pressure        ? 
_exptl_crystal_grow.pressure_esd    ? 
_exptl_crystal_grow.seeding         ? 
_exptl_crystal_grow.seeding_ref     ? 
_exptl_crystal_grow.temp            293 
_exptl_crystal_grow.temp_details    ? 
_exptl_crystal_grow.temp_esd        ? 
_exptl_crystal_grow.time            ? 
_exptl_crystal_grow.pdbx_details    'MPD, sodium cacodylate,  spermine tetrahydrochloride, NaCl, MgCl2' 
_exptl_crystal_grow.pdbx_pH_range   ? 
# 
_diffrn.ambient_environment              ? 
_diffrn.ambient_temp                     100 
_diffrn.ambient_temp_details             ? 
_diffrn.ambient_temp_esd                 ? 
_diffrn.crystal_id                       1 
_diffrn.crystal_support                  ? 
_diffrn.crystal_treatment                ? 
_diffrn.details                          ? 
_diffrn.id                               1 
_diffrn.ambient_pressure                 ? 
_diffrn.ambient_pressure_esd             ? 
_diffrn.ambient_pressure_gt              ? 
_diffrn.ambient_pressure_lt              ? 
_diffrn.ambient_temp_gt                  ? 
_diffrn.ambient_temp_lt                  ? 
_diffrn.pdbx_serial_crystal_experiment   N 
# 
_diffrn_detector.details                      ? 
_diffrn_detector.detector                     PIXEL 
_diffrn_detector.diffrn_id                    1 
_diffrn_detector.type                         'DECTRIS PILATUS3 S 6M' 
_diffrn_detector.area_resol_mean              ? 
_diffrn_detector.dtime                        ? 
_diffrn_detector.pdbx_frames_total            ? 
_diffrn_detector.pdbx_collection_time_total   ? 
_diffrn_detector.pdbx_collection_date         2019-07-01 
_diffrn_detector.pdbx_frequency               ? 
# 
_diffrn_radiation.collimation                      ? 
_diffrn_radiation.diffrn_id                        1 
_diffrn_radiation.filter_edge                      ? 
_diffrn_radiation.inhomogeneity                    ? 
_diffrn_radiation.monochromator                    ? 
_diffrn_radiation.polarisn_norm                    ? 
_diffrn_radiation.polarisn_ratio                   ? 
_diffrn_radiation.probe                            ? 
_diffrn_radiation.type                             ? 
_diffrn_radiation.xray_symbol                      ? 
_diffrn_radiation.wavelength_id                    1 
_diffrn_radiation.pdbx_monochromatic_or_laue_m_l   M 
_diffrn_radiation.pdbx_wavelength_list             ? 
_diffrn_radiation.pdbx_wavelength                  ? 
_diffrn_radiation.pdbx_diffrn_protocol             'SINGLE WAVELENGTH' 
_diffrn_radiation.pdbx_analyzer                    ? 
_diffrn_radiation.pdbx_scattering_type             x-ray 
# 
_diffrn_radiation_wavelength.id           1 
_diffrn_radiation_wavelength.wavelength   1.00 
_diffrn_radiation_wavelength.wt           1.0 
# 
_diffrn_source.current                     ? 
_diffrn_source.details                     ? 
_diffrn_source.diffrn_id                   1 
_diffrn_source.power                       ? 
_diffrn_source.size                        ? 
_diffrn_source.source                      SYNCHROTRON 
_diffrn_source.target                      ? 
_diffrn_source.type                        'SLS BEAMLINE X10SA' 
_diffrn_source.voltage                     ? 
_diffrn_source.take-off_angle              ? 
_diffrn_source.pdbx_wavelength_list        1.00 
_diffrn_source.pdbx_wavelength             ? 
_diffrn_source.pdbx_synchrotron_beamline   X10SA 
_diffrn_source.pdbx_synchrotron_site       SLS 
# 
_reflns.B_iso_Wilson_estimate            14.43 
_reflns.entry_id                         6XUR 
_reflns.data_reduction_details           ? 
_reflns.data_reduction_method            ? 
_reflns.d_resolution_high                1.00 
_reflns.d_resolution_low                 50.0 
_reflns.details                          ? 
_reflns.limit_h_max                      ? 
_reflns.limit_h_min                      ? 
_reflns.limit_k_max                      ? 
_reflns.limit_k_min                      ? 
_reflns.limit_l_max                      ? 
_reflns.limit_l_min                      ? 
_reflns.number_all                       ? 
_reflns.number_obs                       113052 
_reflns.observed_criterion               ? 
_reflns.observed_criterion_F_max         ? 
_reflns.observed_criterion_F_min         ? 
_reflns.observed_criterion_I_max         ? 
_reflns.observed_criterion_I_min         ? 
_reflns.observed_criterion_sigma_F       ? 
_reflns.observed_criterion_sigma_I       ? 
_reflns.percent_possible_obs             97.1 
_reflns.R_free_details                   ? 
_reflns.Rmerge_F_all                     ? 
_reflns.Rmerge_F_obs                     ? 
_reflns.Friedel_coverage                 ? 
_reflns.number_gt                        ? 
_reflns.threshold_expression             ? 
_reflns.pdbx_redundancy                  6.0 
_reflns.pdbx_Rmerge_I_obs                ? 
_reflns.pdbx_Rmerge_I_all                ? 
_reflns.pdbx_Rsym_value                  ? 
_reflns.pdbx_netI_over_av_sigmaI         ? 
_reflns.pdbx_netI_over_sigmaI            9.66 
_reflns.pdbx_res_netI_over_av_sigmaI_2   ? 
_reflns.pdbx_res_netI_over_sigmaI_2      ? 
_reflns.pdbx_chi_squared                 ? 
_reflns.pdbx_scaling_rejects             ? 
_reflns.pdbx_d_res_high_opt              ? 
_reflns.pdbx_d_res_low_opt               ? 
_reflns.pdbx_d_res_opt_method            ? 
_reflns.phase_calculation_details        ? 
_reflns.pdbx_Rrim_I_all                  ? 
_reflns.pdbx_Rpim_I_all                  ? 
_reflns.pdbx_d_opt                       ? 
_reflns.pdbx_number_measured_all         ? 
_reflns.pdbx_diffrn_id                   1 
_reflns.pdbx_ordinal                     1 
_reflns.pdbx_CC_half                     0.999 
_reflns.pdbx_CC_star                     ? 
_reflns.pdbx_R_split                     ? 
# 
_reflns_shell.d_res_high                  1.00 
_reflns_shell.d_res_low                   1.03 
_reflns_shell.meanI_over_sigI_all         ? 
_reflns_shell.meanI_over_sigI_obs         ? 
_reflns_shell.number_measured_all         ? 
_reflns_shell.number_measured_obs         ? 
_reflns_shell.number_possible             ? 
_reflns_shell.number_unique_all           ? 
_reflns_shell.number_unique_obs           3237 
_reflns_shell.percent_possible_all        76.1 
_reflns_shell.percent_possible_obs        ? 
_reflns_shell.Rmerge_F_all                ? 
_reflns_shell.Rmerge_F_obs                ? 
_reflns_shell.Rmerge_I_all                ? 
_reflns_shell.Rmerge_I_obs                ? 
_reflns_shell.meanI_over_sigI_gt          ? 
_reflns_shell.meanI_over_uI_all           ? 
_reflns_shell.meanI_over_uI_gt            ? 
_reflns_shell.number_measured_gt          ? 
_reflns_shell.number_unique_gt            ? 
_reflns_shell.percent_possible_gt         ? 
_reflns_shell.Rmerge_F_gt                 ? 
_reflns_shell.Rmerge_I_gt                 ? 
_reflns_shell.pdbx_redundancy             ? 
_reflns_shell.pdbx_Rsym_value             ? 
_reflns_shell.pdbx_chi_squared            ? 
_reflns_shell.pdbx_netI_over_sigmaI_all   ? 
_reflns_shell.pdbx_netI_over_sigmaI_obs   ? 
_reflns_shell.pdbx_Rrim_I_all             ? 
_reflns_shell.pdbx_Rpim_I_all             ? 
_reflns_shell.pdbx_rejects                ? 
_reflns_shell.pdbx_ordinal                1 
_reflns_shell.pdbx_diffrn_id              1 
_reflns_shell.pdbx_CC_half                0.0056 
_reflns_shell.pdbx_CC_star                ? 
_reflns_shell.pdbx_R_split                ? 
# 
_refine.aniso_B[1][1]                            ? 
_refine.aniso_B[1][2]                            ? 
_refine.aniso_B[1][3]                            ? 
_refine.aniso_B[2][2]                            ? 
_refine.aniso_B[2][3]                            ? 
_refine.aniso_B[3][3]                            ? 
_refine.B_iso_max                                ? 
_refine.B_iso_mean                               19.47 
_refine.B_iso_min                                ? 
_refine.correlation_coeff_Fo_to_Fc               ? 
_refine.correlation_coeff_Fo_to_Fc_free          ? 
_refine.details                                  ? 
_refine.diff_density_max                         ? 
_refine.diff_density_max_esd                     ? 
_refine.diff_density_min                         ? 
_refine.diff_density_min_esd                     ? 
_refine.diff_density_rms                         ? 
_refine.diff_density_rms_esd                     ? 
_refine.entry_id                                 6XUR 
_refine.pdbx_refine_id                           'X-RAY DIFFRACTION' 
_refine.ls_abs_structure_details                 ? 
_refine.ls_abs_structure_Flack                   ? 
_refine.ls_abs_structure_Flack_esd               ? 
_refine.ls_abs_structure_Rogers                  ? 
_refine.ls_abs_structure_Rogers_esd              ? 
_refine.ls_d_res_high                            1.10 
_refine.ls_d_res_low                             24.64 
_refine.ls_extinction_coef                       ? 
_refine.ls_extinction_coef_esd                   ? 
_refine.ls_extinction_expression                 ? 
_refine.ls_extinction_method                     ? 
_refine.ls_goodness_of_fit_all                   ? 
_refine.ls_goodness_of_fit_all_esd               ? 
_refine.ls_goodness_of_fit_obs                   ? 
_refine.ls_goodness_of_fit_obs_esd               ? 
_refine.ls_hydrogen_treatment                    ? 
_refine.ls_matrix_type                           ? 
_refine.ls_number_constraints                    ? 
_refine.ls_number_parameters                     ? 
_refine.ls_number_reflns_all                     ? 
_refine.ls_number_reflns_obs                     14367 
_refine.ls_number_reflns_R_free                  717 
_refine.ls_number_reflns_R_work                  ? 
_refine.ls_number_restraints                     ? 
_refine.ls_percent_reflns_obs                    99.78 
_refine.ls_percent_reflns_R_free                 4.99 
_refine.ls_R_factor_all                          ? 
_refine.ls_R_factor_obs                          0.1551 
_refine.ls_R_factor_R_free                       0.1803 
_refine.ls_R_factor_R_free_error                 ? 
_refine.ls_R_factor_R_free_error_details         ? 
_refine.ls_R_factor_R_work                       0.1538 
_refine.ls_R_Fsqd_factor_obs                     ? 
_refine.ls_R_I_factor_obs                        ? 
_refine.ls_redundancy_reflns_all                 ? 
_refine.ls_redundancy_reflns_obs                 ? 
_refine.ls_restrained_S_all                      ? 
_refine.ls_restrained_S_obs                      ? 
_refine.ls_shift_over_esd_max                    ? 
_refine.ls_shift_over_esd_mean                   ? 
_refine.ls_structure_factor_coef                 ? 
_refine.ls_weighting_details                     ? 
_refine.ls_weighting_scheme                      ? 
_refine.ls_wR_factor_all                         ? 
_refine.ls_wR_factor_obs                         ? 
_refine.ls_wR_factor_R_free                      ? 
_refine.ls_wR_factor_R_work                      ? 
_refine.occupancy_max                            ? 
_refine.occupancy_min                            ? 
_refine.solvent_model_details                    ? 
_refine.solvent_model_param_bsol                 ? 
_refine.solvent_model_param_ksol                 ? 
_refine.pdbx_R_complete                          ? 
_refine.ls_R_factor_gt                           ? 
_refine.ls_goodness_of_fit_gt                    ? 
_refine.ls_goodness_of_fit_ref                   ? 
_refine.ls_shift_over_su_max                     ? 
_refine.ls_shift_over_su_max_lt                  ? 
_refine.ls_shift_over_su_mean                    ? 
_refine.ls_shift_over_su_mean_lt                 ? 
_refine.pdbx_ls_sigma_I                          ? 
_refine.pdbx_ls_sigma_F                          1.37 
_refine.pdbx_ls_sigma_Fsqd                       ? 
_refine.pdbx_data_cutoff_high_absF               ? 
_refine.pdbx_data_cutoff_high_rms_absF           ? 
_refine.pdbx_data_cutoff_low_absF                ? 
_refine.pdbx_isotropic_thermal_model             ? 
_refine.pdbx_ls_cross_valid_method               'FREE R-VALUE' 
_refine.pdbx_method_to_determine_struct          'MOLECULAR REPLACEMENT' 
_refine.pdbx_starting_model                      2Q1R 
_refine.pdbx_stereochemistry_target_values       ? 
_refine.pdbx_R_Free_selection_details            ? 
_refine.pdbx_stereochem_target_val_spec_case     ? 
_refine.pdbx_overall_ESU_R                       ? 
_refine.pdbx_overall_ESU_R_Free                  ? 
_refine.pdbx_solvent_vdw_probe_radii             0.6000 
_refine.pdbx_solvent_ion_probe_radii             ? 
_refine.pdbx_solvent_shrinkage_radii             0.3000 
_refine.pdbx_real_space_R                        ? 
_refine.pdbx_density_correlation                 ? 
_refine.pdbx_pd_number_of_powder_patterns        ? 
_refine.pdbx_pd_number_of_points                 ? 
_refine.pdbx_pd_meas_number_of_points            ? 
_refine.pdbx_pd_proc_ls_prof_R_factor            ? 
_refine.pdbx_pd_proc_ls_prof_wR_factor           ? 
_refine.pdbx_pd_Marquardt_correlation_coeff      ? 
_refine.pdbx_pd_Fsqrd_R_factor                   ? 
_refine.pdbx_pd_ls_matrix_band_width             ? 
_refine.pdbx_overall_phase_error                 24.6426 
_refine.pdbx_overall_SU_R_free_Cruickshank_DPI   ? 
_refine.pdbx_overall_SU_R_free_Blow_DPI          ? 
_refine.pdbx_overall_SU_R_Blow_DPI               ? 
_refine.pdbx_TLS_residual_ADP_flag               ? 
_refine.pdbx_diffrn_id                           1 
_refine.overall_SU_B                             ? 
_refine.overall_SU_ML                            0.1780 
_refine.overall_SU_R_Cruickshank_DPI             ? 
_refine.overall_SU_R_free                        ? 
_refine.overall_FOM_free_R_set                   ? 
_refine.overall_FOM_work_R_set                   ? 
_refine.pdbx_average_fsc_overall                 ? 
_refine.pdbx_average_fsc_work                    ? 
_refine.pdbx_average_fsc_free                    ? 
# 
_refine_hist.pdbx_refine_id                   'X-RAY DIFFRACTION' 
_refine_hist.cycle_id                         LAST 
_refine_hist.details                          ? 
_refine_hist.d_res_high                       1.10 
_refine_hist.d_res_low                        24.64 
_refine_hist.number_atoms_solvent             77 
_refine_hist.number_atoms_total               336 
_refine_hist.number_reflns_all                ? 
_refine_hist.number_reflns_obs                ? 
_refine_hist.number_reflns_R_free             ? 
_refine_hist.number_reflns_R_work             ? 
_refine_hist.R_factor_all                     ? 
_refine_hist.R_factor_obs                     ? 
_refine_hist.R_factor_R_free                  ? 
_refine_hist.R_factor_R_work                  ? 
_refine_hist.pdbx_number_residues_total       ? 
_refine_hist.pdbx_B_iso_mean_ligand           ? 
_refine_hist.pdbx_B_iso_mean_solvent          ? 
_refine_hist.pdbx_number_atoms_protein        0 
_refine_hist.pdbx_number_atoms_nucleic_acid   257 
_refine_hist.pdbx_number_atoms_ligand         2 
_refine_hist.pdbx_number_atoms_lipid          ? 
_refine_hist.pdbx_number_atoms_carb           ? 
_refine_hist.pdbx_pseudo_atom_details         ? 
# 
loop_
_refine_ls_restr.pdbx_refine_id 
_refine_ls_restr.criterion 
_refine_ls_restr.dev_ideal 
_refine_ls_restr.dev_ideal_target 
_refine_ls_restr.number 
_refine_ls_restr.rejects 
_refine_ls_restr.type 
_refine_ls_restr.weight 
_refine_ls_restr.pdbx_restraint_function 
'X-RAY DIFFRACTION' ? 0.0122 ? 287 ? f_bond_d           ? ? 
'X-RAY DIFFRACTION' ? 1.9781 ? 446 ? f_angle_d          ? ? 
'X-RAY DIFFRACTION' ? 0.0469 ? 58  ? f_chiral_restr     ? ? 
'X-RAY DIFFRACTION' ? 0.0452 ? 13  ? f_plane_restr      ? ? 
'X-RAY DIFFRACTION' ? 6.5717 ? 131 ? f_dihedral_angle_d ? ? 
# 
loop_
_refine_ls_shell.pdbx_refine_id 
_refine_ls_shell.d_res_high 
_refine_ls_shell.d_res_low 
_refine_ls_shell.number_reflns_all 
_refine_ls_shell.number_reflns_obs 
_refine_ls_shell.number_reflns_R_free 
_refine_ls_shell.number_reflns_R_work 
_refine_ls_shell.percent_reflns_obs 
_refine_ls_shell.percent_reflns_R_free 
_refine_ls_shell.R_factor_all 
_refine_ls_shell.R_factor_obs 
_refine_ls_shell.R_factor_R_free 
_refine_ls_shell.R_factor_R_free_error 
_refine_ls_shell.R_factor_R_work 
_refine_ls_shell.redundancy_reflns_all 
_refine_ls_shell.redundancy_reflns_obs 
_refine_ls_shell.wR_factor_all 
_refine_ls_shell.wR_factor_obs 
_refine_ls_shell.wR_factor_R_free 
_refine_ls_shell.wR_factor_R_work 
_refine_ls_shell.pdbx_R_complete 
_refine_ls_shell.pdbx_total_number_of_bins_used 
_refine_ls_shell.pdbx_phase_error 
_refine_ls_shell.pdbx_fsc_work 
_refine_ls_shell.pdbx_fsc_free 
'X-RAY DIFFRACTION' 1.10 1.18  . . 143 2707 99.44 . . . 0.3087 . 0.3150 . . . . . . . . . . . 
'X-RAY DIFFRACTION' 1.18 1.30  . . 143 2703 99.86 . . . 0.2277 . 0.1905 . . . . . . . . . . . 
'X-RAY DIFFRACTION' 1.30 1.49  . . 143 2724 99.97 . . . 0.2211 . 0.1583 . . . . . . . . . . . 
'X-RAY DIFFRACTION' 1.49 1.88  . . 143 2743 99.86 . . . 0.1731 . 0.1460 . . . . . . . . . . . 
'X-RAY DIFFRACTION' 1.88 24.64 . . 145 2773 99.79 . . . 0.1638 . 0.1431 . . . . . . . . . . . 
# 
_struct.entry_id                     6XUR 
_struct.title                        'RNA dodecamer with a 6-hydrazino-2-aminopurine modified base' 
_struct.pdbx_model_details           ? 
_struct.pdbx_formula_weight          ? 
_struct.pdbx_formula_weight_method   ? 
_struct.pdbx_model_type_details      ? 
_struct.pdbx_CASP_flag               N 
# 
_struct_keywords.entry_id        6XUR 
_struct_keywords.text            '6-hydrazino-2-aminopurine modified base, RNA' 
_struct_keywords.pdbx_keywords   RNA 
# 
loop_
_struct_asym.id 
_struct_asym.pdbx_blank_PDB_chainid_flag 
_struct_asym.pdbx_modified 
_struct_asym.entity_id 
_struct_asym.details 
A N N 1 ? 
B N N 2 ? 
C N N 2 ? 
D N N 3 ? 
# 
_struct_ref.id                         1 
_struct_ref.db_name                    PDB 
_struct_ref.db_code                    6XUR 
_struct_ref.pdbx_db_accession          6XUR 
_struct_ref.pdbx_db_isoform            ? 
_struct_ref.entity_id                  1 
_struct_ref.pdbx_seq_one_letter_code   ? 
_struct_ref.pdbx_align_begin           1 
# 
_struct_ref_seq.align_id                      1 
_struct_ref_seq.ref_id                        1 
_struct_ref_seq.pdbx_PDB_id_code              6XUR 
_struct_ref_seq.pdbx_strand_id                A 
_struct_ref_seq.seq_align_beg                 1 
_struct_ref_seq.pdbx_seq_align_beg_ins_code   ? 
_struct_ref_seq.seq_align_end                 12 
_struct_ref_seq.pdbx_seq_align_end_ins_code   ? 
_struct_ref_seq.pdbx_db_accession             6XUR 
_struct_ref_seq.db_align_beg                  1001 
_struct_ref_seq.pdbx_db_align_beg_ins_code    ? 
_struct_ref_seq.db_align_end                  1012 
_struct_ref_seq.pdbx_db_align_end_ins_code    ? 
_struct_ref_seq.pdbx_auth_seq_align_beg       1001 
_struct_ref_seq.pdbx_auth_seq_align_end       1012 
# 
_pdbx_struct_assembly.id                   1 
_pdbx_struct_assembly.details              author_and_software_defined_assembly 
_pdbx_struct_assembly.method_details       PISA 
_pdbx_struct_assembly.oligomeric_details   dimeric 
_pdbx_struct_assembly.oligomeric_count     2 
# 
loop_
_pdbx_struct_assembly_prop.biol_id 
_pdbx_struct_assembly_prop.type 
_pdbx_struct_assembly_prop.value 
_pdbx_struct_assembly_prop.details 
1 'ABSA (A^2)' 1530 ? 
1 MORE         -23  ? 
1 'SSA (A^2)'  4520 ? 
# 
_pdbx_struct_assembly_gen.assembly_id       1 
_pdbx_struct_assembly_gen.oper_expression   1,2 
_pdbx_struct_assembly_gen.asym_id_list      A,B,C,D 
# 
_pdbx_struct_assembly_auth_evidence.id                     1 
_pdbx_struct_assembly_auth_evidence.assembly_id            1 
_pdbx_struct_assembly_auth_evidence.experimental_support   none 
_pdbx_struct_assembly_auth_evidence.details                'UV melting supports the formation of a dimer' 
# 
loop_
_pdbx_struct_oper_list.id 
_pdbx_struct_oper_list.type 
_pdbx_struct_oper_list.name 
_pdbx_struct_oper_list.symmetry_operation 
_pdbx_struct_oper_list.matrix[1][1] 
_pdbx_struct_oper_list.matrix[1][2] 
_pdbx_struct_oper_list.matrix[1][3] 
_pdbx_struct_oper_list.vector[1] 
_pdbx_struct_oper_list.matrix[2][1] 
_pdbx_struct_oper_list.matrix[2][2] 
_pdbx_struct_oper_list.matrix[2][3] 
_pdbx_struct_oper_list.vector[2] 
_pdbx_struct_oper_list.matrix[3][1] 
_pdbx_struct_oper_list.matrix[3][2] 
_pdbx_struct_oper_list.matrix[3][3] 
_pdbx_struct_oper_list.vector[3] 
1 'identity operation'         1_555 x,y,z     1.0000000000 0.0000000000 0.0000000000  0.0000000000  0.0000000000 1.0000000000  0.0000000000  0.0000000000 0.0000000000  0.0000000000  1.0000000000  0.0000000000  
2 'crystal symmetry operation' 2_556 -x,y,-z+1 0.7631281302 0.1749906597 -0.6221042725 -0.4710725079 0.1749906597 -0.9826321579 -0.0617439171 4.6971394306 -0.6221042725 -0.0617439171 -0.7804959723 -0.0138331509 
# 
loop_
_struct_conn.id 
_struct_conn.conn_type_id 
_struct_conn.pdbx_leaving_atom_flag 
_struct_conn.pdbx_PDB_id 
_struct_conn.ptnr1_label_asym_id 
_struct_conn.ptnr1_label_comp_id 
_struct_conn.ptnr1_label_seq_id 
_struct_conn.ptnr1_label_atom_id 
_struct_conn.pdbx_ptnr1_label_alt_id 
_struct_conn.pdbx_ptnr1_PDB_ins_code 
_struct_conn.pdbx_ptnr1_standard_comp_id 
_struct_conn.ptnr1_symmetry 
_struct_conn.ptnr2_label_asym_id 
_struct_conn.ptnr2_label_comp_id 
_struct_conn.ptnr2_label_seq_id 
_struct_conn.ptnr2_label_atom_id 
_struct_conn.pdbx_ptnr2_label_alt_id 
_struct_conn.pdbx_ptnr2_PDB_ins_code 
_struct_conn.ptnr1_auth_asym_id 
_struct_conn.ptnr1_auth_comp_id 
_struct_conn.ptnr1_auth_seq_id 
_struct_conn.ptnr2_auth_asym_id 
_struct_conn.ptnr2_auth_comp_id 
_struct_conn.ptnr2_auth_seq_id 
_struct_conn.ptnr2_symmetry 
_struct_conn.pdbx_ptnr3_label_atom_id 
_struct_conn.pdbx_ptnr3_label_seq_id 
_struct_conn.pdbx_ptnr3_label_comp_id 
_struct_conn.pdbx_ptnr3_label_asym_id 
_struct_conn.pdbx_ptnr3_label_alt_id 
_struct_conn.pdbx_ptnr3_PDB_ins_code 
_struct_conn.details 
_struct_conn.pdbx_dist_value 
_struct_conn.pdbx_value_order 
_struct_conn.pdbx_role 
covale1  covale both ? A G   4  "O3'" ? ? ? 1_555 A O2Z 5  P  ? ? A G   1004 A O2Z 1005 1_555 ? ? ? ? ? ? ?            1.624 ? ? 
covale2  covale one  ? A O2Z 5  "O3'" ? ? ? 1_555 A A   6  P  ? ? A O2Z 1005 A A   1006 1_555 ? ? ? ? ? ? ?            1.610 ? ? 
metalc1  metalc ?    ? B MG  .  MG    ? ? ? 1_555 D HOH .  O  ? ? A MG  1101 A HOH 1206 1_555 ? ? ? ? ? ? ?            2.084 ? ? 
metalc2  metalc ?    ? B MG  .  MG    ? ? ? 1_555 D HOH .  O  ? ? A MG  1101 A HOH 1216 1_555 ? ? ? ? ? ? ?            2.134 ? ? 
metalc3  metalc ?    ? B MG  .  MG    ? ? ? 1_555 D HOH .  O  ? ? A MG  1101 A HOH 1224 1_555 ? ? ? ? ? ? ?            2.134 ? ? 
metalc4  metalc ?    ? B MG  .  MG    ? ? ? 1_555 D HOH .  O  ? ? A MG  1101 A HOH 1270 1_555 ? ? ? ? ? ? ?            2.148 ? ? 
metalc5  metalc ?    ? B MG  .  MG    ? ? ? 1_555 D HOH .  O  ? ? A MG  1101 A HOH 1273 1_555 ? ? ? ? ? ? ?            1.898 ? ? 
metalc6  metalc ?    ? C MG  .  MG    ? ? ? 1_555 D HOH .  O  ? ? A MG  1102 A HOH 1202 1_555 ? ? ? ? ? ? ?            2.248 ? ? 
metalc7  metalc ?    ? C MG  .  MG    ? ? ? 1_555 D HOH .  O  ? ? A MG  1102 A HOH 1259 1_555 ? ? ? ? ? ? ?            2.215 ? ? 
metalc8  metalc ?    ? C MG  .  MG    ? ? ? 1_555 D HOH .  O  ? ? A MG  1102 A HOH 1263 1_555 ? ? ? ? ? ? ?            2.211 ? ? 
metalc9  metalc ?    ? C MG  .  MG    ? ? ? 1_555 D HOH .  O  ? ? A MG  1102 A HOH 1265 1_555 ? ? ? ? ? ? ?            2.144 ? ? 
metalc10 metalc ?    ? C MG  .  MG    ? ? ? 1_555 D HOH .  O  ? ? A MG  1102 A HOH 1272 1_555 ? ? ? ? ? ? ?            2.149 ? ? 
metalc11 metalc ?    ? C MG  .  MG    ? ? ? 1_555 D HOH .  O  ? ? A MG  1102 A HOH 1274 1_555 ? ? ? ? ? ? ?            2.199 ? ? 
hydrog1  hydrog ?    ? A C   1  N3    ? ? ? 1_555 A G   12 N1 ? ? A C   1001 A G   1012 2_556 ? ? ? ? ? ? WATSON-CRICK ?     ? ? 
hydrog2  hydrog ?    ? A C   1  N4    ? ? ? 1_555 A G   12 O6 ? ? A C   1001 A G   1012 2_556 ? ? ? ? ? ? WATSON-CRICK ?     ? ? 
hydrog3  hydrog ?    ? A C   1  O2    ? ? ? 1_555 A G   12 N2 ? ? A C   1001 A G   1012 2_556 ? ? ? ? ? ? WATSON-CRICK ?     ? ? 
hydrog4  hydrog ?    ? A G   2  N1    ? ? ? 1_555 A C   11 N3 ? ? A G   1002 A C   1011 2_556 ? ? ? ? ? ? WATSON-CRICK ?     ? ? 
hydrog5  hydrog ?    ? A G   2  N2    ? ? ? 1_555 A C   11 O2 ? ? A G   1002 A C   1011 2_556 ? ? ? ? ? ? WATSON-CRICK ?     ? ? 
hydrog6  hydrog ?    ? A G   2  O6    ? ? ? 1_555 A C   11 N4 ? ? A G   1002 A C   1011 2_556 ? ? ? ? ? ? WATSON-CRICK ?     ? ? 
hydrog7  hydrog ?    ? A C   3  N3    ? ? ? 1_555 A G   10 N1 ? ? A C   1003 A G   1010 2_556 ? ? ? ? ? ? WATSON-CRICK ?     ? ? 
hydrog8  hydrog ?    ? A C   3  N4    ? ? ? 1_555 A G   10 O6 ? ? A C   1003 A G   1010 2_556 ? ? ? ? ? ? WATSON-CRICK ?     ? ? 
hydrog9  hydrog ?    ? A C   3  O2    ? ? ? 1_555 A G   10 N2 ? ? A C   1003 A G   1010 2_556 ? ? ? ? ? ? WATSON-CRICK ?     ? ? 
hydrog10 hydrog ?    ? A G   4  N1    ? ? ? 1_555 A A   9  N1 ? ? A G   1004 A A   1009 2_556 ? ? ? ? ? ? TYPE_8_PAIR  ?     ? ? 
hydrog11 hydrog ?    ? A G   4  O6    ? ? ? 1_555 A A   9  N6 ? ? A G   1004 A A   1009 2_556 ? ? ? ? ? ? TYPE_8_PAIR  ?     ? ? 
hydrog12 hydrog ?    ? A O2Z 5  N1    ? ? ? 1_555 A U   8  N3 ? ? A O2Z 1005 A U   1008 2_556 ? ? ? ? ? ? WATSON-CRICK ?     ? ? 
hydrog13 hydrog ?    ? A O2Z 5  N6    ? ? ? 1_555 A U   8  O4 ? ? A O2Z 1005 A U   1008 2_556 ? ? ? ? ? ? WATSON-CRICK ?     ? ? 
hydrog14 hydrog ?    ? A A   6  N1    ? ? ? 1_555 A U   7  N3 ? ? A A   1006 A U   1007 2_556 ? ? ? ? ? ? WATSON-CRICK ?     ? ? 
hydrog15 hydrog ?    ? A A   6  N6    ? ? ? 1_555 A U   7  O4 ? ? A A   1006 A U   1007 2_556 ? ? ? ? ? ? WATSON-CRICK ?     ? ? 
hydrog16 hydrog ?    ? A U   7  N3    ? ? ? 1_555 A A   6  N1 ? ? A U   1007 A A   1006 2_556 ? ? ? ? ? ? WATSON-CRICK ?     ? ? 
hydrog17 hydrog ?    ? A U   7  O4    ? ? ? 1_555 A A   6  N6 ? ? A U   1007 A A   1006 2_556 ? ? ? ? ? ? WATSON-CRICK ?     ? ? 
hydrog18 hydrog ?    ? A U   8  N3    ? ? ? 1_555 A O2Z 5  N1 ? ? A U   1008 A O2Z 1005 2_556 ? ? ? ? ? ? WATSON-CRICK ?     ? ? 
hydrog19 hydrog ?    ? A U   8  O4    ? ? ? 1_555 A O2Z 5  N6 ? ? A U   1008 A O2Z 1005 2_556 ? ? ? ? ? ? WATSON-CRICK ?     ? ? 
hydrog20 hydrog ?    ? A A   9  N1    ? ? ? 1_555 A G   4  N1 ? ? A A   1009 A G   1004 2_556 ? ? ? ? ? ? TYPE_8_PAIR  ?     ? ? 
hydrog21 hydrog ?    ? A A   9  N6    ? ? ? 1_555 A G   4  O6 ? ? A A   1009 A G   1004 2_556 ? ? ? ? ? ? TYPE_8_PAIR  ?     ? ? 
hydrog22 hydrog ?    ? A G   10 N1    ? ? ? 1_555 A C   3  N3 ? ? A G   1010 A C   1003 2_556 ? ? ? ? ? ? WATSON-CRICK ?     ? ? 
hydrog23 hydrog ?    ? A G   10 N2    ? ? ? 1_555 A C   3  O2 ? ? A G   1010 A C   1003 2_556 ? ? ? ? ? ? WATSON-CRICK ?     ? ? 
hydrog24 hydrog ?    ? A G   10 O6    ? ? ? 1_555 A C   3  N4 ? ? A G   1010 A C   1003 2_556 ? ? ? ? ? ? WATSON-CRICK ?     ? ? 
hydrog25 hydrog ?    ? A C   11 N3    ? ? ? 1_555 A G   2  N1 ? ? A C   1011 A G   1002 2_556 ? ? ? ? ? ? WATSON-CRICK ?     ? ? 
hydrog26 hydrog ?    ? A C   11 N4    ? ? ? 1_555 A G   2  O6 ? ? A C   1011 A G   1002 2_556 ? ? ? ? ? ? WATSON-CRICK ?     ? ? 
hydrog27 hydrog ?    ? A C   11 O2    ? ? ? 1_555 A G   2  N2 ? ? A C   1011 A G   1002 2_556 ? ? ? ? ? ? WATSON-CRICK ?     ? ? 
hydrog28 hydrog ?    ? A G   12 N1    ? ? ? 1_555 A C   1  N3 ? ? A G   1012 A C   1001 2_556 ? ? ? ? ? ? WATSON-CRICK ?     ? ? 
hydrog29 hydrog ?    ? A G   12 N2    ? ? ? 1_555 A C   1  O2 ? ? A G   1012 A C   1001 2_556 ? ? ? ? ? ? WATSON-CRICK ?     ? ? 
hydrog30 hydrog ?    ? A G   12 O6    ? ? ? 1_555 A C   1  N4 ? ? A G   1012 A C   1001 2_556 ? ? ? ? ? ? WATSON-CRICK ?     ? ? 
# 
loop_
_struct_conn_type.id 
_struct_conn_type.criteria 
_struct_conn_type.reference 
covale ? ? 
metalc ? ? 
hydrog ? ? 
# 
loop_
_pdbx_struct_conn_angle.id 
_pdbx_struct_conn_angle.ptnr1_label_atom_id 
_pdbx_struct_conn_angle.ptnr1_label_alt_id 
_pdbx_struct_conn_angle.ptnr1_label_asym_id 
_pdbx_struct_conn_angle.ptnr1_label_comp_id 
_pdbx_struct_conn_angle.ptnr1_label_seq_id 
_pdbx_struct_conn_angle.ptnr1_auth_atom_id 
_pdbx_struct_conn_angle.ptnr1_auth_asym_id 
_pdbx_struct_conn_angle.ptnr1_auth_comp_id 
_pdbx_struct_conn_angle.ptnr1_auth_seq_id 
_pdbx_struct_conn_angle.ptnr1_PDB_ins_code 
_pdbx_struct_conn_angle.ptnr1_symmetry 
_pdbx_struct_conn_angle.ptnr2_label_atom_id 
_pdbx_struct_conn_angle.ptnr2_label_alt_id 
_pdbx_struct_conn_angle.ptnr2_label_asym_id 
_pdbx_struct_conn_angle.ptnr2_label_comp_id 
_pdbx_struct_conn_angle.ptnr2_label_seq_id 
_pdbx_struct_conn_angle.ptnr2_auth_atom_id 
_pdbx_struct_conn_angle.ptnr2_auth_asym_id 
_pdbx_struct_conn_angle.ptnr2_auth_comp_id 
_pdbx_struct_conn_angle.ptnr2_auth_seq_id 
_pdbx_struct_conn_angle.ptnr2_PDB_ins_code 
_pdbx_struct_conn_angle.ptnr2_symmetry 
_pdbx_struct_conn_angle.ptnr3_label_atom_id 
_pdbx_struct_conn_angle.ptnr3_label_alt_id 
_pdbx_struct_conn_angle.ptnr3_label_asym_id 
_pdbx_struct_conn_angle.ptnr3_label_comp_id 
_pdbx_struct_conn_angle.ptnr3_label_seq_id 
_pdbx_struct_conn_angle.ptnr3_auth_atom_id 
_pdbx_struct_conn_angle.ptnr3_auth_asym_id 
_pdbx_struct_conn_angle.ptnr3_auth_comp_id 
_pdbx_struct_conn_angle.ptnr3_auth_seq_id 
_pdbx_struct_conn_angle.ptnr3_PDB_ins_code 
_pdbx_struct_conn_angle.ptnr3_symmetry 
_pdbx_struct_conn_angle.value 
_pdbx_struct_conn_angle.value_esd 
1  O ? D HOH . ? A HOH 1206 ? 1_555 MG ? B MG . ? A MG 1101 ? 1_555 O ? D HOH . ? A HOH 1216 ? 1_555 72.5  ? 
2  O ? D HOH . ? A HOH 1206 ? 1_555 MG ? B MG . ? A MG 1101 ? 1_555 O ? D HOH . ? A HOH 1224 ? 1_555 90.9  ? 
3  O ? D HOH . ? A HOH 1216 ? 1_555 MG ? B MG . ? A MG 1101 ? 1_555 O ? D HOH . ? A HOH 1224 ? 1_555 93.9  ? 
4  O ? D HOH . ? A HOH 1206 ? 1_555 MG ? B MG . ? A MG 1101 ? 1_555 O ? D HOH . ? A HOH 1270 ? 1_555 109.0 ? 
5  O ? D HOH . ? A HOH 1216 ? 1_555 MG ? B MG . ? A MG 1101 ? 1_555 O ? D HOH . ? A HOH 1270 ? 1_555 172.7 ? 
6  O ? D HOH . ? A HOH 1224 ? 1_555 MG ? B MG . ? A MG 1101 ? 1_555 O ? D HOH . ? A HOH 1270 ? 1_555 93.2  ? 
7  O ? D HOH . ? A HOH 1206 ? 1_555 MG ? B MG . ? A MG 1101 ? 1_555 O ? D HOH . ? A HOH 1273 ? 1_555 87.0  ? 
8  O ? D HOH . ? A HOH 1216 ? 1_555 MG ? B MG . ? A MG 1101 ? 1_555 O ? D HOH . ? A HOH 1273 ? 1_555 84.6  ? 
9  O ? D HOH . ? A HOH 1224 ? 1_555 MG ? B MG . ? A MG 1101 ? 1_555 O ? D HOH . ? A HOH 1273 ? 1_555 177.7 ? 
10 O ? D HOH . ? A HOH 1270 ? 1_555 MG ? B MG . ? A MG 1101 ? 1_555 O ? D HOH . ? A HOH 1273 ? 1_555 88.3  ? 
11 O ? D HOH . ? A HOH 1202 ? 1_555 MG ? C MG . ? A MG 1102 ? 1_555 O ? D HOH . ? A HOH 1259 ? 1_555 98.9  ? 
12 O ? D HOH . ? A HOH 1202 ? 1_555 MG ? C MG . ? A MG 1102 ? 1_555 O ? D HOH . ? A HOH 1263 ? 1_555 78.7  ? 
13 O ? D HOH . ? A HOH 1259 ? 1_555 MG ? C MG . ? A MG 1102 ? 1_555 O ? D HOH . ? A HOH 1263 ? 1_555 159.9 ? 
14 O ? D HOH . ? A HOH 1202 ? 1_555 MG ? C MG . ? A MG 1102 ? 1_555 O ? D HOH . ? A HOH 1265 ? 1_555 76.9  ? 
15 O ? D HOH . ? A HOH 1259 ? 1_555 MG ? C MG . ? A MG 1102 ? 1_555 O ? D HOH . ? A HOH 1265 ? 1_555 70.7  ? 
16 O ? D HOH . ? A HOH 1263 ? 1_555 MG ? C MG . ? A MG 1102 ? 1_555 O ? D HOH . ? A HOH 1265 ? 1_555 89.4  ? 
17 O ? D HOH . ? A HOH 1202 ? 1_555 MG ? C MG . ? A MG 1102 ? 1_555 O ? D HOH . ? A HOH 1272 ? 1_555 94.4  ? 
18 O ? D HOH . ? A HOH 1259 ? 1_555 MG ? C MG . ? A MG 1102 ? 1_555 O ? D HOH . ? A HOH 1272 ? 1_555 109.8 ? 
19 O ? D HOH . ? A HOH 1263 ? 1_555 MG ? C MG . ? A MG 1102 ? 1_555 O ? D HOH . ? A HOH 1272 ? 1_555 90.3  ? 
20 O ? D HOH . ? A HOH 1265 ? 1_555 MG ? C MG . ? A MG 1102 ? 1_555 O ? D HOH . ? A HOH 1272 ? 1_555 171.2 ? 
21 O ? D HOH . ? A HOH 1202 ? 1_555 MG ? C MG . ? A MG 1102 ? 1_555 O ? D HOH . ? A HOH 1274 ? 1_555 173.3 ? 
22 O ? D HOH . ? A HOH 1259 ? 1_555 MG ? C MG . ? A MG 1102 ? 1_555 O ? D HOH . ? A HOH 1274 ? 1_555 87.8  ? 
23 O ? D HOH . ? A HOH 1263 ? 1_555 MG ? C MG . ? A MG 1102 ? 1_555 O ? D HOH . ? A HOH 1274 ? 1_555 94.9  ? 
24 O ? D HOH . ? A HOH 1265 ? 1_555 MG ? C MG . ? A MG 1102 ? 1_555 O ? D HOH . ? A HOH 1274 ? 1_555 105.3 ? 
25 O ? D HOH . ? A HOH 1272 ? 1_555 MG ? C MG . ? A MG 1102 ? 1_555 O ? D HOH . ? A HOH 1274 ? 1_555 83.5  ? 
# 
loop_
_struct_site.id 
_struct_site.pdbx_evidence_code 
_struct_site.pdbx_auth_asym_id 
_struct_site.pdbx_auth_comp_id 
_struct_site.pdbx_auth_seq_id 
_struct_site.pdbx_auth_ins_code 
_struct_site.pdbx_num_residues 
_struct_site.details 
AC1 Software A MG 1101 ? 5 'binding site for residue MG A 1101' 
AC2 Software A MG 1102 ? 6 'binding site for residue MG A 1102' 
# 
loop_
_struct_site_gen.id 
_struct_site_gen.site_id 
_struct_site_gen.pdbx_num_res 
_struct_site_gen.label_comp_id 
_struct_site_gen.label_asym_id 
_struct_site_gen.label_seq_id 
_struct_site_gen.pdbx_auth_ins_code 
_struct_site_gen.auth_comp_id 
_struct_site_gen.auth_asym_id 
_struct_site_gen.auth_seq_id 
_struct_site_gen.label_atom_id 
_struct_site_gen.label_alt_id 
_struct_site_gen.symmetry 
_struct_site_gen.details 
1  AC1 5 HOH D . ? HOH A 1206 . ? 1_555 ? 
2  AC1 5 HOH D . ? HOH A 1216 . ? 1_555 ? 
3  AC1 5 HOH D . ? HOH A 1224 . ? 1_555 ? 
4  AC1 5 HOH D . ? HOH A 1270 . ? 1_555 ? 
5  AC1 5 HOH D . ? HOH A 1273 . ? 1_555 ? 
6  AC2 6 HOH D . ? HOH A 1202 . ? 1_555 ? 
7  AC2 6 HOH D . ? HOH A 1259 . ? 1_555 ? 
8  AC2 6 HOH D . ? HOH A 1263 . ? 1_555 ? 
9  AC2 6 HOH D . ? HOH A 1265 . ? 1_555 ? 
10 AC2 6 HOH D . ? HOH A 1272 . ? 1_555 ? 
11 AC2 6 HOH D . ? HOH A 1274 . ? 1_555 ? 
# 
_pdbx_validate_planes.id              1 
_pdbx_validate_planes.PDB_model_num   1 
_pdbx_validate_planes.auth_comp_id    G 
_pdbx_validate_planes.auth_asym_id    A 
_pdbx_validate_planes.auth_seq_id     1002 
_pdbx_validate_planes.PDB_ins_code    ? 
_pdbx_validate_planes.label_alt_id    ? 
_pdbx_validate_planes.rmsd            0.055 
_pdbx_validate_planes.type            'SIDE CHAIN' 
# 
_pdbx_struct_special_symmetry.id              1 
_pdbx_struct_special_symmetry.PDB_model_num   1 
_pdbx_struct_special_symmetry.auth_asym_id    A 
_pdbx_struct_special_symmetry.auth_comp_id    HOH 
_pdbx_struct_special_symmetry.auth_seq_id     1235 
_pdbx_struct_special_symmetry.PDB_ins_code    ? 
_pdbx_struct_special_symmetry.label_asym_id   D 
_pdbx_struct_special_symmetry.label_comp_id   HOH 
_pdbx_struct_special_symmetry.label_seq_id    . 
# 
loop_
_space_group_symop.id 
_space_group_symop.operation_xyz 
1 x,y,z           
2 -x,y,-z         
3 x+1/2,y+1/2,z   
4 -x+1/2,y+1/2,-z 
# 
_pdbx_entry_details.entry_id                 6XUR 
_pdbx_entry_details.has_ligand_of_interest   Y 
_pdbx_entry_details.compound_details         ? 
_pdbx_entry_details.source_details           ? 
_pdbx_entry_details.nonpolymer_details       ? 
_pdbx_entry_details.sequence_details         ? 
# 
loop_
_pdbx_distant_solvent_atoms.id 
_pdbx_distant_solvent_atoms.PDB_model_num 
_pdbx_distant_solvent_atoms.auth_atom_id 
_pdbx_distant_solvent_atoms.label_alt_id 
_pdbx_distant_solvent_atoms.auth_asym_id 
_pdbx_distant_solvent_atoms.auth_comp_id 
_pdbx_distant_solvent_atoms.auth_seq_id 
_pdbx_distant_solvent_atoms.PDB_ins_code 
_pdbx_distant_solvent_atoms.neighbor_macromolecule_distance 
_pdbx_distant_solvent_atoms.neighbor_ligand_distance 
1 1 O ? A HOH 1275 ? 5.82 . 
2 1 O ? A HOH 1276 ? 6.47 . 
3 1 O ? A HOH 1277 ? 8.85 . 
# 
loop_
_chem_comp_atom.comp_id 
_chem_comp_atom.atom_id 
_chem_comp_atom.type_symbol 
_chem_comp_atom.pdbx_aromatic_flag 
_chem_comp_atom.pdbx_stereo_config 
_chem_comp_atom.pdbx_ordinal 
A   OP3    O  N N 1   
A   P      P  N N 2   
A   OP1    O  N N 3   
A   OP2    O  N N 4   
A   "O5'"  O  N N 5   
A   "C5'"  C  N N 6   
A   "C4'"  C  N R 7   
A   "O4'"  O  N N 8   
A   "C3'"  C  N S 9   
A   "O3'"  O  N N 10  
A   "C2'"  C  N R 11  
A   "O2'"  O  N N 12  
A   "C1'"  C  N R 13  
A   N9     N  Y N 14  
A   C8     C  Y N 15  
A   N7     N  Y N 16  
A   C5     C  Y N 17  
A   C6     C  Y N 18  
A   N6     N  N N 19  
A   N1     N  Y N 20  
A   C2     C  Y N 21  
A   N3     N  Y N 22  
A   C4     C  Y N 23  
A   HOP3   H  N N 24  
A   HOP2   H  N N 25  
A   "H5'"  H  N N 26  
A   "H5''" H  N N 27  
A   "H4'"  H  N N 28  
A   "H3'"  H  N N 29  
A   "HO3'" H  N N 30  
A   "H2'"  H  N N 31  
A   "HO2'" H  N N 32  
A   "H1'"  H  N N 33  
A   H8     H  N N 34  
A   H61    H  N N 35  
A   H62    H  N N 36  
A   H2     H  N N 37  
C   OP3    O  N N 38  
C   P      P  N N 39  
C   OP1    O  N N 40  
C   OP2    O  N N 41  
C   "O5'"  O  N N 42  
C   "C5'"  C  N N 43  
C   "C4'"  C  N R 44  
C   "O4'"  O  N N 45  
C   "C3'"  C  N S 46  
C   "O3'"  O  N N 47  
C   "C2'"  C  N R 48  
C   "O2'"  O  N N 49  
C   "C1'"  C  N R 50  
C   N1     N  N N 51  
C   C2     C  N N 52  
C   O2     O  N N 53  
C   N3     N  N N 54  
C   C4     C  N N 55  
C   N4     N  N N 56  
C   C5     C  N N 57  
C   C6     C  N N 58  
C   HOP3   H  N N 59  
C   HOP2   H  N N 60  
C   "H5'"  H  N N 61  
C   "H5''" H  N N 62  
C   "H4'"  H  N N 63  
C   "H3'"  H  N N 64  
C   "HO3'" H  N N 65  
C   "H2'"  H  N N 66  
C   "HO2'" H  N N 67  
C   "H1'"  H  N N 68  
C   H41    H  N N 69  
C   H42    H  N N 70  
C   H5     H  N N 71  
C   H6     H  N N 72  
G   OP3    O  N N 73  
G   P      P  N N 74  
G   OP1    O  N N 75  
G   OP2    O  N N 76  
G   "O5'"  O  N N 77  
G   "C5'"  C  N N 78  
G   "C4'"  C  N R 79  
G   "O4'"  O  N N 80  
G   "C3'"  C  N S 81  
G   "O3'"  O  N N 82  
G   "C2'"  C  N R 83  
G   "O2'"  O  N N 84  
G   "C1'"  C  N R 85  
G   N9     N  Y N 86  
G   C8     C  Y N 87  
G   N7     N  Y N 88  
G   C5     C  Y N 89  
G   C6     C  N N 90  
G   O6     O  N N 91  
G   N1     N  N N 92  
G   C2     C  N N 93  
G   N2     N  N N 94  
G   N3     N  N N 95  
G   C4     C  Y N 96  
G   HOP3   H  N N 97  
G   HOP2   H  N N 98  
G   "H5'"  H  N N 99  
G   "H5''" H  N N 100 
G   "H4'"  H  N N 101 
G   "H3'"  H  N N 102 
G   "HO3'" H  N N 103 
G   "H2'"  H  N N 104 
G   "HO2'" H  N N 105 
G   "H1'"  H  N N 106 
G   H8     H  N N 107 
G   H1     H  N N 108 
G   H21    H  N N 109 
G   H22    H  N N 110 
HOH O      O  N N 111 
HOH H1     H  N N 112 
HOH H2     H  N N 113 
MG  MG     MG N N 114 
O2Z P      P  N N 115 
O2Z OP1    O  N N 116 
O2Z OP2    O  N N 117 
O2Z "O5'"  O  N N 118 
O2Z "C5'"  C  N N 119 
O2Z "C4'"  C  N R 120 
O2Z "O4'"  O  N N 121 
O2Z "C3'"  C  N S 122 
O2Z "O3'"  O  N N 123 
O2Z "C2'"  C  N R 124 
O2Z "C1'"  C  N R 125 
O2Z N9     N  Y N 126 
O2Z C8     C  Y N 127 
O2Z N7     N  Y N 128 
O2Z C5     C  Y N 129 
O2Z C6     C  Y N 130 
O2Z N6     N  N N 131 
O2Z N1     N  Y N 132 
O2Z C2     C  Y N 133 
O2Z N3     N  Y N 134 
O2Z C4     C  Y N 135 
O2Z "O2'"  O  N N 136 
O2Z N26    N  N N 137 
O2Z N25    N  N N 138 
O2Z H2     H  N N 139 
O2Z "H5'1" H  N N 140 
O2Z "H5'2" H  N N 141 
O2Z "H4'"  H  N N 142 
O2Z "H3'"  H  N N 143 
O2Z H3     H  N N 144 
O2Z "H2'"  H  N N 145 
O2Z H4     H  N N 146 
O2Z H5     H  N N 147 
O2Z H6     H  N N 148 
O2Z H7     H  N N 149 
O2Z H8     H  N N 150 
O2Z H9     H  N N 151 
O2Z H10    H  N N 152 
O2Z H11    H  N N 153 
O2Z OP3    O  N N 154 
O2Z H1     H  N N 155 
U   OP3    O  N N 156 
U   P      P  N N 157 
U   OP1    O  N N 158 
U   OP2    O  N N 159 
U   "O5'"  O  N N 160 
U   "C5'"  C  N N 161 
U   "C4'"  C  N R 162 
U   "O4'"  O  N N 163 
U   "C3'"  C  N S 164 
U   "O3'"  O  N N 165 
U   "C2'"  C  N R 166 
U   "O2'"  O  N N 167 
U   "C1'"  C  N R 168 
U   N1     N  N N 169 
U   C2     C  N N 170 
U   O2     O  N N 171 
U   N3     N  N N 172 
U   C4     C  N N 173 
U   O4     O  N N 174 
U   C5     C  N N 175 
U   C6     C  N N 176 
U   HOP3   H  N N 177 
U   HOP2   H  N N 178 
U   "H5'"  H  N N 179 
U   "H5''" H  N N 180 
U   "H4'"  H  N N 181 
U   "H3'"  H  N N 182 
U   "HO3'" H  N N 183 
U   "H2'"  H  N N 184 
U   "HO2'" H  N N 185 
U   "H1'"  H  N N 186 
U   H3     H  N N 187 
U   H5     H  N N 188 
U   H6     H  N N 189 
# 
loop_
_chem_comp_bond.comp_id 
_chem_comp_bond.atom_id_1 
_chem_comp_bond.atom_id_2 
_chem_comp_bond.value_order 
_chem_comp_bond.pdbx_aromatic_flag 
_chem_comp_bond.pdbx_stereo_config 
_chem_comp_bond.pdbx_ordinal 
A   OP3   P      sing N N 1   
A   OP3   HOP3   sing N N 2   
A   P     OP1    doub N N 3   
A   P     OP2    sing N N 4   
A   P     "O5'"  sing N N 5   
A   OP2   HOP2   sing N N 6   
A   "O5'" "C5'"  sing N N 7   
A   "C5'" "C4'"  sing N N 8   
A   "C5'" "H5'"  sing N N 9   
A   "C5'" "H5''" sing N N 10  
A   "C4'" "O4'"  sing N N 11  
A   "C4'" "C3'"  sing N N 12  
A   "C4'" "H4'"  sing N N 13  
A   "O4'" "C1'"  sing N N 14  
A   "C3'" "O3'"  sing N N 15  
A   "C3'" "C2'"  sing N N 16  
A   "C3'" "H3'"  sing N N 17  
A   "O3'" "HO3'" sing N N 18  
A   "C2'" "O2'"  sing N N 19  
A   "C2'" "C1'"  sing N N 20  
A   "C2'" "H2'"  sing N N 21  
A   "O2'" "HO2'" sing N N 22  
A   "C1'" N9     sing N N 23  
A   "C1'" "H1'"  sing N N 24  
A   N9    C8     sing Y N 25  
A   N9    C4     sing Y N 26  
A   C8    N7     doub Y N 27  
A   C8    H8     sing N N 28  
A   N7    C5     sing Y N 29  
A   C5    C6     sing Y N 30  
A   C5    C4     doub Y N 31  
A   C6    N6     sing N N 32  
A   C6    N1     doub Y N 33  
A   N6    H61    sing N N 34  
A   N6    H62    sing N N 35  
A   N1    C2     sing Y N 36  
A   C2    N3     doub Y N 37  
A   C2    H2     sing N N 38  
A   N3    C4     sing Y N 39  
C   OP3   P      sing N N 40  
C   OP3   HOP3   sing N N 41  
C   P     OP1    doub N N 42  
C   P     OP2    sing N N 43  
C   P     "O5'"  sing N N 44  
C   OP2   HOP2   sing N N 45  
C   "O5'" "C5'"  sing N N 46  
C   "C5'" "C4'"  sing N N 47  
C   "C5'" "H5'"  sing N N 48  
C   "C5'" "H5''" sing N N 49  
C   "C4'" "O4'"  sing N N 50  
C   "C4'" "C3'"  sing N N 51  
C   "C4'" "H4'"  sing N N 52  
C   "O4'" "C1'"  sing N N 53  
C   "C3'" "O3'"  sing N N 54  
C   "C3'" "C2'"  sing N N 55  
C   "C3'" "H3'"  sing N N 56  
C   "O3'" "HO3'" sing N N 57  
C   "C2'" "O2'"  sing N N 58  
C   "C2'" "C1'"  sing N N 59  
C   "C2'" "H2'"  sing N N 60  
C   "O2'" "HO2'" sing N N 61  
C   "C1'" N1     sing N N 62  
C   "C1'" "H1'"  sing N N 63  
C   N1    C2     sing N N 64  
C   N1    C6     sing N N 65  
C   C2    O2     doub N N 66  
C   C2    N3     sing N N 67  
C   N3    C4     doub N N 68  
C   C4    N4     sing N N 69  
C   C4    C5     sing N N 70  
C   N4    H41    sing N N 71  
C   N4    H42    sing N N 72  
C   C5    C6     doub N N 73  
C   C5    H5     sing N N 74  
C   C6    H6     sing N N 75  
G   OP3   P      sing N N 76  
G   OP3   HOP3   sing N N 77  
G   P     OP1    doub N N 78  
G   P     OP2    sing N N 79  
G   P     "O5'"  sing N N 80  
G   OP2   HOP2   sing N N 81  
G   "O5'" "C5'"  sing N N 82  
G   "C5'" "C4'"  sing N N 83  
G   "C5'" "H5'"  sing N N 84  
G   "C5'" "H5''" sing N N 85  
G   "C4'" "O4'"  sing N N 86  
G   "C4'" "C3'"  sing N N 87  
G   "C4'" "H4'"  sing N N 88  
G   "O4'" "C1'"  sing N N 89  
G   "C3'" "O3'"  sing N N 90  
G   "C3'" "C2'"  sing N N 91  
G   "C3'" "H3'"  sing N N 92  
G   "O3'" "HO3'" sing N N 93  
G   "C2'" "O2'"  sing N N 94  
G   "C2'" "C1'"  sing N N 95  
G   "C2'" "H2'"  sing N N 96  
G   "O2'" "HO2'" sing N N 97  
G   "C1'" N9     sing N N 98  
G   "C1'" "H1'"  sing N N 99  
G   N9    C8     sing Y N 100 
G   N9    C4     sing Y N 101 
G   C8    N7     doub Y N 102 
G   C8    H8     sing N N 103 
G   N7    C5     sing Y N 104 
G   C5    C6     sing N N 105 
G   C5    C4     doub Y N 106 
G   C6    O6     doub N N 107 
G   C6    N1     sing N N 108 
G   N1    C2     sing N N 109 
G   N1    H1     sing N N 110 
G   C2    N2     sing N N 111 
G   C2    N3     doub N N 112 
G   N2    H21    sing N N 113 
G   N2    H22    sing N N 114 
G   N3    C4     sing N N 115 
HOH O     H1     sing N N 116 
HOH O     H2     sing N N 117 
O2Z "O3'" "C3'"  sing N N 118 
O2Z OP1   P      sing N N 119 
O2Z "O2'" "C2'"  sing N N 120 
O2Z "C3'" "C4'"  sing N N 121 
O2Z "C3'" "C2'"  sing N N 122 
O2Z "C5'" "C4'"  sing N N 123 
O2Z "C5'" "O5'"  sing N N 124 
O2Z "C4'" "O4'"  sing N N 125 
O2Z "C2'" "C1'"  sing N N 126 
O2Z "O5'" P      sing N N 127 
O2Z P     OP2    doub N N 128 
O2Z "O4'" "C1'"  sing N N 129 
O2Z "C1'" N9     sing N N 130 
O2Z N9    C8     sing Y N 131 
O2Z N9    C4     sing Y N 132 
O2Z C8    N7     doub Y N 133 
O2Z N3    C4     doub Y N 134 
O2Z N3    C2     sing Y N 135 
O2Z C4    C5     sing Y N 136 
O2Z N26   C2     sing N N 137 
O2Z C2    N1     doub Y N 138 
O2Z N7    C5     sing Y N 139 
O2Z C5    C6     doub Y N 140 
O2Z N1    C6     sing Y N 141 
O2Z C6    N6     sing N N 142 
O2Z N6    N25    sing N N 143 
O2Z OP1   H2     sing N N 144 
O2Z "C5'" "H5'1" sing N N 145 
O2Z "C5'" "H5'2" sing N N 146 
O2Z "C4'" "H4'"  sing N N 147 
O2Z "C3'" "H3'"  sing N N 148 
O2Z "O3'" H3     sing N N 149 
O2Z "C2'" "H2'"  sing N N 150 
O2Z "C1'" H4     sing N N 151 
O2Z C8    H5     sing N N 152 
O2Z N6    H6     sing N N 153 
O2Z "O2'" H7     sing N N 154 
O2Z N26   H8     sing N N 155 
O2Z N26   H9     sing N N 156 
O2Z N25   H10    sing N N 157 
O2Z N25   H11    sing N N 158 
O2Z P     OP3    sing N N 159 
O2Z OP3   H1     sing N N 160 
U   OP3   P      sing N N 161 
U   OP3   HOP3   sing N N 162 
U   P     OP1    doub N N 163 
U   P     OP2    sing N N 164 
U   P     "O5'"  sing N N 165 
U   OP2   HOP2   sing N N 166 
U   "O5'" "C5'"  sing N N 167 
U   "C5'" "C4'"  sing N N 168 
U   "C5'" "H5'"  sing N N 169 
U   "C5'" "H5''" sing N N 170 
U   "C4'" "O4'"  sing N N 171 
U   "C4'" "C3'"  sing N N 172 
U   "C4'" "H4'"  sing N N 173 
U   "O4'" "C1'"  sing N N 174 
U   "C3'" "O3'"  sing N N 175 
U   "C3'" "C2'"  sing N N 176 
U   "C3'" "H3'"  sing N N 177 
U   "O3'" "HO3'" sing N N 178 
U   "C2'" "O2'"  sing N N 179 
U   "C2'" "C1'"  sing N N 180 
U   "C2'" "H2'"  sing N N 181 
U   "O2'" "HO2'" sing N N 182 
U   "C1'" N1     sing N N 183 
U   "C1'" "H1'"  sing N N 184 
U   N1    C2     sing N N 185 
U   N1    C6     sing N N 186 
U   C2    O2     doub N N 187 
U   C2    N3     sing N N 188 
U   N3    C4     sing N N 189 
U   N3    H3     sing N N 190 
U   C4    O4     doub N N 191 
U   C4    C5     sing N N 192 
U   C5    C6     doub N N 193 
U   C5    H5     sing N N 194 
U   C6    H6     sing N N 195 
# 
loop_
_ndb_struct_conf_na.entry_id 
_ndb_struct_conf_na.feature 
6XUR 'double helix'         
6XUR 'a-form double helix'  
6XUR 'mismatched base pair' 
# 
loop_
_ndb_struct_na_base_pair.model_number 
_ndb_struct_na_base_pair.i_label_asym_id 
_ndb_struct_na_base_pair.i_label_comp_id 
_ndb_struct_na_base_pair.i_label_seq_id 
_ndb_struct_na_base_pair.i_symmetry 
_ndb_struct_na_base_pair.j_label_asym_id 
_ndb_struct_na_base_pair.j_label_comp_id 
_ndb_struct_na_base_pair.j_label_seq_id 
_ndb_struct_na_base_pair.j_symmetry 
_ndb_struct_na_base_pair.shear 
_ndb_struct_na_base_pair.stretch 
_ndb_struct_na_base_pair.stagger 
_ndb_struct_na_base_pair.buckle 
_ndb_struct_na_base_pair.propeller 
_ndb_struct_na_base_pair.opening 
_ndb_struct_na_base_pair.pair_number 
_ndb_struct_na_base_pair.pair_name 
_ndb_struct_na_base_pair.i_auth_asym_id 
_ndb_struct_na_base_pair.i_auth_seq_id 
_ndb_struct_na_base_pair.i_PDB_ins_code 
_ndb_struct_na_base_pair.j_auth_asym_id 
_ndb_struct_na_base_pair.j_auth_seq_id 
_ndb_struct_na_base_pair.j_PDB_ins_code 
_ndb_struct_na_base_pair.hbond_type_28 
_ndb_struct_na_base_pair.hbond_type_12 
1 A C   1  1_555 A G   12 2_556 0.133  -0.097 -0.081 8.877  -17.140 -0.183  1  A_C1001:G1012_A   A 1001 ? A 1012 ? 19 1 
1 A G   2  1_555 A C   11 2_556 -0.289 -0.140 0.001  -5.787 -17.862 1.377   2  A_G1002:C1011_A   A 1002 ? A 1011 ? 19 1 
1 A C   3  1_555 A G   10 2_556 0.125  -0.136 0.228  -5.009 -13.368 -3.627  3  A_C1003:G1010_A   A 1003 ? A 1010 ? 19 1 
1 A G   4  1_555 A A   9  2_556 -0.008 1.509  -0.399 1.436  -8.608  -18.620 4  A_G1004:A1009_A   A 1004 ? A 1009 ? 8  1 
1 A O2Z 5  1_555 A U   8  2_556 -0.065 0.028  0.157  0.452  -13.029 -6.089  5  A_O2Z1005:U1008_A A 1005 ? A 1008 ? 20 1 
1 A A   6  1_555 A U   7  2_556 0.042  -0.076 0.004  0.941  -22.714 -1.414  6  A_A1006:U1007_A   A 1006 ? A 1007 ? 20 1 
1 A U   7  1_555 A A   6  2_556 -0.042 -0.076 0.004  -0.941 -22.714 -1.414  7  A_U1007:A1006_A   A 1007 ? A 1006 ? 20 1 
1 A U   8  1_555 A O2Z 5  2_556 0.065  0.028  0.157  -0.452 -13.029 -6.089  8  A_U1008:O2Z1005_A A 1008 ? A 1005 ? 20 1 
1 A A   9  1_555 A G   4  2_556 0.008  1.509  -0.399 -1.436 -8.608  -18.620 9  A_A1009:G1004_A   A 1009 ? A 1004 ? 8  1 
1 A G   10 1_555 A C   3  2_556 -0.125 -0.136 0.228  5.009  -13.368 -3.627  10 A_G1010:C1003_A   A 1010 ? A 1003 ? 19 1 
1 A C   11 1_555 A G   2  2_556 0.289  -0.140 0.001  5.787  -17.862 1.377   11 A_C1011:G1002_A   A 1011 ? A 1002 ? 19 1 
1 A G   12 1_555 A C   1  2_556 -0.133 -0.097 -0.081 -8.877 -17.140 -0.183  12 A_G1012:C1001_A   A 1012 ? A 1001 ? 19 1 
# 
loop_
_ndb_struct_na_base_pair_step.model_number 
_ndb_struct_na_base_pair_step.i_label_asym_id_1 
_ndb_struct_na_base_pair_step.i_label_comp_id_1 
_ndb_struct_na_base_pair_step.i_label_seq_id_1 
_ndb_struct_na_base_pair_step.i_symmetry_1 
_ndb_struct_na_base_pair_step.j_label_asym_id_1 
_ndb_struct_na_base_pair_step.j_label_comp_id_1 
_ndb_struct_na_base_pair_step.j_label_seq_id_1 
_ndb_struct_na_base_pair_step.j_symmetry_1 
_ndb_struct_na_base_pair_step.i_label_asym_id_2 
_ndb_struct_na_base_pair_step.i_label_comp_id_2 
_ndb_struct_na_base_pair_step.i_label_seq_id_2 
_ndb_struct_na_base_pair_step.i_symmetry_2 
_ndb_struct_na_base_pair_step.j_label_asym_id_2 
_ndb_struct_na_base_pair_step.j_label_comp_id_2 
_ndb_struct_na_base_pair_step.j_label_seq_id_2 
_ndb_struct_na_base_pair_step.j_symmetry_2 
_ndb_struct_na_base_pair_step.shift 
_ndb_struct_na_base_pair_step.slide 
_ndb_struct_na_base_pair_step.rise 
_ndb_struct_na_base_pair_step.tilt 
_ndb_struct_na_base_pair_step.roll 
_ndb_struct_na_base_pair_step.twist 
_ndb_struct_na_base_pair_step.x_displacement 
_ndb_struct_na_base_pair_step.y_displacement 
_ndb_struct_na_base_pair_step.helical_rise 
_ndb_struct_na_base_pair_step.inclination 
_ndb_struct_na_base_pair_step.tip 
_ndb_struct_na_base_pair_step.helical_twist 
_ndb_struct_na_base_pair_step.step_number 
_ndb_struct_na_base_pair_step.step_name 
_ndb_struct_na_base_pair_step.i_auth_asym_id_1 
_ndb_struct_na_base_pair_step.i_auth_seq_id_1 
_ndb_struct_na_base_pair_step.i_PDB_ins_code_1 
_ndb_struct_na_base_pair_step.j_auth_asym_id_1 
_ndb_struct_na_base_pair_step.j_auth_seq_id_1 
_ndb_struct_na_base_pair_step.j_PDB_ins_code_1 
_ndb_struct_na_base_pair_step.i_auth_asym_id_2 
_ndb_struct_na_base_pair_step.i_auth_seq_id_2 
_ndb_struct_na_base_pair_step.i_PDB_ins_code_2 
_ndb_struct_na_base_pair_step.j_auth_asym_id_2 
_ndb_struct_na_base_pair_step.j_auth_seq_id_2 
_ndb_struct_na_base_pair_step.j_PDB_ins_code_2 
1 A C   1  1_555 A G   12 2_556 A G   2  1_555 A C   11 2_556 -0.337 -1.622 3.449 -2.969 13.735 32.836 -4.576 0.133  2.605 23.027 
4.978  35.640 1  AA_C1001G1002:C1011G1012_AA   A 1001 ? A 1012 ? A 1002 ? A 1011 ? 
1 A G   2  1_555 A C   11 2_556 A C   3  1_555 A G   10 2_556 -0.489 -1.312 3.222 -2.294 3.516  35.439 -2.635 0.475  3.107 5.751  
3.752  35.679 2  AA_G1002C1003:G1010C1011_AA   A 1002 ? A 1011 ? A 1003 ? A 1010 ? 
1 A C   3  1_555 A G   10 2_556 A G   4  1_555 A A   9  2_556 -0.942 -1.357 3.090 3.536  9.651  26.632 -4.644 2.603  2.324 20.028 
-7.337 28.513 3  AA_C1003G1004:A1009G1010_AA   A 1003 ? A 1010 ? A 1004 ? A 1009 ? 
1 A G   4  1_555 A A   9  2_556 A O2Z 5  1_555 A U   8  2_556 0.582  -1.597 3.224 -4.171 13.130 28.535 -5.051 -1.742 2.191 24.887 
7.906  31.624 4  AA_G1004O2Z1005:U1008A1009_AA A 1004 ? A 1009 ? A 1005 ? A 1008 ? 
1 A O2Z 5  1_555 A U   8  2_556 A A   6  1_555 A U   7  2_556 0.179  -1.148 3.208 1.604  8.976  36.247 -2.910 -0.080 2.858 14.154 
-2.530 37.339 5  AA_O2Z1005A1006:U1007U1008_AA A 1005 ? A 1008 ? A 1006 ? A 1007 ? 
1 A A   6  1_555 A U   7  2_556 A U   7  1_555 A A   6  2_556 0.000  -1.098 3.275 0.000  8.916  31.531 -3.421 0.000  2.866 16.011 
0.000  32.736 6  AA_A1006U1007:A1006U1007_AA   A 1006 ? A 1007 ? A 1007 ? A 1006 ? 
1 A U   7  1_555 A A   6  2_556 A U   8  1_555 A O2Z 5  2_556 -0.179 -1.148 3.208 -1.604 8.976  36.247 -2.910 0.080  2.858 14.154 
2.530  37.339 7  AA_U1007U1008:O2Z1005A1006_AA A 1007 ? A 1006 ? A 1008 ? A 1005 ? 
1 A U   8  1_555 A O2Z 5  2_556 A A   9  1_555 A G   4  2_556 -0.582 -1.597 3.224 4.171  13.130 28.535 -5.051 1.742  2.191 24.887 
-7.906 31.624 8  AA_U1008A1009:G1004O2Z1005_AA A 1008 ? A 1005 ? A 1009 ? A 1004 ? 
1 A A   9  1_555 A G   4  2_556 A G   10 1_555 A C   3  2_556 0.942  -1.357 3.090 -3.536 9.651  26.632 -4.644 -2.603 2.324 20.028 
7.337  28.513 9  AA_A1009G1010:C1003G1004_AA   A 1009 ? A 1004 ? A 1010 ? A 1003 ? 
1 A G   10 1_555 A C   3  2_556 A C   11 1_555 A G   2  2_556 0.489  -1.312 3.222 2.294  3.516  35.439 -2.635 -0.475 3.107 5.751  
-3.752 35.679 10 AA_G1010C1011:G1002C1003_AA   A 1010 ? A 1003 ? A 1011 ? A 1002 ? 
1 A C   11 1_555 A G   2  2_556 A G   12 1_555 A C   1  2_556 0.337  -1.622 3.449 2.969  13.735 32.836 -4.576 -0.133 2.605 23.027 
-4.978 35.640 11 AA_C1011G1012:C1001G1002_AA   A 1011 ? A 1002 ? A 1012 ? A 1001 ? 
# 
_pdbx_entity_instance_feature.ordinal        1 
_pdbx_entity_instance_feature.comp_id        O2Z 
_pdbx_entity_instance_feature.asym_id        ? 
_pdbx_entity_instance_feature.seq_num        ? 
_pdbx_entity_instance_feature.auth_comp_id   O2Z 
_pdbx_entity_instance_feature.auth_asym_id   ? 
_pdbx_entity_instance_feature.auth_seq_num   ? 
_pdbx_entity_instance_feature.feature_type   'SUBJECT OF INVESTIGATION' 
_pdbx_entity_instance_feature.details        ? 
# 
_pdbx_initial_refinement_model.id               1 
_pdbx_initial_refinement_model.entity_id_list   ? 
_pdbx_initial_refinement_model.type             'experimental model' 
_pdbx_initial_refinement_model.source_name      PDB 
_pdbx_initial_refinement_model.accession_code   2Q1R 
_pdbx_initial_refinement_model.details          ? 
# 
_space_group.name_H-M_alt     'C 1 2 1' 
_space_group.name_Hall        'C 2y' 
_space_group.IT_number        5 
_space_group.crystal_system   monoclinic 
_space_group.id               1 
# 
_atom_sites.entry_id                    6XUR 
_atom_sites.Cartn_transf_matrix[1][1]   ? 
_atom_sites.Cartn_transf_matrix[1][2]   ? 
_atom_sites.Cartn_transf_matrix[1][3]   ? 
_atom_sites.Cartn_transf_matrix[2][1]   ? 
_atom_sites.Cartn_transf_matrix[2][2]   ? 
_atom_sites.Cartn_transf_matrix[2][3]   ? 
_atom_sites.Cartn_transf_matrix[3][1]   ? 
_atom_sites.Cartn_transf_matrix[3][2]   ? 
_atom_sites.Cartn_transf_matrix[3][3]   ? 
_atom_sites.Cartn_transf_vector[1]      ? 
_atom_sites.Cartn_transf_vector[2]      ? 
_atom_sites.Cartn_transf_vector[3]      ? 
_atom_sites.fract_transf_matrix[1][1]   0.01080127 
_atom_sites.fract_transf_matrix[1][2]   -0.00847051 
_atom_sites.fract_transf_matrix[1][3]   0.02822962 
_atom_sites.fract_transf_matrix[2][1]   0.02680325 
_atom_sites.fract_transf_matrix[2][2]   0.00266023 
_atom_sites.fract_transf_matrix[2][3]   -0.00945729 
_atom_sites.fract_transf_matrix[3][1]   0.00910120 
_atom_sites.fract_transf_matrix[3][2]   0.02292092 
_atom_sites.fract_transf_matrix[3][3]   0.03224144 
_atom_sites.fract_transf_vector[1]      0.022633 
_atom_sites.fract_transf_vector[2]      -0.016956 
_atom_sites.fract_transf_vector[3]      0.448533 
_atom_sites.solution_primary            ? 
_atom_sites.solution_secondary          ? 
_atom_sites.solution_hydrogens          ? 
_atom_sites.special_details             ? 
# 
loop_
_atom_type.symbol 
_atom_type.scat_dispersion_real 
_atom_type.scat_dispersion_imag 
_atom_type.scat_Cromer_Mann_a1 
_atom_type.scat_Cromer_Mann_a2 
_atom_type.scat_Cromer_Mann_a3 
_atom_type.scat_Cromer_Mann_a4 
_atom_type.scat_Cromer_Mann_b1 
_atom_type.scat_Cromer_Mann_b2 
_atom_type.scat_Cromer_Mann_b3 
_atom_type.scat_Cromer_Mann_b4 
_atom_type.scat_Cromer_Mann_c 
_atom_type.scat_source 
_atom_type.scat_dispersion_source 
C   ? ? 3.54356 2.42580 ?       ? 25.62398 1.50364  ?       ? 0.0 
;2-Gaussian fit: Grosse-Kunstleve RW, Sauter NK, Adams PD: Newsletter of the IUCr Commission on Crystallographic Computing 2004, 3, 22-31.
;
? 
H   ? ? 0.51345 0.48472 ?       ? 24.73122 6.32584  ?       ? 0.0 
;2-Gaussian fit: Grosse-Kunstleve RW, Sauter NK, Adams PD: Newsletter of the IUCr Commission on Crystallographic Computing 2004, 3, 22-31.
;
? 
MG  ? ? 9.41153 2.53737 ?       ? 2.59044  63.03566 ?       ? 0.0 
;2-Gaussian fit: Grosse-Kunstleve RW, Sauter NK, Adams PD: Newsletter of the IUCr Commission on Crystallographic Computing 2004, 3, 22-31.
;
? 
N   ? ? 4.01032 2.96436 ?       ? 19.97189 1.75589  ?       ? 0.0 
;2-Gaussian fit: Grosse-Kunstleve RW, Sauter NK, Adams PD: Newsletter of the IUCr Commission on Crystallographic Computing 2004, 3, 22-31.
;
? 
O   ? ? 4.49882 3.47563 ?       ? 15.80542 1.70748  ?       ? 0.0 
;2-Gaussian fit: Grosse-Kunstleve RW, Sauter NK, Adams PD: Newsletter of the IUCr Commission on Crystallographic Computing 2004, 3, 22-31.
;
? 
O1- ? ? 4.31557 2.79156 1.86576 ? 8.03600  32.36470 0.29580 ? 0.0 
;3-Gaussian fit: Grosse-Kunstleve RW, Sauter NK, Adams PD: Newsletter of the IUCr Commission on Crystallographic Computing 2004, 3, 22-31.
;
? 
P   ? ? 9.51135 5.44231 ?       ? 1.42069  35.72801 ?       ? 0.0 
;2-Gaussian fit: Grosse-Kunstleve RW, Sauter NK, Adams PD: Newsletter of the IUCr Commission on Crystallographic Computing 2004, 3, 22-31.
;
? 
# 
loop_
_atom_site.group_PDB 
_atom_site.id 
_atom_site.type_symbol 
_atom_site.label_atom_id 
_atom_site.label_alt_id 
_atom_site.label_comp_id 
_atom_site.label_asym_id 
_atom_site.label_entity_id 
_atom_site.label_seq_id 
_atom_site.pdbx_PDB_ins_code 
_atom_site.Cartn_x 
_atom_site.Cartn_y 
_atom_site.Cartn_z 
_atom_site.occupancy 
_atom_site.B_iso_or_equiv 
_atom_site.pdbx_formal_charge 
_atom_site.auth_seq_id 
_atom_site.auth_comp_id 
_atom_site.auth_asym_id 
_atom_site.auth_atom_id 
_atom_site.pdbx_PDB_model_num 
ATOM   1   O  "O5'"  . C   A 1 1  ? -0.49238  11.93040  9.90823   1.000 21.73745 ?  1001 C   A "O5'"  1 
ATOM   2   C  "C5'"  . C   A 1 1  ? -1.38663  11.94980  11.01054  1.000 17.54514 ?  1001 C   A "C5'"  1 
ATOM   3   C  "C4'"  . C   A 1 1  ? -2.70589  12.54182  10.61963  1.000 16.32297 ?  1001 C   A "C4'"  1 
ATOM   4   O  "O4'"  . C   A 1 1  ? -2.54753  13.92950  10.22419  1.000 15.37880 ?  1001 C   A "O4'"  1 
ATOM   5   C  "C3'"  . C   A 1 1  ? -3.38498  11.91991  9.41656   1.000 16.24639 ?  1001 C   A "C3'"  1 
ATOM   6   O  "O3'"  . C   A 1 1  ? -3.98306  10.68731  9.78055   1.000 16.91733 ?  1001 C   A "O3'"  1 
ATOM   7   C  "C2'"  . C   A 1 1  ? -4.35619  13.02120  9.01733   1.000 15.73198 ?  1001 C   A "C2'"  1 
ATOM   8   O  "O2'"  . C   A 1 1  ? -5.41196  13.09067  9.97478   1.000 16.25963 ?  1001 C   A "O2'"  1 
ATOM   9   C  "C1'"  . C   A 1 1  ? -3.46124  14.24077  9.18313   1.000 14.67096 ?  1001 C   A "C1'"  1 
ATOM   10  N  N1     . C   A 1 1  ? -2.71126  14.58661  7.94372   1.000 13.84138 ?  1001 C   A N1     1 
ATOM   11  C  C2     . C   A 1 1  ? -3.42742  15.20073  6.91990   1.000 13.00340 ?  1001 C   A C2     1 
ATOM   12  O  O2     . C   A 1 1  ? -4.64807  15.37937  7.06948   1.000 13.97094 ?  1001 C   A O2     1 
ATOM   13  N  N3     . C   A 1 1  ? -2.78757  15.60413  5.80411   1.000 12.69405 ?  1001 C   A N3     1 
ATOM   14  C  C4     . C   A 1 1  ? -1.49264  15.36205  5.68118   1.000 13.44831 ?  1001 C   A C4     1 
ATOM   15  N  N4     . C   A 1 1  ? -0.90785  15.76037  4.56188   1.000 13.44012 ?  1001 C   A N4     1 
ATOM   16  C  C5     . C   A 1 1  ? -0.74600  14.71097  6.70253   1.000 14.76893 ?  1001 C   A C5     1 
ATOM   17  C  C6     . C   A 1 1  ? -1.37755  14.33883  7.81137   1.000 15.23781 ?  1001 C   A C6     1 
ATOM   18  H  "H5'"  . C   A 1 1  ? -1.00003  12.47718  11.72632  1.000 21.03688 ?  1001 C   A "H5'"  1 
ATOM   19  H  "H5''" . C   A 1 1  ? -1.52402  11.04211  11.32573  1.000 21.03688 ?  1001 C   A "H5''" 1 
ATOM   20  H  "H4'"  . C   A 1 1  ? -3.29492  12.49643  11.38849  1.000 19.57027 ?  1001 C   A "H4'"  1 
ATOM   21  H  "H3'"  . C   A 1 1  ? -2.77600  11.77807  8.67570   1.000 19.47837 ?  1001 C   A "H3'"  1 
ATOM   22  H  "H2'"  . C   A 1 1  ? -4.68904  12.93612  8.11043   1.000 18.86108 ?  1001 C   A "H2'"  1 
ATOM   23  H  "HO2'" . C   A 1 1  ? -5.85506  13.79207  9.84296   1.000 19.49426 ?  1001 C   A "HO2'" 1 
ATOM   24  H  "H1'"  . C   A 1 1  ? -3.99399  15.01348  9.43005   1.000 17.58786 ?  1001 C   A "H1'"  1 
ATOM   25  H  H41    . C   A 1 1  ? -0.06803  15.62230  4.44311   1.000 16.11086 ?  1001 C   A H41    1 
ATOM   26  H  H42    . C   A 1 1  ? -1.36948  16.15774  3.95393   1.000 16.11086 ?  1001 C   A H42    1 
ATOM   27  H  H5     . C   A 1 1  ? 0.16362   14.54966  6.59695   1.000 17.70542 ?  1001 C   A H5     1 
ATOM   28  H  H6     . C   A 1 1  ? -0.91236  13.91184  8.49351   1.000 18.26809 ?  1001 C   A H6     1 
ATOM   29  H  "HO5'" . C   A 1 1  ? 0.33684   11.87233  10.04152  1.000 26.06765 ?  1001 C   A "HO5'" 1 
ATOM   30  P  P      . G   A 1 2  ? -4.22557  9.50932   8.72870   1.000 17.75949 ?  1002 G   A P      1 
ATOM   31  O  OP1    . G   A 1 2  ? -4.70974  8.36262   9.51817   1.000 18.61752 ?  1002 G   A OP1    1 
ATOM   32  O  OP2    . G   A 1 2  ? -3.08430  9.33862   7.80397   1.000 18.69454 ?  1002 G   A OP2    1 
ATOM   33  O  "O5'"  . G   A 1 2  ? -5.35582  10.07959  7.78370   1.000 17.65752 ?  1002 G   A "O5'"  1 
ATOM   34  C  "C5'"  . G   A 1 2  ? -6.67791  10.29450  8.25970   1.000 17.66565 ?  1002 G   A "C5'"  1 
ATOM   35  C  "C4'"  . G   A 1 2  ? -7.53295  10.84270  7.15576   1.000 17.39584 ?  1002 G   A "C4'"  1 
ATOM   36  O  "O4'"  . G   A 1 2  ? -7.04461  12.14291  6.76840   1.000 17.69219 ?  1002 G   A "O4'"  1 
ATOM   37  C  "C3'"  . G   A 1 2  ? -7.50287  10.06235  5.85633   1.000 17.69832 ?  1002 G   A "C3'"  1 
ATOM   38  O  "O3'"  . G   A 1 2  ? -8.34593  8.94174   5.90770   1.000 18.64339 ?  1002 G   A "O3'"  1 
ATOM   39  C  "C2'"  . G   A 1 2  ? -7.95008  11.09289  4.85462   1.000 18.15696 ?  1002 G   A "C2'"  1 
ATOM   40  O  "O2'"  . G   A 1 2  ? -9.35075  11.34507  4.96749   1.000 19.42312 ?  1002 G   A "O2'"  1 
ATOM   41  C  "C1'"  . G   A 1 2  ? -7.18144  12.27924  5.36549   1.000 17.27607 ?  1002 G   A "C1'"  1 
ATOM   42  N  N9     . G   A 1 2  ? -5.83612  12.40679  4.78300   1.000 15.49943 ?  1002 G   A N9     1 
ATOM   43  C  C8     . G   A 1 2  ? -4.61306  12.22060  5.38973   1.000 14.73178 ?  1002 G   A C8     1 
ATOM   44  N  N7     . G   A 1 2  ? -3.60461  12.55249  4.63745   1.000 13.90533 ?  1002 G   A N7     1 
ATOM   45  C  C5     . G   A 1 2  ? -4.18743  13.00112  3.47709   1.000 13.74379 ?  1002 G   A C5     1 
ATOM   46  C  C6     . G   A 1 2  ? -3.60862  13.52854  2.30170   1.000 13.58298 ?  1002 G   A C6     1 
ATOM   47  O  O6     . G   A 1 2  ? -2.41542  13.77024  2.05366   1.000 13.50466 ?  1002 G   A O6     1 
ATOM   48  N  N1     . G   A 1 2  ? -4.57386  13.84433  1.35128   1.000 13.62238 ?  1002 G   A N1     1 
ATOM   49  C  C2     . G   A 1 2  ? -5.92884  13.68099  1.50996   1.000 13.92424 ?  1002 G   A C2     1 
ATOM   50  N  N2     . G   A 1 2  ? -6.67030  13.99276  0.45013   1.000 14.44124 ?  1002 G   A N2     1 
ATOM   51  N  N3     . G   A 1 2  ? -6.46579  13.22364  2.62751   1.000 13.95687 ?  1002 G   A N3     1 
ATOM   52  C  C4     . G   A 1 2  ? -5.55411  12.91255  3.54815   1.000 14.63523 ?  1002 G   A C4     1 
ATOM   53  H  "H5'"  . G   A 1 2  ? -6.65879  10.92372  8.99799   1.000 21.18149 ?  1002 G   A "H5'"  1 
ATOM   54  H  "H5''" . G   A 1 2  ? -7.05039  9.45438   8.57055   1.000 21.18149 ?  1002 G   A "H5''" 1 
ATOM   55  H  "H4'"  . G   A 1 2  ? -8.44741  10.91949  7.47135   1.000 20.85772 ?  1002 G   A "H4'"  1 
ATOM   56  H  "H3'"  . G   A 1 2  ? -6.59516  9.78945   5.65059   1.000 21.22069 ?  1002 G   A "H3'"  1 
ATOM   57  H  "H2'"  . G   A 1 2  ? -7.71878  10.86556  3.93997   1.000 21.77106 ?  1002 G   A "H2'"  1 
ATOM   58  H  "HO2'" . G   A 1 2  ? -9.75669  10.61240  5.03262   1.000 23.29045 ?  1002 G   A "HO2'" 1 
ATOM   59  H  "H1'"  . G   A 1 2  ? -7.69104  13.07770  5.15699   1.000 20.71399 ?  1002 G   A "H1'"  1 
ATOM   60  H  H8     . G   A 1 2  ? -4.51722  11.89008  6.25358   1.000 17.66084 ?  1002 G   A H8     1 
ATOM   61  H  H1     . G   A 1 2  ? -4.30037  14.16752  0.60241   1.000 16.32957 ?  1002 G   A H1     1 
ATOM   62  H  H21    . G   A 1 2  ? -6.29473  14.28922  -0.26449  1.000 17.31220 ?  1002 G   A H21    1 
ATOM   63  H  H22    . G   A 1 2  ? -7.52490  13.89889  0.47987   1.000 17.31220 ?  1002 G   A H22    1 
ATOM   64  P  P      . C   A 1 3  ? -7.99271  7.63434   5.05289   1.000 18.19689 ?  1003 C   A P      1 
ATOM   65  O  OP1    . C   A 1 3  ? -8.98867  6.63215   5.49506   1.000 19.58734 ?  1003 C   A OP1    1 
ATOM   66  O  OP2    . C   A 1 3  ? -6.55689  7.32186   5.12531   1.000 19.04103 ?  1003 C   A OP2    1 
ATOM   67  O  "O5'"  . C   A 1 3  ? -8.24771  8.08515   3.54539   1.000 17.02558 ?  1003 C   A "O5'"  1 
ATOM   68  C  "C5'"  . C   A 1 3  ? -9.54114  8.39446   3.07873   1.000 16.39054 ?  1003 C   A "C5'"  1 
ATOM   69  C  "C4'"  . C   A 1 3  ? -9.49662  8.84901   1.65146   1.000 15.30149 ?  1003 C   A "C4'"  1 
ATOM   70  O  "O4'"  . C   A 1 3  ? -8.77479  10.11516  1.55101   1.000 14.29353 ?  1003 C   A "O4'"  1 
ATOM   71  C  "C3'"  . C   A 1 3  ? -8.78425  7.95573   0.64512   1.000 13.88583 ?  1003 C   A "C3'"  1 
ATOM   72  O  "O3'"  . C   A 1 3  ? -9.60748  6.85839   0.27021   1.000 14.43334 ?  1003 C   A "O3'"  1 
ATOM   73  C  "C2'"  . C   A 1 3  ? -8.50717  8.93045   -0.48988  1.000 12.85192 ?  1003 C   A "C2'"  1 
ATOM   74  O  "O2'"  . C   A 1 3  ? -9.69949  9.25715   -1.19636  1.000 13.38882 ?  1003 C   A "O2'"  1 
ATOM   75  C  "C1'"  . C   A 1 3  ? -8.07712  10.15171  0.30577   1.000 13.01603 ?  1003 C   A "C1'"  1 
ATOM   76  N  N1     . C   A 1 3  ? -6.63060  10.15996  0.56515   1.000 12.66487 ?  1003 C   A N1     1 
ATOM   77  C  C2     . C   A 1 3  ? -5.81788  10.67572  -0.44263  1.000 13.11796 ?  1003 C   A C2     1 
ATOM   78  O  O2     . C   A 1 3  ? -6.31814  11.01261  -1.50909  1.000 12.54196 ?  1003 C   A O2     1 
ATOM   79  N  N3     . C   A 1 3  ? -4.50624  10.82192  -0.22185  1.000 12.18695 ?  1003 C   A N3     1 
ATOM   80  C  C4     . C   A 1 3  ? -3.96418  10.41029  0.91490   1.000 12.29419 ?  1003 C   A C4     1 
ATOM   81  N  N4     . C   A 1 3  ? -2.63639  10.56552  1.06930   1.000 13.07142 ?  1003 C   A N4     1 
ATOM   82  C  C5     . C   A 1 3  ? -4.74790  9.83892   1.94395   1.000 14.23389 ?  1003 C   A C5     1 
ATOM   83  C  C6     . C   A 1 3  ? -6.05960  9.78326   1.73939   1.000 14.13130 ?  1003 C   A C6     1 
ATOM   84  H  "H5'"  . C   A 1 3  ? -9.91935  9.09988   3.62699   1.000 19.65136 ?  1003 C   A "H5'"  1 
ATOM   85  H  "H5''" . C   A 1 3  ? -10.10284 7.60739   3.14593   1.000 19.65136 ?  1003 C   A "H5''" 1 
ATOM   86  H  "H4'"  . C   A 1 3  ? -10.41184 8.96868   1.35514   1.000 18.34450 ?  1003 C   A "H4'"  1 
ATOM   87  H  "H3'"  . C   A 1 3  ? -7.94022  7.63292   0.99644   1.000 16.64571 ?  1003 C   A "H3'"  1 
ATOM   88  H  "H2'"  . C   A 1 3  ? -7.81791  8.60596   -1.09082  1.000 15.40502 ?  1003 C   A "H2'"  1 
ATOM   89  H  "HO2'" . C   A 1 3  ? -10.19277 8.57814   -1.22783  1.000 16.04930 ?  1003 C   A "HO2'" 1 
ATOM   90  H  "H1'"  . C   A 1 3  ? -8.31815  10.95976  -0.17420  1.000 15.60194 ?  1003 C   A "H1'"  1 
ATOM   91  H  H41    . C   A 1 3  ? -2.25562  10.30849  1.79545   1.000 15.66841 ?  1003 C   A H41    1 
ATOM   92  H  H42    . C   A 1 3  ? -2.16917  10.92311  0.44147   1.000 15.66841 ?  1003 C   A H42    1 
ATOM   93  H  H5     . C   A 1 3  ? -4.36289  9.51613   2.72697   1.000 17.06337 ?  1003 C   A H5     1 
ATOM   94  H  H6     . C   A 1 3  ? -6.60739  9.47597   2.42472   1.000 16.94026 ?  1003 C   A H6     1 
ATOM   95  P  P      . G   A 1 4  ? -9.07904  5.34833   0.35606   1.000 15.59184 ?  1004 G   A P      1 
ATOM   96  O  OP1    . G   A 1 4  ? -10.30151 4.50574   0.57245   1.000 16.95825 ?  1004 G   A OP1    1 
ATOM   97  O  OP2    . G   A 1 4  ? -7.90473  5.22837   1.24170   1.000 16.70093 ?  1004 G   A OP2    1 
ATOM   98  O  "O5'"  . G   A 1 4  ? -8.48558  5.05058   -1.08541  1.000 15.08147 ?  1004 G   A "O5'"  1 
ATOM   99  C  "C5'"  . G   A 1 4  ? -9.37058  4.90292   -2.17720  1.000 14.74362 ?  1004 G   A "C5'"  1 
ATOM   100 C  "C4'"  . G   A 1 4  ? -8.82110  5.52244   -3.42490  1.000 13.81928 ?  1004 G   A "C4'"  1 
ATOM   101 O  "O4'"  . G   A 1 4  ? -8.45061  6.90038   -3.19469  1.000 14.12261 ?  1004 G   A "O4'"  1 
ATOM   102 C  "C3'"  . G   A 1 4  ? -7.55150  4.90845   -3.96874  1.000 13.43766 ?  1004 G   A "C3'"  1 
ATOM   103 O  "O3'"  . G   A 1 4  ? -7.81027  3.67013   -4.60673  1.000 15.08892 ?  1004 G   A "O3'"  1 
ATOM   104 C  "C2'"  . G   A 1 4  ? -7.06920  6.00639   -4.88291  1.000 13.38894 ?  1004 G   A "C2'"  1 
ATOM   105 O  "O2'"  . G   A 1 4  ? -7.91217  6.07872   -6.01706  1.000 15.75401 ?  1004 G   A "O2'"  1 
ATOM   106 C  "C1'"  . G   A 1 4  ? -7.32581  7.21921   -3.99821  1.000 13.52667 ?  1004 G   A "C1'"  1 
ATOM   107 N  N9     . G   A 1 4  ? -6.16861  7.46787   -3.12681  1.000 12.76560 ?  1004 G   A N9     1 
ATOM   108 C  C8     . G   A 1 4  ? -5.94291  7.11860   -1.82172  1.000 12.48082 ?  1004 G   A C8     1 
ATOM   109 N  N7     . G   A 1 4  ? -4.78729  7.48620   -1.35296  1.000 12.73339 ?  1004 G   A N7     1 
ATOM   110 C  C5     . G   A 1 4  ? -4.20432  8.09225   -2.44316  1.000 12.05873 ?  1004 G   A C5     1 
ATOM   111 C  C6     . G   A 1 4  ? -2.90544  8.67292   -2.59815  1.000 11.68873 ?  1004 G   A C6     1 
ATOM   112 O  O6     . G   A 1 4  ? -2.01026  8.76626   -1.74633  1.000 12.46691 ?  1004 G   A O6     1 
ATOM   113 N  N1     . G   A 1 4  ? -2.66849  9.12665   -3.88779  1.000 12.01610 ?  1004 G   A N1     1 
ATOM   114 C  C2     . G   A 1 4  ? -3.60683  9.05616   -4.89475  1.000 13.07472 ?  1004 G   A C2     1 
ATOM   115 N  N2     . G   A 1 4  ? -3.21622  9.51236   -6.09229  1.000 14.24011 ?  1004 G   A N2     1 
ATOM   116 N  N3     . G   A 1 4  ? -4.83315  8.54778   -4.77638  1.000 12.89005 ?  1004 G   A N3     1 
ATOM   117 C  C4     . G   A 1 4  ? -5.03601  8.08782   -3.53978  1.000 11.79036 ?  1004 G   A C4     1 
ATOM   118 H  "H5'"  . G   A 1 4  ? -10.21544 5.32662   -1.95917  1.000 17.67505 ?  1004 G   A "H5'"  1 
ATOM   119 H  "H5''" . G   A 1 4  ? -9.52370  3.95688   -2.33392  1.000 17.67505 ?  1004 G   A "H5''" 1 
ATOM   120 H  "H4'"  . G   A 1 4  ? -9.51467  5.49485   -4.10340  1.000 16.56584 ?  1004 G   A "H4'"  1 
ATOM   121 H  "H3'"  . G   A 1 4  ? -6.89075  4.77054   -3.27286  1.000 16.10790 ?  1004 G   A "H3'"  1 
ATOM   122 H  "H2'"  . G   A 1 4  ? -6.13427  5.92671   -5.12921  1.000 16.04943 ?  1004 G   A "H2'"  1 
ATOM   123 H  "HO2'" . G   A 1 4  ? -7.61822  6.66715   -6.53977  1.000 18.88752 ?  1004 G   A "HO2'" 1 
ATOM   124 H  "H1'"  . G   A 1 4  ? -7.51899  8.01078   -4.52530  1.000 16.21471 ?  1004 G   A "H1'"  1 
ATOM   125 H  H8     . G   A 1 4  ? -6.56670  6.65395   -1.31153  1.000 14.95970 ?  1004 G   A H8     1 
ATOM   126 H  H1     . G   A 1 4  ? -1.89976  9.46718   -4.06738  1.000 14.40203 ?  1004 G   A H1     1 
ATOM   127 H  H21    . G   A 1 4  ? -2.42820  9.84437   -6.18943  1.000 17.07084 ?  1004 G   A H21    1 
ATOM   128 H  H22    . G   A 1 4  ? -3.75241  9.47423   -6.76239  1.000 17.07084 ?  1004 G   A H22    1 
HETATM 129 P  P      . O2Z A 1 5  ? -6.62781  2.56526   -4.74175  1.000 17.68516 ?  1005 O2Z A P      1 
HETATM 130 O  OP1    . O2Z A 1 5  ? -7.35445  1.53311   -5.47355  1.000 20.78593 -1 1005 O2Z A OP1    1 
HETATM 131 O  OP2    . O2Z A 1 5  ? -6.12863  2.46546   -3.38526  1.000 19.65905 ?  1005 O2Z A OP2    1 
HETATM 132 O  "O5'"  . O2Z A 1 5  ? -5.55400  3.30660   -5.62225  1.000 16.72848 ?  1005 O2Z A "O5'"  1 
HETATM 133 C  "C5'"  . O2Z A 1 5  ? -5.81808  3.62930   -6.96813  1.000 16.96236 ?  1005 O2Z A "C5'"  1 
HETATM 134 C  "C4'"  . O2Z A 1 5  ? -4.60702  4.25489   -7.59485  1.000 15.82435 ?  1005 O2Z A "C4'"  1 
HETATM 135 O  "O4'"  . O2Z A 1 5  ? -4.25695  5.48131   -6.91877  1.000 16.40947 ?  1005 O2Z A "O4'"  1 
HETATM 136 C  "C3'"  . O2Z A 1 5  ? -3.32822  3.44107   -7.55605  1.000 15.87262 ?  1005 O2Z A "C3'"  1 
HETATM 137 O  "O3'"  . O2Z A 1 5  ? -3.39212  2.41196   -8.51864  1.000 16.82067 ?  1005 O2Z A "O3'"  1 
HETATM 138 C  "C2'"  . O2Z A 1 5  ? -2.28857  4.51621   -7.82069  1.000 16.15650 ?  1005 O2Z A "C2'"  1 
HETATM 139 C  "C1'"  . O2Z A 1 5  ? -2.86231  5.67433   -6.99895  1.000 15.71165 ?  1005 O2Z A "C1'"  1 
HETATM 140 N  N9     . O2Z A 1 5  ? -2.33292  5.69523   -5.62853  1.000 15.48701 ?  1005 O2Z A N9     1 
HETATM 141 C  C8     . O2Z A 1 5  ? -3.07625  5.33983   -4.47862  1.000 16.36829 ?  1005 O2Z A C8     1 
HETATM 142 N  N7     . O2Z A 1 5  ? -2.22864  5.52252   -3.40747  1.000 15.87475 ?  1005 O2Z A N7     1 
HETATM 143 C  C5     . O2Z A 1 5  ? -1.05478  6.00980   -4.03362  1.000 14.80170 ?  1005 O2Z A C5     1 
HETATM 144 C  C6     . O2Z A 1 5  ? 0.08179   6.38809   -3.31403  1.000 14.58057 ?  1005 O2Z A C6     1 
HETATM 145 N  N6     . O2Z A 1 5  ? 0.31812   6.38628   -1.92027  1.000 15.67289 ?  1005 O2Z A N6     1 
HETATM 146 N  N1     . O2Z A 1 5  ? 1.18311   6.83175   -4.06748  1.000 15.51742 ?  1005 O2Z A N1     1 
HETATM 147 C  C2     . O2Z A 1 5  ? 1.01029   6.87820   -5.47690  1.000 15.08785 ?  1005 O2Z A C2     1 
HETATM 148 N  N3     . O2Z A 1 5  ? -0.18530  6.52504   -5.98242  1.000 15.89122 ?  1005 O2Z A N3     1 
HETATM 149 C  C4     . O2Z A 1 5  ? -1.08961  6.14031   -5.25471  1.000 14.72768 ?  1005 O2Z A C4     1 
HETATM 150 O  "O2'"  . O2Z A 1 5  ? -2.32906  4.88536   -9.18087  1.000 18.38867 ?  1005 O2Z A "O2'"  1 
HETATM 151 N  N26    . O2Z A 1 5  ? 2.11013   7.31279   -6.24615  1.000 15.40387 ?  1005 O2Z A N26    1 
HETATM 152 N  N25    . O2Z A 1 5  ? -0.70218  5.94054   -1.05854  1.000 19.31559 ?  1005 O2Z A N25    1 
HETATM 153 H  "H5'1" . O2Z A 1 5  ? -6.04861  2.82173   -7.45323  1.000 20.33754 ?  1005 O2Z A "H5'1" 1 
HETATM 154 H  "H5'2" . O2Z A 1 5  ? -6.55830  4.25437   -7.00967  1.000 20.33754 ?  1005 O2Z A "H5'2" 1 
HETATM 155 H  "H4'"  . O2Z A 1 5  ? -4.81604  4.46385   -8.51785  1.000 18.97192 ?  1005 O2Z A "H4'"  1 
HETATM 156 H  "H3'"  . O2Z A 1 5  ? -3.15054  3.15199   -6.64781  1.000 19.02985 ?  1005 O2Z A "H3'"  1 
HETATM 157 H  "H2'"  . O2Z A 1 5  ? -1.40052  4.26223   -7.52444  1.000 19.37050 ?  1005 O2Z A "H2'"  1 
ATOM   158 P  P      . A   A 1 6  ? -2.61582  1.01864   -8.30121  1.000 18.39218 ?  1006 A   A P      1 
ATOM   159 O  OP1    . A   A 1 6  ? -3.06138  0.13325   -9.39044  1.000 20.44943 ?  1006 A   A OP1    1 
ATOM   160 O  OP2    . A   A 1 6  ? -2.74460  0.57160   -6.89327  1.000 19.70372 ?  1006 A   A OP2    1 
ATOM   161 O  "O5'"  . A   A 1 6  ? -1.09042  1.41911   -8.47765  1.000 16.90906 ?  1006 A   A "O5'"  1 
ATOM   162 C  "C5'"  . A   A 1 6  ? -0.57966  1.88940   -9.71408  1.000 16.01793 ?  1006 A   A "C5'"  1 
ATOM   163 C  "C4'"  . A   A 1 6  ? 0.83063   2.34021   -9.53249  1.000 15.82896 ?  1006 A   A "C4'"  1 
ATOM   164 O  "O4'"  . A   A 1 6  ? 0.83326   3.48139   -8.64864  1.000 15.22297 ?  1006 A   A "O4'"  1 
ATOM   165 C  "C3'"  . A   A 1 6  ? 1.77055   1.35686   -8.85071  1.000 15.28452 ?  1006 A   A "C3'"  1 
ATOM   166 O  "O3'"  . A   A 1 6  ? 2.21754   0.35168   -9.74413  1.000 15.68363 ?  1006 A   A "O3'"  1 
ATOM   167 C  "C2'"  . A   A 1 6  ? 2.85948   2.27919   -8.32439  1.000 15.38139 ?  1006 A   A "C2'"  1 
ATOM   168 O  "O2'"  . A   A 1 6  ? 3.70016   2.69586   -9.38040  1.000 16.82549 ?  1006 A   A "O2'"  1 
ATOM   169 C  "C1'"  . A   A 1 6  ? 2.00872   3.45590   -7.85693  1.000 15.16560 ?  1006 A   A "C1'"  1 
ATOM   170 N  N9     . A   A 1 6  ? 1.60509   3.31179   -6.45455  1.000 14.27001 ?  1006 A   A N9     1 
ATOM   171 C  C8     . A   A 1 6  ? 0.43593   2.79893   -5.97018  1.000 15.66208 ?  1006 A   A C8     1 
ATOM   172 N  N7     . A   A 1 6  ? 0.34621   2.83997   -4.65837  1.000 13.99354 ?  1006 A   A N7     1 
ATOM   173 C  C5     . A   A 1 6  ? 1.56505   3.37238   -4.26294  1.000 14.14551 ?  1006 A   A C5     1 
ATOM   174 C  C6     . A   A 1 6  ? 2.09749   3.69717   -3.00365  1.000 14.79329 ?  1006 A   A C6     1 
ATOM   175 N  N6     . A   A 1 6  ? 1.44611   3.50667   -1.83956  1.000 14.69813 ?  1006 A   A N6     1 
ATOM   176 N  N1     . A   A 1 6  ? 3.34035   4.24407   -2.95263  1.000 15.22620 ?  1006 A   A N1     1 
ATOM   177 C  C2     . A   A 1 6  ? 3.99509   4.44460   -4.09837  1.000 15.03011 ?  1006 A   A C2     1 
ATOM   178 N  N3     . A   A 1 6  ? 3.59283   4.18078   -5.34584  1.000 14.90258 ?  1006 A   A N3     1 
ATOM   179 C  C4     . A   A 1 6  ? 2.35093   3.65425   -5.37635  1.000 14.72617 ?  1006 A   A C4     1 
ATOM   180 H  "H5'"  . A   A 1 6  ? -1.11937  2.63192   -10.02665 1.000 19.20423 ?  1006 A   A "H5'"  1 
ATOM   181 H  "H5''" . A   A 1 6  ? -0.61161  1.17652   -10.37040 1.000 19.20423 ?  1006 A   A "H5''" 1 
ATOM   182 H  "H4'"  . A   A 1 6  ? 1.20710   2.57740   -10.39407 1.000 18.97747 ?  1006 A   A "H4'"  1 
ATOM   183 H  "H3'"  . A   A 1 6  ? 1.33884   0.93296   -8.09259  1.000 18.32413 ?  1006 A   A "H3'"  1 
ATOM   184 H  "H2'"  . A   A 1 6  ? 3.37164   1.89260   -7.59737  1.000 18.44038 ?  1006 A   A "H2'"  1 
ATOM   185 H  "HO2'" . A   A 1 6  ? 3.86776   2.03615   -9.87275  1.000 20.17329 ?  1006 A   A "HO2'" 1 
ATOM   186 H  "H1'"  . A   A 1 6  ? 2.50473   4.28068   -7.97896  1.000 18.18142 ?  1006 A   A "H1'"  1 
ATOM   187 H  H8     . A   A 1 6  ? -0.23327  2.45209   -6.51546  1.000 18.77721 ?  1006 A   A H8     1 
ATOM   188 H  H61    . A   A 1 6  ? 1.81724   3.72903   -1.09646  1.000 17.62046 ?  1006 A   A H61    1 
ATOM   189 H  H62    . A   A 1 6  ? 0.65796   3.16153   -1.84006  1.000 17.62046 ?  1006 A   A H62    1 
ATOM   190 H  H2     . A   A 1 6  ? 4.84369   4.81826   -4.01812  1.000 18.01884 ?  1006 A   A H2     1 
ATOM   191 P  P      . U   A 1 7  ? 2.58053   -1.10267  -9.20297  1.000 16.00166 ?  1007 U   A P      1 
ATOM   192 O  OP1    . U   A 1 7  ? 2.74972   -1.92337  -10.39715 1.000 17.58751 ?  1007 U   A OP1    1 
ATOM   193 O  OP2    . U   A 1 7  ? 1.62824   -1.52578  -8.15116  1.000 17.29010 ?  1007 U   A OP2    1 
ATOM   194 O  "O5'"  . U   A 1 7  ? 3.95730   -0.90947  -8.43722  1.000 15.12722 ?  1007 U   A "O5'"  1 
ATOM   195 C  "C5'"  . U   A 1 7  ? 5.13261   -0.49071  -9.10572  1.000 15.97656 ?  1007 U   A "C5'"  1 
ATOM   196 C  "C4'"  . U   A 1 7  ? 6.15859   -0.07562  -8.09150  1.000 15.72291 ?  1007 U   A "C4'"  1 
ATOM   197 O  "O4'"  . U   A 1 7  ? 5.64966   1.00061   -7.26006  1.000 14.88172 ?  1007 U   A "O4'"  1 
ATOM   198 C  "C3'"  . U   A 1 7  ? 6.54215   -1.14917  -7.08909  1.000 14.55647 ?  1007 U   A "C3'"  1 
ATOM   199 O  "O3'"  . U   A 1 7  ? 7.43590   -2.09855  -7.64847  1.000 15.00971 ?  1007 U   A "O3'"  1 
ATOM   200 C  "C2'"  . U   A 1 7  ? 7.14699   -0.31658  -5.98588  1.000 14.97574 ?  1007 U   A "C2'"  1 
ATOM   201 O  "O2'"  . U   A 1 7  ? 8.42146   0.15485   -6.38870  1.000 15.75517 ?  1007 U   A "O2'"  1 
ATOM   202 C  "C1'"  . U   A 1 7  ? 6.16071   0.85483   -5.95229  1.000 14.64222 ?  1007 U   A "C1'"  1 
ATOM   203 N  N1     . U   A 1 7  ? 5.03363   0.65191   -5.01398  1.000 14.00421 ?  1007 U   A N1     1 
ATOM   204 C  C2     . U   A 1 7  ? 5.27432   0.99737   -3.70340  1.000 14.84541 ?  1007 U   A C2     1 
ATOM   205 O  O2     . U   A 1 7  ? 6.35033   1.36042   -3.28951  1.000 16.79714 ?  1007 U   A O2     1 
ATOM   206 N  N3     . U   A 1 7  ? 4.20186   0.83046   -2.86276  1.000 15.58749 ?  1007 U   A N3     1 
ATOM   207 C  C4     . U   A 1 7  ? 2.93479   0.40630   -3.20445  1.000 14.94938 ?  1007 U   A C4     1 
ATOM   208 O  O4     . U   A 1 7  ? 2.06087   0.36409   -2.33350  1.000 15.76973 ?  1007 U   A O4     1 
ATOM   209 C  C5     . U   A 1 7  ? 2.79100   0.04900   -4.58180  1.000 15.21302 ?  1007 U   A C5     1 
ATOM   210 C  C6     . U   A 1 7  ? 3.80587   0.20104   -5.42080  1.000 14.99869 ?  1007 U   A C6     1 
ATOM   211 H  "H5'"  . U   A 1 7  ? 4.92759   0.25833   -9.68737  1.000 19.15458 ?  1007 U   A "H5'"  1 
ATOM   212 H  "H5''" . U   A 1 7  ? 5.48044   -1.22119  -9.64144  1.000 19.15458 ?  1007 U   A "H5''" 1 
ATOM   213 H  "H4'"  . U   A 1 7  ? 6.94693   0.24536   -8.55608  1.000 18.85020 ?  1007 U   A "H4'"  1 
ATOM   214 H  "H3'"  . U   A 1 7  ? 5.75555   -1.60792  -6.75494  1.000 17.45047 ?  1007 U   A "H3'"  1 
ATOM   215 H  "H2'"  . U   A 1 7  ? 7.18596   -0.77509  -5.13207  1.000 17.95359 ?  1007 U   A "H2'"  1 
ATOM   216 H  "HO2'" . U   A 1 7  ? 8.69795   0.71353   -5.82525  1.000 18.88891 ?  1007 U   A "HO2'" 1 
ATOM   217 H  "H1'"  . U   A 1 7  ? 6.63164   1.66038   -5.68596  1.000 17.55337 ?  1007 U   A "H1'"  1 
ATOM   218 H  H3     . U   A 1 7  ? 4.33553   1.00968   -2.03203  1.000 18.68770 ?  1007 U   A H3     1 
ATOM   219 H  H5     . U   A 1 7  ? 1.98206   -0.29175  -4.89053  1.000 18.23834 ?  1007 U   A H5     1 
ATOM   220 H  H6     . U   A 1 7  ? 3.67995   -0.00668  -6.31906  1.000 17.98114 ?  1007 U   A H6     1 
ATOM   221 P  P      . U   A 1 8  ? 7.47479   -3.58391  -7.11086  1.000 16.14273 ?  1008 U   A P      1 
ATOM   222 O  OP1    . U   A 1 8  ? 8.39815   -4.30854  -7.99702  1.000 18.50373 ?  1008 U   A OP1    1 
ATOM   223 O  OP2    . U   A 1 8  ? 6.12082   -4.12707  -6.87507  1.000 17.12924 ?  1008 U   A OP2    1 
ATOM   224 O  "O5'"  . U   A 1 8  ? 8.12748   -3.46509  -5.67741  1.000 15.92603 ?  1008 U   A "O5'"  1 
ATOM   225 C  "C5'"  . U   A 1 8  ? 9.48164   -3.07027  -5.52577  1.000 16.68622 ?  1008 U   A "C5'"  1 
ATOM   226 C  "C4'"  . U   A 1 8  ? 9.81122   -2.91120  -4.07001  1.000 16.98020 ?  1008 U   A "C4'"  1 
ATOM   227 O  "O4'"  . U   A 1 8  ? 9.05770   -1.83063  -3.45966  1.000 16.53487 ?  1008 U   A "O4'"  1 
ATOM   228 C  "C3'"  . U   A 1 8  ? 9.49658   -4.10833  -3.18553  1.000 17.89906 ?  1008 U   A "C3'"  1 
ATOM   229 O  "O3'"  . U   A 1 8  ? 10.41368  -5.16777  -3.36858  1.000 21.44125 ?  1008 U   A "O3'"  1 
ATOM   230 C  "C2'"  . U   A 1 8  ? 9.50408   -3.47035  -1.81061  1.000 18.73924 ?  1008 U   A "C2'"  1 
ATOM   231 O  "O2'"  . U   A 1 8  ? 10.83839  -3.16615  -1.41773  1.000 20.36908 ?  1008 U   A "O2'"  1 
ATOM   232 C  "C1'"  . U   A 1 8  ? 8.78405   -2.16616  -2.11402  1.000 16.48186 ?  1008 U   A "C1'"  1 
ATOM   233 N  N1     . U   A 1 8  ? 7.31797   -2.26372  -1.97704  1.000 15.32348 ?  1008 U   A N1     1 
ATOM   234 C  C2     . U   A 1 8  ? 6.75749   -2.05335  -0.73834  1.000 15.20160 ?  1008 U   A C2     1 
ATOM   235 O  O2     . U   A 1 8  ? 7.42206   -1.84623  0.26766   1.000 15.99991 ?  1008 U   A O2     1 
ATOM   236 N  N3     . U   A 1 8  ? 5.39833   -2.07200  -0.70778  1.000 15.16916 ?  1008 U   A N3     1 
ATOM   237 C  C4     . U   A 1 8  ? 4.53579   -2.35691  -1.74737  1.000 15.36950 ?  1008 U   A C4     1 
ATOM   238 O  O4     . U   A 1 8  ? 3.31515   -2.37994  -1.53374  1.000 15.62669 ?  1008 U   A O4     1 
ATOM   239 C  C5     . U   A 1 8  ? 5.18488   -2.58525  -2.99957  1.000 15.53746 ?  1008 U   A C5     1 
ATOM   240 C  C6     . U   A 1 8  ? 6.52473   -2.53637  -3.04617  1.000 15.25872 ?  1008 U   A C6     1 
ATOM   241 H  "H5'"  . U   A 1 8  ? 9.62455   -2.22653  -5.98213  1.000 20.00617 ?  1008 U   A "H5'"  1 
ATOM   242 H  "H5''" . U   A 1 8  ? 10.06040  -3.74293  -5.91598  1.000 20.00617 ?  1008 U   A "H5''" 1 
ATOM   243 H  "H4'"  . U   A 1 8  ? 10.75325  -2.68707  -4.00551  1.000 20.35894 ?  1008 U   A "H4'"  1 
ATOM   244 H  "H3'"  . U   A 1 8  ? 8.60555   -4.44895  -3.36164  1.000 21.46158 ?  1008 U   A "H3'"  1 
ATOM   245 H  "H2'"  . U   A 1 8  ? 9.04212   -4.00249  -1.14452  1.000 22.46980 ?  1008 U   A "H2'"  1 
ATOM   246 H  "HO2'" . U   A 1 8  ? 11.28041  -3.87920  -1.37677  1.000 24.42560 ?  1008 U   A "HO2'" 1 
ATOM   247 H  "H1'"  . U   A 1 8  ? 9.12171   -1.48458  -1.51168  1.000 19.76094 ?  1008 U   A "H1'"  1 
ATOM   248 H  H3     . U   A 1 8  ? 5.03267   -1.88403  0.04742   1.000 18.18570 ?  1008 U   A H3     1 
ATOM   249 H  H5     . U   A 1 8  ? 4.68934   -2.76422  -3.76610  1.000 18.62766 ?  1008 U   A H5     1 
ATOM   250 H  H6     . U   A 1 8  ? 6.93871   -2.70096  -3.86311  1.000 18.29317 ?  1008 U   A H6     1 
ATOM   251 P  P      . A   A 1 9  ? 9.90023   -6.69628  -3.45770  1.000 23.95089 ?  1009 A   A P      1 
ATOM   252 O  OP1    . A   A 1 9  ? 11.02463  -7.46614  -4.05243  1.000 26.58445 ?  1009 A   A OP1    1 
ATOM   253 O  OP2    . A   A 1 9  ? 8.55981   -6.80340  -4.07206  1.000 25.14716 ?  1009 A   A OP2    1 
ATOM   254 O  "O5'"  . A   A 1 9  ? 9.69048   -7.11956  -1.94055  1.000 20.71850 ?  1009 A   A "O5'"  1 
ATOM   255 C  "C5'"  . A   A 1 9  ? 10.81467  -7.32409  -1.12417  1.000 19.10432 ?  1009 A   A "C5'"  1 
ATOM   256 C  "C4'"  . A   A 1 9  ? 10.42236  -7.20037  0.30114   1.000 16.52822 ?  1009 A   A "C4'"  1 
ATOM   257 O  "O4'"  . A   A 1 9  ? 9.85907   -5.88589  0.55050   1.000 16.46324 ?  1009 A   A "O4'"  1 
ATOM   258 C  "C3'"  . A   A 1 9  ? 9.33887   -8.13289  0.78648   1.000 14.71903 ?  1009 A   A "C3'"  1 
ATOM   259 O  "O3'"  . A   A 1 9  ? 9.81338   -9.45915  0.95834   1.000 14.74791 ?  1009 A   A "O3'"  1 
ATOM   260 C  "C2'"  . A   A 1 9  ? 8.91013   -7.42725  2.06396   1.000 14.78759 ?  1009 A   A "C2'"  1 
ATOM   261 O  "O2'"  . A   A 1 9  ? 9.89037   -7.57672  3.06439   1.000 15.27287 ?  1009 A   A "O2'"  1 
ATOM   262 C  "C1'"  . A   A 1 9  ? 8.92213   -5.97087  1.59302   1.000 14.84632 ?  1009 A   A "C1'"  1 
ATOM   263 N  N9     . A   A 1 9  ? 7.59244   -5.63187  1.06513   1.000 14.21402 ?  1009 A   A N9     1 
ATOM   264 C  C8     . A   A 1 9  ? 7.14181   -5.69120  -0.23474  1.000 13.80900 ?  1009 A   A C8     1 
ATOM   265 N  N7     . A   A 1 9  ? 5.86602   -5.38368  -0.35006  1.000 12.86877 ?  1009 A   A N7     1 
ATOM   266 C  C5     . A   A 1 9  ? 5.47171   -5.16625  0.96010   1.000 12.40064 ?  1009 A   A C5     1 
ATOM   267 C  C6     . A   A 1 9  ? 4.20517   -4.86911  1.49290   1.000 12.16507 ?  1009 A   A C6     1 
ATOM   268 N  N6     . A   A 1 9  ? 3.10205   -4.71042  0.76862   1.000 12.50835 ?  1009 A   A N6     1 
ATOM   269 N  N1     . A   A 1 9  ? 4.10764   -4.74772  2.82029   1.000 12.36223 ?  1009 A   A N1     1 
ATOM   270 C  C2     . A   A 1 9  ? 5.22334   -4.93427  3.54823   1.000 13.39821 ?  1009 A   A C2     1 
ATOM   271 N  N3     . A   A 1 9  ? 6.47578   -5.21078  3.18352   1.000 13.60740 ?  1009 A   A N3     1 
ATOM   272 C  C4     . A   A 1 9  ? 6.49438   -5.33478  1.85509   1.000 13.31002 ?  1009 A   A C4     1 
ATOM   273 H  "H5'"  . A   A 1 9  ? 11.49252  -6.66171  -1.33191  1.000 22.90789 ?  1009 A   A "H5'"  1 
ATOM   274 H  "H5''" . A   A 1 9  ? 11.17765  -8.20908  -1.28615  1.000 22.90789 ?  1009 A   A "H5''" 1 
ATOM   275 H  "H4'"  . A   A 1 9  ? 11.21659  -7.32437  0.84496   1.000 19.81657 ?  1009 A   A "H4'"  1 
ATOM   276 H  "H3'"  . A   A 1 9  ? 8.58799   -8.15662  0.17304   1.000 17.64554 ?  1009 A   A "H3'"  1 
ATOM   277 H  "H2'"  . A   A 1 9  ? 8.03580   -7.71152  2.37059   1.000 17.72782 ?  1009 A   A "H2'"  1 
ATOM   278 H  "HO2'" . A   A 1 9  ? 9.68625   -7.09258  3.72082   1.000 18.31015 ?  1009 A   A "HO2'" 1 
ATOM   279 H  "H1'"  . A   A 1 9  ? 9.18516   -5.35958  2.29913   1.000 17.79829 ?  1009 A   A "H1'"  1 
ATOM   280 H  H8     . A   A 1 9  ? 7.68195   -5.92366  -0.95469  1.000 16.55350 ?  1009 A   A H8     1 
ATOM   281 H  H61    . A   A 1 9  ? 2.35455   -4.53569  1.15632   1.000 14.99273 ?  1009 A   A H61    1 
ATOM   282 H  H62    . A   A 1 9  ? 3.13533   -4.78394  -0.08744  1.000 14.99273 ?  1009 A   A H62    1 
ATOM   283 H  H2     . A   A 1 9  ? 5.09999   -4.85796  4.46675   1.000 16.06056 ?  1009 A   A H2     1 
ATOM   284 P  P      . G   A 1 10 ? 8.81734   -10.70920 0.91703   1.000 15.03061 ?  1010 G   A P      1 
ATOM   285 O  OP1    . G   A 1 10 ? 9.66785   -11.90021 1.11195   1.000 17.45104 ?  1010 G   A OP1    1 
ATOM   286 O  OP2    . G   A 1 10 ? 7.89405   -10.65210 -0.23777  1.000 17.51974 ?  1010 G   A OP2    1 
ATOM   287 O  "O5'"  . G   A 1 10 ? 7.88602   -10.48105 2.17222   1.000 14.92995 ?  1010 G   A "O5'"  1 
ATOM   288 C  "C5'"  . G   A 1 10 ? 8.43126   -10.51814 3.46861   1.000 15.02369 ?  1010 G   A "C5'"  1 
ATOM   289 C  "C4'"  . G   A 1 10 ? 7.40213   -10.13250 4.47579   1.000 14.49971 ?  1010 G   A "C4'"  1 
ATOM   290 O  "O4'"  . G   A 1 10 ? 6.83993   -8.82962  4.18164   1.000 14.38679 ?  1010 G   A "O4'"  1 
ATOM   291 C  "C3'"  . G   A 1 10 ? 6.18483   -11.04451 4.54241   1.000 15.51571 ?  1010 G   A "C3'"  1 
ATOM   292 O  "O3'"  . G   A 1 10 ? 6.47934   -12.22897 5.23712   1.000 16.87918 ?  1010 G   A "O3'"  1 
ATOM   293 C  "C2'"  . G   A 1 10 ? 5.16521   -10.14236 5.22378   1.000 15.52215 ?  1010 G   A "C2'"  1 
ATOM   294 O  "O2'"  . G   A 1 10 ? 5.46181   -10.07276 6.61523   1.000 16.40850 ?  1010 G   A "O2'"  1 
ATOM   295 C  "C1'"  . G   A 1 10 ? 5.47628   -8.81202  4.54777   1.000 13.28400 ?  1010 G   A "C1'"  1 
ATOM   296 N  N9     . G   A 1 10 ? 4.67254   -8.60374  3.33359   1.000 12.12834 ?  1010 G   A N9     1 
ATOM   297 C  C8     . G   A 1 10 ? 5.06252   -8.63913  2.02617   1.000 13.01563 ?  1010 G   A C8     1 
ATOM   298 N  N7     . G   A 1 10 ? 4.09579   -8.34011  1.20267   1.000 12.50530 ?  1010 G   A N7     1 
ATOM   299 C  C5     . G   A 1 10 ? 3.01974   -8.03986  2.02571   1.000 12.28295 ?  1010 G   A C5     1 
ATOM   300 C  C6     . G   A 1 10 ? 1.68450   -7.65859  1.70225   1.000 11.83060 ?  1010 G   A C6     1 
ATOM   301 O  O6     . G   A 1 10 ? 1.24670   -7.47594  0.57926   1.000 12.96029 ?  1010 G   A O6     1 
ATOM   302 N  N1     . G   A 1 10 ? 0.89300   -7.47752  2.83941   1.000 12.16034 ?  1010 G   A N1     1 
ATOM   303 C  C2     . G   A 1 10 ? 1.33380   -7.68009  4.11925   1.000 12.43771 ?  1010 G   A C2     1 
ATOM   304 N  N2     . G   A 1 10 ? 0.40229   -7.49249  5.06970   1.000 13.61529 ?  1010 G   A N2     1 
ATOM   305 N  N3     . G   A 1 10 ? 2.57346   -8.02001  4.41888   1.000 12.73763 ?  1010 G   A N3     1 
ATOM   306 C  C4     . G   A 1 10 ? 3.35993   -8.18014  3.33373   1.000 12.44596 ?  1010 G   A C4     1 
ATOM   307 H  "H5'"  . G   A 1 10 ? 9.17991   -9.90370  3.52047   1.000 18.01114 ?  1010 G   A "H5'"  1 
ATOM   308 H  "H5''" . G   A 1 10 ? 8.74735   -11.41625 3.65905   1.000 18.01114 ?  1010 G   A "H5''" 1 
ATOM   309 H  "H4'"  . G   A 1 10 ? 7.82839   -10.08125 5.34512   1.000 17.38236 ?  1010 G   A "H4'"  1 
ATOM   310 H  "H3'"  . G   A 1 10 ? 5.85607   -11.26469 3.65739   1.000 18.60156 ?  1010 G   A "H3'"  1 
ATOM   311 H  "H2'"  . G   A 1 10 ? 4.24220   -10.39717 5.06872   1.000 18.60929 ?  1010 G   A "H2'"  1 
ATOM   312 H  "HO2'" . G   A 1 10 ? 5.09258   -9.39198  6.94052   1.000 19.67291 ?  1010 G   A "HO2'" 1 
ATOM   313 H  "H1'"  . G   A 1 10 ? 5.31225   -8.08678  5.17130   1.000 15.92351 ?  1010 G   A "H1'"  1 
ATOM   314 H  H8     . G   A 1 10 ? 5.92418   -8.85360  1.75160   1.000 15.60146 ?  1010 G   A H8     1 
ATOM   315 H  H1     . G   A 1 10 ? 0.07877   -7.22424  2.72804   1.000 14.57512 ?  1010 G   A H1     1 
ATOM   316 H  H21    . G   A 1 10 ? -0.39841  -7.27120  4.84883   1.000 16.32105 ?  1010 G   A H21    1 
ATOM   317 H  H22    . G   A 1 10 ? 0.60808   -7.59347  5.89923   1.000 16.32105 ?  1010 G   A H22    1 
ATOM   318 P  P      . C   A 1 11 ? 5.81724   -13.62222 4.79795   1.000 18.51921 ?  1011 C   A P      1 
ATOM   319 O  OP1    . C   A 1 11 ? 6.48189   -14.63944 5.60165   1.000 20.88376 ?  1011 C   A OP1    1 
ATOM   320 O  OP2    . C   A 1 11 ? 5.85073   -13.74750 3.33024   1.000 19.55302 ?  1011 C   A OP2    1 
ATOM   321 O  "O5'"  . C   A 1 11 ? 4.30623   -13.47171 5.23960   1.000 17.79375 ?  1011 C   A "O5'"  1 
ATOM   322 C  "C5'"  . C   A 1 11 ? 3.96886   -13.31569 6.60630   1.000 17.35425 ?  1011 C   A "C5'"  1 
ATOM   323 C  "C4'"  . C   A 1 11 ? 2.57098   -12.80507 6.77260   1.000 16.76358 ?  1011 C   A "C4'"  1 
ATOM   324 O  "O4'"  . C   A 1 11 ? 2.41704   -11.55016 6.09767   1.000 15.83895 ?  1011 C   A "O4'"  1 
ATOM   325 C  "C3'"  . C   A 1 11 ? 1.47074   -13.65411 6.18353   1.000 16.32864 ?  1011 C   A "C3'"  1 
ATOM   326 O  "O3'"  . C   A 1 11 ? 1.13828   -14.72833 7.01588   1.000 17.46168 ?  1011 C   A "O3'"  1 
ATOM   327 C  "C2'"  . C   A 1 11 ? 0.33717   -12.66208 6.04503   1.000 15.95775 ?  1011 C   A "C2'"  1 
ATOM   328 O  "O2'"  . C   A 1 11 ? -0.24189  -12.39604 7.31613   1.000 16.97855 ?  1011 C   A "O2'"  1 
ATOM   329 C  "C1'"  . C   A 1 11 ? 1.10633   -11.44206 5.58882   1.000 15.54770 ?  1011 C   A "C1'"  1 
ATOM   330 N  N1     . C   A 1 11 ? 1.19728   -11.33439 4.12311   1.000 14.34277 ?  1011 C   A N1     1 
ATOM   331 C  C2     . C   A 1 11 ? 0.09498   -10.81742 3.46872   1.000 14.10302 ?  1011 C   A C2     1 
ATOM   332 O  O2     . C   A 1 11 ? -0.88374  -10.52333 4.15535   1.000 14.16611 ?  1011 C   A O2     1 
ATOM   333 N  N3     . C   A 1 11 ? 0.12103   -10.61603 2.13222   1.000 13.61189 ?  1011 C   A N3     1 
ATOM   334 C  C4     . C   A 1 11 ? 1.20718   -10.97581 1.44181   1.000 13.37408 ?  1011 C   A C4     1 
ATOM   335 N  N4     . C   A 1 11 ? 1.15660   -10.72684 0.13089   1.000 14.02478 ?  1011 C   A N4     1 
ATOM   336 C  C5     . C   A 1 11 ? 2.34766   -11.52147 2.07560   1.000 14.40691 ?  1011 C   A C5     1 
ATOM   337 C  C6     . C   A 1 11 ? 2.28987   -11.69440 3.39958   1.000 14.42075 ?  1011 C   A C6     1 
ATOM   338 H  "H5'"  . C   A 1 11 ? 4.58578   -12.68949 7.01558   1.000 20.80780 ?  1011 C   A "H5'"  1 
ATOM   339 H  "H5''" . C   A 1 11 ? 4.04842   -14.17443 7.05207   1.000 20.80780 ?  1011 C   A "H5''" 1 
ATOM   340 H  "H4'"  . C   A 1 11 ? 2.40637   -12.68100 7.72044   1.000 20.09901 ?  1011 C   A "H4'"  1 
ATOM   341 H  "H3'"  . C   A 1 11 ? 1.73755   -13.97296 5.30754   1.000 19.57707 ?  1011 C   A "H3'"  1 
ATOM   342 H  "H2'"  . C   A 1 11 ? -0.33317  -12.93490 5.39961   1.000 19.13201 ?  1011 C   A "H2'"  1 
ATOM   343 H  "HO2'" . C   A 1 11 ? -0.83284  -11.80531 7.22918   1.000 20.35696 ?  1011 C   A "HO2'" 1 
ATOM   344 H  "H1'"  . C   A 1 11 ? 0.67214   -10.64969 5.94251   1.000 18.63995 ?  1011 C   A "H1'"  1 
ATOM   345 H  H41    . C   A 1 11 ? 1.82307   -10.93420 -0.37188  1.000 16.81244 ?  1011 C   A H41    1 
ATOM   346 H  H42    . C   A 1 11 ? 0.45854   -10.36020 -0.21095  1.000 16.81244 ?  1011 C   A H42    1 
ATOM   347 H  H5     . C   A 1 11 ? 3.10750   -11.75077 1.58978   1.000 17.27100 ?  1011 C   A H5     1 
ATOM   348 H  H6     . C   A 1 11 ? 3.01862   -12.07067 3.83780   1.000 17.28761 ?  1011 C   A H6     1 
ATOM   349 P  P      . G   A 1 12 ? 0.67039   -16.09792 6.36405   1.000 18.56020 ?  1012 G   A P      1 
ATOM   350 O  OP1    . G   A 1 12 ? 0.42965   -17.01356 7.50094   1.000 21.10700 ?  1012 G   A OP1    1 
ATOM   351 O  OP2    . G   A 1 12 ? 1.54672   -16.53947 5.28237   1.000 20.51866 ?  1012 G   A OP2    1 
ATOM   352 O  "O5'"  . G   A 1 12 ? -0.72124  -15.75648 5.67943   1.000 16.58969 ?  1012 G   A "O5'"  1 
ATOM   353 C  "C5'"  . G   A 1 12 ? -1.84008  -15.46939 6.50124   1.000 16.30660 ?  1012 G   A "C5'"  1 
ATOM   354 C  "C4'"  . G   A 1 12 ? -3.00932  -15.06010 5.68421   1.000 15.43784 ?  1012 G   A "C4'"  1 
ATOM   355 O  "O4'"  . G   A 1 12 ? -2.67002  -13.87969 4.91922   1.000 15.13632 ?  1012 G   A "O4'"  1 
ATOM   356 C  "C3'"  . G   A 1 12 ? -3.46755  -16.04440 4.62481   1.000 15.50347 ?  1012 G   A "C3'"  1 
ATOM   357 O  "O3'"  . G   A 1 12 ? -4.23175  -17.11501 5.15218   1.000 17.17352 ?  1012 G   A "O3'"  1 
ATOM   358 C  "C2'"  . G   A 1 12 ? -4.27351  -15.14741 3.70978   1.000 14.63261 ?  1012 G   A "C2'"  1 
ATOM   359 O  "O2'"  . G   A 1 12 ? -5.54097  -14.85012 4.29434   1.000 16.25380 ?  1012 G   A "O2'"  1 
ATOM   360 C  "C1'"  . G   A 1 12 ? -3.44044  -13.87433 3.73036   1.000 14.62364 ?  1012 G   A "C1'"  1 
ATOM   361 N  N9     . G   A 1 12 ? -2.52206  -13.75800 2.59273   1.000 13.81274 ?  1012 G   A N9     1 
ATOM   362 C  C8     . G   A 1 12 ? -1.18713  -14.06003 2.54518   1.000 14.45379 ?  1012 G   A C8     1 
ATOM   363 N  N7     . G   A 1 12 ? -0.64834  -13.82414 1.37054   1.000 14.03963 ?  1012 G   A N7     1 
ATOM   364 C  C5     . G   A 1 12 ? -1.71623  -13.35098 0.61420   1.000 13.47573 ?  1012 G   A C5     1 
ATOM   365 C  C6     . G   A 1 12 ? -1.78203  -12.91493 -0.72345  1.000 13.26640 ?  1012 G   A C6     1 
ATOM   366 O  O6     . G   A 1 12 ? -0.87168  -12.82181 -1.57037  1.000 13.32892 ?  1012 G   A O6     1 
ATOM   367 N  N1     . G   A 1 12 ? -3.09121  -12.55092 -1.06843  1.000 12.80828 ?  1012 G   A N1     1 
ATOM   368 C  C2     . G   A 1 12 ? -4.20797  -12.60349 -0.24872  1.000 12.95824 ?  1012 G   A C2     1 
ATOM   369 N  N2     . G   A 1 12 ? -5.36671  -12.21882 -0.80446  1.000 14.29654 ?  1012 G   A N2     1 
ATOM   370 N  N3     . G   A 1 12 ? -4.12821  -12.97237 0.99946   1.000 13.69725 ?  1012 G   A N3     1 
ATOM   371 C  C4     . G   A 1 12 ? -2.88292  -13.33576 1.35071   1.000 13.73498 ?  1012 G   A C4     1 
ATOM   372 H  "H5'"  . G   A 1 12 ? -1.61161  -14.75134 7.11226   1.000 19.55063 ?  1012 G   A "H5'"  1 
ATOM   373 H  "H5''" . G   A 1 12 ? -2.07050  -16.25929 7.01453   1.000 19.55063 ?  1012 G   A "H5''" 1 
ATOM   374 H  "H4'"  . G   A 1 12 ? -3.75278  -14.86589 6.27597   1.000 18.50811 ?  1012 G   A "H4'"  1 
ATOM   375 H  "H3'"  . G   A 1 12 ? -2.69461  -16.40213 4.16111   1.000 18.58687 ?  1012 G   A "H3'"  1 
ATOM   376 H  "HO3'" . G   A 1 12 ? -3.98809  -17.90859 5.02184   1.000 20.59093 ?  1012 G   A "HO3'" 1 
ATOM   377 H  "H2'"  . G   A 1 12 ? -4.35484  -15.51684 2.81694   1.000 17.54184 ?  1012 G   A "H2'"  1 
ATOM   378 H  "HO2'" . G   A 1 12 ? -5.98263  -15.56085 4.36403   1.000 19.48727 ?  1012 G   A "HO2'" 1 
ATOM   379 H  "H1'"  . G   A 1 12 ? -4.04367  -13.11452 3.72559   1.000 17.53108 ?  1012 G   A "H1'"  1 
ATOM   380 H  H8     . G   A 1 12 ? -0.71169  -14.39790 3.26935   1.000 17.32725 ?  1012 G   A H8     1 
ATOM   381 H  H1     . G   A 1 12 ? -3.21310  -12.26483 -1.87068  1.000 15.35264 ?  1012 G   A H1     1 
ATOM   382 H  H21    . G   A 1 12 ? -5.38906  -11.98071 -1.63092  1.000 17.13856 ?  1012 G   A H21    1 
ATOM   383 H  H22    . G   A 1 12 ? -6.08703  -12.21037 -0.33519  1.000 17.13856 ?  1012 G   A H22    1 
HETATM 384 MG MG     . MG  B 2 .  ? 3.37099   -7.49009  -3.10874  1.000 40.54480 ?  1101 MG  A MG     1 
HETATM 385 MG MG     . MG  C 2 .  ? 0.08412   7.87496   2.72526   1.000 76.77348 ?  1102 MG  A MG     1 
HETATM 386 O  O      . HOH D 3 .  ? 4.42798   -14.42440 1.32619   1.000 40.56720 ?  1201 HOH A O      1 
HETATM 387 O  O      . HOH D 3 .  ? -0.99061  7.73308   0.75629   1.000 31.01068 ?  1202 HOH A O      1 
HETATM 388 O  O      . HOH D 3 .  ? 8.70567   -6.03040  4.74197   0.894 19.25078 ?  1203 HOH A O      1 
HETATM 389 O  O      . HOH D 3 .  ? 9.93234   1.12264   -4.52694  1.000 22.05842 ?  1204 HOH A O      1 
HETATM 390 O  O      . HOH D 3 .  ? 6.01876   -5.82075  -4.91199  1.000 34.28378 ?  1205 HOH A O      1 
HETATM 391 O  O      . HOH D 3 .  ? 4.31611   -5.75261  -2.45280  0.902 25.98575 ?  1206 HOH A O      1 
HETATM 392 O  O      . HOH D 3 .  ? -1.12680  -19.13652 7.68442   1.000 16.84765 ?  1207 HOH A O      1 
HETATM 393 O  O      . HOH D 3 .  ? 3.60210   -8.48426  7.61110   1.000 27.74893 ?  1208 HOH A O      1 
HETATM 394 O  O      . HOH D 3 .  ? 11.14723  -13.23384 -0.62753  0.829 30.35224 ?  1209 HOH A O      1 
HETATM 395 O  O      . HOH D 3 .  ? -7.10404  7.51299   -8.11969  1.000 28.77035 ?  1210 HOH A O      1 
HETATM 396 O  O      . HOH D 3 .  ? -2.52296  -19.17694 5.24052   1.000 26.61083 ?  1211 HOH A O      1 
HETATM 397 O  O      . HOH D 3 .  ? 4.31567   -4.02619  -10.98474 1.000 40.89176 ?  1212 HOH A O      1 
HETATM 398 O  O      . HOH D 3 .  ? 10.80823  -10.14068 -4.22273  1.000 41.28571 ?  1213 HOH A O      1 
HETATM 399 O  O      . HOH D 3 .  ? 7.30655   -11.27315 8.17036   1.000 37.94564 ?  1214 HOH A O      1 
HETATM 400 O  O      . HOH D 3 .  ? -0.16601  12.72254  3.10525   0.936 27.09990 ?  1215 HOH A O      1 
HETATM 401 O  O      . HOH D 3 .  ? 2.01450   -6.47008  -1.81552  1.000 28.76484 ?  1216 HOH A O      1 
HETATM 402 O  O      . HOH D 3 .  ? 7.69435   -5.15830  -10.47520 0.974 37.70332 ?  1217 HOH A O      1 
HETATM 403 O  O      . HOH D 3 .  ? -5.80958  6.07276   2.75054   1.000 18.62114 ?  1218 HOH A O      1 
HETATM 404 O  O      . HOH D 3 .  ? -7.29047  -16.93364 4.24367   1.000 19.30222 ?  1219 HOH A O      1 
HETATM 405 O  O      . HOH D 3 .  ? 1.74221   -14.96150 0.71112   1.000 21.32625 ?  1220 HOH A O      1 
HETATM 406 O  O      . HOH D 3 .  ? 10.75695  -3.20422  -8.82222  1.000 27.26744 ?  1221 HOH A O      1 
HETATM 407 O  O      . HOH D 3 .  ? -0.38512  -0.61510  -6.19066  1.000 26.35561 ?  1222 HOH A O      1 
HETATM 408 O  O      . HOH D 3 .  ? 1.72108   -13.54239 -2.07075  0.917 22.17746 ?  1223 HOH A O      1 
HETATM 409 O  O      . HOH D 3 .  ? 4.26370   -8.61340  -1.52852  0.963 20.33095 ?  1224 HOH A O      1 
HETATM 410 O  O      . HOH D 3 .  ? -6.84918  15.11558  8.74706   0.965 18.61013 ?  1225 HOH A O      1 
HETATM 411 O  O      . HOH D 3 .  ? -3.08393  4.36766   -1.03692  1.000 43.36935 ?  1226 HOH A O      1 
HETATM 412 O  O      . HOH D 3 .  ? -0.07115  -3.64605  -8.70101  0.908 32.77543 ?  1227 HOH A O      1 
HETATM 413 O  O      . HOH D 3 .  ? 5.30355   4.15902   -7.63631  1.000 21.14323 ?  1228 HOH A O      1 
HETATM 414 O  O      . HOH D 3 .  ? -6.33104  11.50759  12.07729  1.000 27.67802 ?  1229 HOH A O      1 
HETATM 415 O  O      . HOH D 3 .  ? -12.16406 5.47487   2.41232   1.000 27.94349 ?  1230 HOH A O      1 
HETATM 416 O  O      . HOH D 3 .  ? -3.94833  8.32152   5.17775   1.000 21.20151 ?  1231 HOH A O      1 
HETATM 417 O  O      . HOH D 3 .  ? -1.79633  1.28794   -3.75974  0.980 37.25521 ?  1232 HOH A O      1 
HETATM 418 O  O      . HOH D 3 .  ? -9.56986  13.10545  2.80717   1.000 37.86467 ?  1233 HOH A O      1 
HETATM 419 O  O      . HOH D 3 .  ? -11.04331 1.99364   -0.43750  1.000 39.81426 ?  1234 HOH A O      1 
HETATM 420 O  O      . HOH D 3 .  ? 8.45037   3.21437   -3.06757  0.500 39.51794 ?  1235 HOH A O      1 
HETATM 421 O  O      . HOH D 3 .  ? -0.26827  6.78263   -8.83764  1.000 21.69428 ?  1236 HOH A O      1 
HETATM 422 O  O      . HOH D 3 .  ? -3.72568  6.55425   1.09481   1.000 18.59437 ?  1237 HOH A O      1 
HETATM 423 O  O      . HOH D 3 .  ? -2.31665  -10.56571 6.61444   1.000 31.19993 ?  1238 HOH A O      1 
HETATM 424 O  O      . HOH D 3 .  ? -11.07805 11.75304  -1.17151  1.000 29.18266 ?  1239 HOH A O      1 
HETATM 425 O  O      . HOH D 3 .  ? 5.60485   -12.32011 0.17032   0.934 34.20916 ?  1240 HOH A O      1 
HETATM 426 O  O      . HOH D 3 .  ? -8.40883  10.97296  -3.46413  1.000 33.03500 ?  1241 HOH A O      1 
HETATM 427 O  O      . HOH D 3 .  ? 0.59110   -13.46285 9.83870   1.000 40.18580 ?  1242 HOH A O      1 
HETATM 428 O  O      . HOH D 3 .  ? -1.37036  11.12527  5.74154   1.000 35.13301 ?  1243 HOH A O      1 
HETATM 429 O  O      . HOH D 3 .  ? -7.85520  -12.82720 0.53824   1.000 38.37845 ?  1244 HOH A O      1 
HETATM 430 O  O      . HOH D 3 .  ? 2.44610   7.10180   -9.11439  1.000 20.85545 ?  1245 HOH A O      1 
HETATM 431 O  O      . HOH D 3 .  ? 10.03368  -2.38415  1.40855   1.000 38.45395 ?  1246 HOH A O      1 
HETATM 432 O  O      . HOH D 3 .  ? -1.17037  2.41617   -1.20953  0.939 34.72981 ?  1247 HOH A O      1 
HETATM 433 O  O      . HOH D 3 .  ? 0.93441   -8.46518  7.78024   1.000 24.61372 ?  1248 HOH A O      1 
HETATM 434 O  O      . HOH D 3 .  ? 3.42430   -11.41980 -1.58784  0.976 25.48885 ?  1249 HOH A O      1 
HETATM 435 O  O      . HOH D 3 .  ? -9.72464  4.09026   -7.17636  1.000 23.91984 ?  1250 HOH A O      1 
HETATM 436 O  O      . HOH D 3 .  ? 8.37487   -14.43434 1.85708   1.000 42.22351 ?  1251 HOH A O      1 
HETATM 437 O  O      . HOH D 3 .  ? -9.56190  13.63847  -0.00262  1.000 34.63389 ?  1252 HOH A O      1 
HETATM 438 O  O      . HOH D 3 .  ? -4.92615  9.00930   -8.44480  1.000 20.99506 ?  1253 HOH A O      1 
HETATM 439 O  O      . HOH D 3 .  ? 6.82049   -8.70585  -2.20468  1.000 40.23020 ?  1254 HOH A O      1 
HETATM 440 O  O      . HOH D 3 .  ? -8.62168  3.99268   3.90008   1.000 38.94480 ?  1255 HOH A O      1 
HETATM 441 O  O      . HOH D 3 .  ? -7.03460  10.23101  -6.01130  1.000 27.67418 ?  1256 HOH A O      1 
HETATM 442 O  O      . HOH D 3 .  ? 3.14207   -3.19571  -6.10839  1.000 35.80644 ?  1257 HOH A O      1 
HETATM 443 O  O      . HOH D 3 .  ? 2.12949   15.53974  4.57772   0.963 33.13627 ?  1258 HOH A O      1 
HETATM 444 O  O      . HOH D 3 .  ? -0.82203  9.75072   3.47688   1.000 34.78113 ?  1259 HOH A O      1 
HETATM 445 O  O      . HOH D 3 .  ? -5.50482  3.50532   -0.06910  1.000 41.69031 ?  1260 HOH A O      1 
HETATM 446 O  O      . HOH D 3 .  ? -1.61091  11.25161  -8.30690  1.000 20.40400 ?  1261 HOH A O      1 
HETATM 447 O  O      . HOH D 3 .  ? 4.86575   5.85876   -10.05312 1.000 23.43883 ?  1262 HOH A O      1 
HETATM 448 O  O      . HOH D 3 .  ? 0.32458   5.72816   2.25353   1.000 39.47444 ?  1263 HOH A O      1 
HETATM 449 O  O      . HOH D 3 .  ? 8.20219   -7.21044  7.11545   1.000 36.20069 ?  1264 HOH A O      1 
HETATM 450 O  O      . HOH D 3 .  ? -1.94542  7.49781   3.30568   0.981 37.32206 ?  1265 HOH A O      1 
HETATM 451 O  O      . HOH D 3 .  ? -1.67456  8.91008   -9.73152  1.000 31.78773 ?  1266 HOH A O      1 
HETATM 452 O  O      . HOH D 3 .  ? -4.14400  -21.13181 4.30421   1.000 41.49019 ?  1267 HOH A O      1 
HETATM 453 O  O      . HOH D 3 .  ? 1.23994   2.16357   -13.41780 1.000 42.79564 ?  1268 HOH A O      1 
HETATM 454 O  O      . HOH D 3 .  ? -8.71716  9.33671   -8.63476  1.000 41.16595 ?  1269 HOH A O      1 
HETATM 455 O  O      . HOH D 3 .  ? 4.58589   -8.41826  -4.61739  0.942 36.90810 ?  1270 HOH A O      1 
HETATM 456 O  O      . HOH D 3 .  ? -3.20864  -14.54125 9.83226   0.835 23.51656 ?  1271 HOH A O      1 
HETATM 457 O  O      . HOH D 3 .  ? 1.99629   8.29593   1.83964   1.000 48.38731 ?  1272 HOH A O      1 
HETATM 458 O  O      . HOH D 3 .  ? 2.58719   -6.42854  -4.47310  0.804 38.21898 ?  1273 HOH A O      1 
HETATM 459 O  O      . HOH D 3 .  ? 1.24594   7.78992   4.59050   1.000 41.76733 ?  1274 HOH A O      1 
HETATM 460 O  O      . HOH D 3 .  ? -3.19868  -13.58093 12.19226  0.831 31.67274 ?  1275 HOH A O      1 
HETATM 461 O  O      . HOH D 3 .  ? -8.06458  11.78939  -9.72664  1.000 47.82547 ?  1276 HOH A O      1 
HETATM 462 O  O      . HOH D 3 .  ? -9.37220  15.27600  -8.76928  1.000 40.14528 ?  1277 HOH A O      1 
# 
loop_
_atom_site_anisotrop.id 
_atom_site_anisotrop.type_symbol 
_atom_site_anisotrop.pdbx_label_atom_id 
_atom_site_anisotrop.pdbx_label_alt_id 
_atom_site_anisotrop.pdbx_label_comp_id 
_atom_site_anisotrop.pdbx_label_asym_id 
_atom_site_anisotrop.pdbx_label_seq_id 
_atom_site_anisotrop.pdbx_PDB_ins_code 
_atom_site_anisotrop.U[1][1] 
_atom_site_anisotrop.U[2][2] 
_atom_site_anisotrop.U[3][3] 
_atom_site_anisotrop.U[1][2] 
_atom_site_anisotrop.U[1][3] 
_atom_site_anisotrop.U[2][3] 
_atom_site_anisotrop.pdbx_auth_seq_id 
_atom_site_anisotrop.pdbx_auth_comp_id 
_atom_site_anisotrop.pdbx_auth_asym_id 
_atom_site_anisotrop.pdbx_auth_atom_id 
1   O  "O5'" . C   A 1  ? 0.25885 0.26012 0.30696 0.00866  -0.02127 0.02756  1001 C   A "O5'" 
2   C  "C5'" . C   A 1  ? 0.25859 0.19393 0.21411 -0.00185 0.01943  0.00565  1001 C   A "C5'" 
3   C  "C4'" . C   A 1  ? 0.24733 0.16884 0.20403 -0.02366 0.00759  -0.00877 1001 C   A "C4'" 
4   O  "O4'" . C   A 1  ? 0.23015 0.17291 0.18127 -0.02193 -0.01066 -0.00446 1001 C   A "O4'" 
5   C  "C3'" . C   A 1  ? 0.26152 0.17118 0.18458 -0.02680 0.01504  0.00392  1001 C   A "C3'" 
6   O  "O3'" . C   A 1  ? 0.28184 0.17750 0.18344 -0.04813 0.00325  0.01138  1001 C   A "O3'" 
7   C  "C2'" . C   A 1  ? 0.22512 0.17926 0.19336 -0.02514 0.01481  0.00304  1001 C   A "C2'" 
8   O  "O2'" . C   A 1  ? 0.22350 0.20451 0.18977 -0.03668 0.01553  -0.00349 1001 C   A "O2'" 
9   C  "C1'" . C   A 1  ? 0.22279 0.14549 0.18915 -0.00673 0.01475  -0.01669 1001 C   A "C1'" 
10  N  N1    . C   A 1  ? 0.21199 0.14741 0.16652 -0.00735 0.01712  -0.00708 1001 C   A N1    
11  C  C2    . C   A 1  ? 0.18906 0.14423 0.16078 -0.00687 0.01302  -0.00993 1001 C   A C2    
12  O  O2    . C   A 1  ? 0.20470 0.16061 0.16552 -0.00759 0.01696  0.00555  1001 C   A O2    
13  N  N3    . C   A 1  ? 0.16784 0.14678 0.16770 0.00399  0.00924  0.00295  1001 C   A N3    
14  C  C4    . C   A 1  ? 0.19151 0.13952 0.17994 0.00090  0.01249  0.02906  1001 C   A C4    
15  N  N4    . C   A 1  ? 0.17671 0.14945 0.18449 -0.00465 0.00120  0.01489  1001 C   A N4    
16  C  C5    . C   A 1  ? 0.21900 0.15153 0.19063 -0.00137 0.00226  -0.00629 1001 C   A C5    
17  C  C6    . C   A 1  ? 0.22376 0.15395 0.20125 -0.00312 0.00529  -0.01693 1001 C   A C6    
30  P  P     . G   A 2  ? 0.28790 0.16796 0.21892 -0.03844 0.00230  0.00639  1002 G   A P     
31  O  OP1   . G   A 2  ? 0.30137 0.17521 0.23079 -0.04410 0.00115  0.02269  1002 G   A OP1   
32  O  OP2   . G   A 2  ? 0.28400 0.18037 0.24593 -0.03379 -0.00749 -0.00691 1002 G   A OP2   
33  O  "O5'" . G   A 2  ? 0.27806 0.17579 0.21705 -0.05237 0.02468  0.00039  1002 G   A "O5'" 
34  C  "C5'" . G   A 2  ? 0.27125 0.20440 0.19555 -0.05766 0.02969  -0.00962 1002 G   A "C5'" 
35  C  "C4'" . G   A 2  ? 0.25319 0.21031 0.19747 -0.06194 0.01867  0.00362  1002 G   A "C4'" 
36  O  "O4'" . G   A 2  ? 0.25823 0.20612 0.20786 -0.04124 0.02269  -0.00582 1002 G   A "O4'" 
37  C  "C3'" . G   A 2  ? 0.24668 0.22345 0.20232 -0.08142 0.03316  0.01517  1002 G   A "C3'" 
38  O  "O3'" . G   A 2  ? 0.26863 0.22572 0.21401 -0.08961 0.04084  0.02161  1002 G   A "O3'" 
39  C  "C2'" . G   A 2  ? 0.23374 0.21563 0.24050 -0.06046 0.04341  -0.01863 1002 G   A "C2'" 
40  O  "O2'" . G   A 2  ? 0.24201 0.24005 0.25593 -0.06210 0.04767  -0.03414 1002 G   A "O2'" 
41  C  "C1'" . G   A 2  ? 0.23406 0.19596 0.22639 -0.03821 0.03913  -0.01591 1002 G   A "C1'" 
42  N  N9    . G   A 2  ? 0.21959 0.15978 0.20954 -0.02353 0.03079  -0.01003 1002 G   A N9    
43  C  C8    . G   A 2  ? 0.20642 0.16341 0.18991 -0.02596 0.01547  -0.01659 1002 G   A C8    
44  N  N7    . G   A 2  ? 0.19857 0.13672 0.19304 -0.02385 0.01770  -0.00832 1002 G   A N7    
45  C  C5    . G   A 2  ? 0.19484 0.13237 0.19500 0.00590  0.01419  -0.01256 1002 G   A C5    
46  C  C6    . G   A 2  ? 0.18683 0.13774 0.19153 0.01368  0.01363  -0.00857 1002 G   A C6    
47  O  O6    . G   A 2  ? 0.19121 0.14152 0.18038 0.00717  0.00530  -0.00924 1002 G   A O6    
48  N  N1    . G   A 2  ? 0.18557 0.15426 0.17775 0.01029  0.01946  -0.01026 1002 G   A N1    
49  C  C2    . G   A 2  ? 0.20294 0.15545 0.17067 0.00452  0.01677  -0.00517 1002 G   A C2    
50  N  N2    . G   A 2  ? 0.18979 0.16986 0.18906 0.00839  0.01636  -0.00514 1002 G   A N2    
51  N  N3    . G   A 2  ? 0.19790 0.14203 0.19037 -0.00817 0.02403  -0.00446 1002 G   A N3    
52  C  C4    . G   A 2  ? 0.21164 0.14538 0.19906 -0.00482 0.02387  -0.00502 1002 G   A C4    
64  P  P     . C   A 3  ? 0.28917 0.20908 0.19314 -0.08951 0.00682  0.00600  1003 C   A P     
65  O  OP1   . C   A 3  ? 0.32561 0.21419 0.20442 -0.09777 0.01282  0.03385  1003 C   A OP1   
66  O  OP2   . C   A 3  ? 0.28476 0.20134 0.23738 -0.06323 -0.03340 0.00183  1003 C   A OP2   
67  O  "O5'" . C   A 3  ? 0.24025 0.22144 0.18520 -0.08767 0.01519  0.01328  1003 C   A "O5'" 
68  C  "C5'" . C   A 3  ? 0.21841 0.20623 0.19814 -0.05545 0.05090  -0.00875 1003 C   A "C5'" 
69  C  "C4'" . C   A 3  ? 0.17569 0.17214 0.23355 -0.03981 0.02307  -0.01810 1003 C   A "C4'" 
70  O  "O4'" . C   A 3  ? 0.15385 0.18099 0.20824 -0.03362 0.02420  -0.01814 1003 C   A "O4'" 
71  C  "C3'" . C   A 3  ? 0.14089 0.17511 0.21160 -0.03198 0.01304  -0.00605 1003 C   A "C3'" 
72  O  "O3'" . C   A 3  ? 0.16516 0.18302 0.20022 -0.04625 -0.00209 -0.00618 1003 C   A "O3'" 
73  C  "C2'" . C   A 3  ? 0.13402 0.16058 0.19371 -0.01959 0.00869  -0.00013 1003 C   A "C2'" 
74  O  "O2'" . C   A 3  ? 0.12780 0.16167 0.21924 -0.01744 0.01606  -0.01131 1003 C   A "O2'" 
75  C  "C1'" . C   A 3  ? 0.12577 0.17699 0.19179 -0.01954 0.01410  -0.00598 1003 C   A "C1'" 
76  N  N1    . C   A 3  ? 0.14933 0.14147 0.19042 -0.03150 0.02553  -0.01125 1003 C   A N1    
77  C  C2    . C   A 3  ? 0.14363 0.15069 0.20410 0.00412  0.01190  -0.00839 1003 C   A C2    
78  O  O2    . C   A 3  ? 0.11958 0.15440 0.20255 -0.00794 0.01936  0.00807  1003 C   A O2    
79  N  N3    . C   A 3  ? 0.13497 0.13416 0.19391 -0.00141 0.01504  0.00185  1003 C   A N3    
80  C  C4    . C   A 3  ? 0.14741 0.14342 0.17630 -0.02163 -0.00335 0.00150  1003 C   A C4    
81  N  N4    . C   A 3  ? 0.16177 0.16351 0.17137 -0.01156 0.00763  -0.00822 1003 C   A N4    
82  C  C5    . C   A 3  ? 0.19685 0.15177 0.19220 -0.01686 0.00981  -0.00258 1003 C   A C5    
83  C  C6    . C   A 3  ? 0.19124 0.14914 0.19654 -0.03135 0.03145  0.00436  1003 C   A C6    
95  P  P     . G   A 4  ? 0.19516 0.16263 0.23463 -0.04863 -0.00717 0.01638  1004 G   A P     
96  O  OP1   . G   A 4  ? 0.19749 0.19984 0.24702 -0.06139 0.00678  0.03064  1004 G   A OP1   
97  O  OP2   . G   A 4  ? 0.20419 0.19033 0.24004 -0.04558 -0.02747 0.01041  1004 G   A OP2   
98  O  "O5'" . G   A 4  ? 0.13713 0.17432 0.26157 -0.02570 -0.00706 0.00568  1004 G   A "O5'" 
99  C  "C5'" . G   A 4  ? 0.14693 0.15466 0.25860 -0.01611 0.00850  -0.02210 1004 G   A "C5'" 
100 C  "C4'" . G   A 4  ? 0.13522 0.14138 0.24847 -0.00911 -0.00064 -0.02794 1004 G   A "C4'" 
101 O  "O4'" . G   A 4  ? 0.13125 0.15757 0.24777 0.00132  0.01933  -0.01838 1004 G   A "O4'" 
102 C  "C3'" . G   A 4  ? 0.14409 0.15283 0.21365 -0.00508 -0.01630 -0.02256 1004 G   A "C3'" 
103 O  "O3'" . G   A 4  ? 0.15127 0.15199 0.27005 -0.01455 -0.00733 -0.03484 1004 G   A "O3'" 
104 C  "C2'" . G   A 4  ? 0.12719 0.17153 0.20999 0.00559  -0.01622 -0.01986 1004 G   A "C2'" 
105 O  "O2'" . G   A 4  ? 0.15125 0.19025 0.25707 0.01031  -0.01947 -0.02815 1004 G   A "O2'" 
106 C  "C1'" . G   A 4  ? 0.11304 0.16634 0.23457 0.00623  0.01209  -0.01101 1004 G   A "C1'" 
107 N  N9    . G   A 4  ? 0.12323 0.13708 0.22472 -0.00333 0.03233  -0.00677 1004 G   A N9    
108 C  C8    . G   A 4  ? 0.11694 0.14383 0.21344 -0.01010 0.01211  -0.00557 1004 G   A C8    
109 N  N7    . G   A 4  ? 0.13709 0.13811 0.20861 -0.01338 0.02220  -0.01051 1004 G   A N7    
110 C  C5    . G   A 4  ? 0.12728 0.12089 0.21001 0.00571  0.02391  -0.02369 1004 G   A C5    
111 C  C6    . G   A 4  ? 0.12109 0.13743 0.18560 0.00113  0.03799  -0.01816 1004 G   A C6    
112 O  O6    . G   A 4  ? 0.12950 0.14127 0.20291 -0.01147 0.01628  -0.00299 1004 G   A O6    
113 N  N1    . G   A 4  ? 0.11938 0.15164 0.18553 0.00512  0.01130  -0.02088 1004 G   A N1    
114 C  C2    . G   A 4  ? 0.13219 0.16167 0.20293 0.00949  -0.00249 -0.01119 1004 G   A C2    
115 N  N2    . G   A 4  ? 0.15043 0.20272 0.18791 0.01586  0.01025  0.00461  1004 G   A N2    
116 N  N3    . G   A 4  ? 0.11824 0.16000 0.21152 0.00182  -0.01156 -0.01633 1004 G   A N3    
117 C  C4    . G   A 4  ? 0.12082 0.14218 0.18498 0.01297  0.02055  -0.01649 1004 G   A C4    
129 P  P     . O2Z A 5  ? 0.20160 0.15543 0.31493 0.00739  -0.00757 -0.04535 1005 O2Z A P     
130 O  OP1   . O2Z A 5  ? 0.25606 0.16242 0.37127 -0.01205 0.02164  -0.05534 1005 O2Z A OP1   
131 O  OP2   . O2Z A 5  ? 0.25161 0.18610 0.30924 0.01223  -0.01662 -0.01916 1005 O2Z A OP2   
132 O  "O5'" . O2Z A 5  ? 0.15284 0.18906 0.29370 0.02425  -0.01555 -0.06086 1005 O2Z A "O5'" 
133 C  "C5'" . O2Z A 5  ? 0.15151 0.22060 0.27238 0.01584  -0.00610 -0.05377 1005 O2Z A "C5'" 
134 C  "C4'" . O2Z A 5  ? 0.14994 0.20512 0.24618 0.00740  0.00014  -0.05342 1005 O2Z A "C4'" 
135 O  "O4'" . O2Z A 5  ? 0.15480 0.19004 0.27865 0.01995  0.00701  -0.04858 1005 O2Z A "O4'" 
136 C  "C3'" . O2Z A 5  ? 0.14343 0.20490 0.25475 0.02505  0.00999  -0.06084 1005 O2Z A "C3'" 
137 O  "O3'" . O2Z A 5  ? 0.15810 0.22523 0.25578 0.01207  -0.00464 -0.07772 1005 O2Z A "O3'" 
138 C  "C2'" . O2Z A 5  ? 0.16066 0.21437 0.23884 0.03658  -0.01138 -0.04516 1005 O2Z A "C2'" 
139 C  "C1'" . O2Z A 5  ? 0.13846 0.19656 0.26195 0.02970  -0.00982 -0.04276 1005 O2Z A "C1'" 
140 N  N9    . O2Z A 5  ? 0.15679 0.15803 0.27362 0.02285  -0.01010 -0.04666 1005 O2Z A N9    
141 C  C8    . O2Z A 5  ? 0.13743 0.17019 0.31431 0.03742  -0.01194 -0.04534 1005 O2Z A C8    
142 N  N7    . O2Z A 5  ? 0.13486 0.16939 0.29892 0.01576  0.00778  -0.02977 1005 O2Z A N7    
143 C  C5    . O2Z A 5  ? 0.12318 0.14798 0.29124 0.00808  0.01635  -0.01244 1005 O2Z A C5    
144 C  C6    . O2Z A 5  ? 0.13797 0.14994 0.26609 0.02004  0.02179  0.00022  1005 O2Z A C6    
145 N  N6    . O2Z A 5  ? 0.16163 0.16156 0.27231 0.00538  -0.00040 -0.00310 1005 O2Z A N6    
146 N  N1    . O2Z A 5  ? 0.13528 0.14229 0.31202 0.01100  0.01269  -0.00103 1005 O2Z A N1    
147 C  C2    . O2Z A 5  ? 0.16977 0.16303 0.24048 0.02428  -0.00222 0.00611  1005 O2Z A C2    
148 N  N3    . O2Z A 5  ? 0.16592 0.16409 0.27378 0.03737  -0.00945 -0.00512 1005 O2Z A N3    
149 C  C4    . O2Z A 5  ? 0.15346 0.16195 0.24417 0.02159  0.01471  -0.01944 1005 O2Z A C4    
150 O  "O2'" . O2Z A 5  ? 0.17875 0.23850 0.28145 0.05062  -0.00729 -0.04127 1005 O2Z A "O2'" 
151 N  N26   . O2Z A 5  ? 0.18292 0.15839 0.24397 0.02082  0.00909  0.00846  1005 O2Z A N26   
152 N  N25   . O2Z A 5  ? 0.21120 0.18884 0.33387 -0.00215 0.01341  -0.03278 1005 O2Z A N25   
158 P  P     . A   A 6  ? 0.18416 0.20693 0.30773 0.00764  0.00785  -0.07835 1006 A   A P     
159 O  OP1   . A   A 6  ? 0.21584 0.23899 0.32216 0.01119  -0.03348 -0.06681 1006 A   A OP1   
160 O  OP2   . A   A 6  ? 0.23832 0.21378 0.29655 -0.00715 0.03635  -0.06747 1006 A   A OP2   
161 O  "O5'" . A   A 6  ? 0.17275 0.21871 0.25100 0.02549  0.00782  -0.04583 1006 A   A "O5'" 
162 C  "C5'" . A   A 6  ? 0.16114 0.22893 0.21853 0.02221  -0.00936 -0.02852 1006 A   A "C5'" 
163 C  "C4'" . A   A 6  ? 0.16913 0.22509 0.20721 0.03305  0.00885  -0.02072 1006 A   A "C4'" 
164 O  "O4'" . A   A 6  ? 0.18029 0.21078 0.18733 0.04412  -0.00188 -0.00625 1006 A   A "O4'" 
165 C  "C3'" . A   A 6  ? 0.17192 0.22406 0.18476 0.03624  0.00772  -0.03187 1006 A   A "C3'" 
166 O  "O3'" . A   A 6  ? 0.19156 0.22054 0.18380 0.00785  0.00508  -0.02628 1006 A   A "O3'" 
167 C  "C2'" . A   A 6  ? 0.15836 0.22254 0.20352 0.03667  -0.00839 -0.01408 1006 A   A "C2'" 
168 O  "O2'" . A   A 6  ? 0.16889 0.24086 0.22955 0.03687  0.01269  0.00756  1006 A   A "O2'" 
169 C  "C1'" . A   A 6  ? 0.17450 0.20339 0.19834 0.04181  0.00228  -0.00690 1006 A   A "C1'" 
170 N  N9    . A   A 6  ? 0.16503 0.15831 0.21886 0.02917  -0.01304 -0.01342 1006 A   A N9    
171 C  C8    . A   A 6  ? 0.18180 0.16429 0.24900 0.02555  0.00476  -0.00776 1006 A   A C8    
172 N  N7    . A   A 6  ? 0.19820 0.14945 0.18405 0.01953  0.01305  -0.02102 1006 A   A N7    
173 C  C5    . A   A 6  ? 0.18335 0.15680 0.19732 0.01830  -0.00633 -0.00818 1006 A   A C5    
174 C  C6    . A   A 6  ? 0.18765 0.15649 0.21794 0.01472  0.00086  0.00955  1006 A   A C6    
175 N  N6    . A   A 6  ? 0.19707 0.14499 0.21639 0.00628  -0.00110 0.00200  1006 A   A N6    
176 N  N1    . A   A 6  ? 0.19791 0.15454 0.22608 0.03012  -0.00454 -0.00255 1006 A   A N1    
177 C  C2    . A   A 6  ? 0.19922 0.15158 0.22026 0.03050  -0.01863 -0.01630 1006 A   A C2    
178 N  N3    . A   A 6  ? 0.20530 0.15763 0.20329 0.03036  -0.01195 -0.00975 1006 A   A N3    
179 C  C4    . A   A 6  ? 0.16602 0.15907 0.23445 0.02304  -0.03221 -0.01748 1006 A   A C4    
191 P  P     . U   A 7  ? 0.19434 0.19742 0.21623 0.01323  0.02744  -0.03007 1007 U   A P     
192 O  OP1   . U   A 7  ? 0.22398 0.21216 0.23211 0.00235  0.00990  -0.03128 1007 U   A OP1   
193 O  OP2   . U   A 7  ? 0.20854 0.20448 0.24392 0.01692  0.03503  -0.01184 1007 U   A OP2   
194 O  "O5'" . U   A 7  ? 0.16579 0.21816 0.19081 0.01614  0.03851  -0.04070 1007 U   A "O5'" 
195 C  "C5'" . U   A 7  ? 0.17148 0.20688 0.22867 0.01011  0.03256  -0.01580 1007 U   A "C5'" 
196 C  "C4'" . U   A 7  ? 0.17789 0.19252 0.22698 0.02319  0.02426  -0.01122 1007 U   A "C4'" 
197 O  "O4'" . U   A 7  ? 0.18636 0.17873 0.20036 0.04157  0.01168  -0.01719 1007 U   A "O4'" 
198 C  "C3'" . U   A 7  ? 0.16803 0.20167 0.18337 0.05241  0.04419  -0.01497 1007 U   A "C3'" 
199 O  "O3'" . U   A 7  ? 0.19426 0.20727 0.16877 0.03607  0.04285  -0.00602 1007 U   A "O3'" 
200 C  "C2'" . U   A 7  ? 0.18005 0.20357 0.18539 0.04306  0.02884  -0.00359 1007 U   A "C2'" 
201 O  "O2'" . U   A 7  ? 0.19118 0.18781 0.21963 0.01064  0.01593  -0.00859 1007 U   A "O2'" 
202 C  "C1'" . U   A 7  ? 0.18766 0.19652 0.17216 0.04051  0.01070  -0.00144 1007 U   A "C1'" 
203 N  N1    . U   A 7  ? 0.19558 0.15894 0.17757 0.04742  0.01084  0.00150  1007 U   A N1    
204 C  C2    . U   A 7  ? 0.20671 0.16159 0.19575 0.03071  0.01006  0.00674  1007 U   A C2    
205 O  O2    . U   A 7  ? 0.22351 0.19909 0.21562 0.01412  0.00438  -0.00440 1007 U   A O2    
206 N  N3    . U   A 7  ? 0.21635 0.17076 0.20514 0.04298  0.01595  0.00944  1007 U   A N3    
207 C  C4    . U   A 7  ? 0.21740 0.16977 0.18084 0.04045  0.01114  -0.01088 1007 U   A C4    
208 O  O4    . U   A 7  ? 0.20193 0.18772 0.20953 0.04403  0.02014  -0.01019 1007 U   A O4    
209 C  C5    . U   A 7  ? 0.21060 0.17179 0.19563 0.04253  0.00864  0.00585  1007 U   A C5    
210 C  C6    . U   A 7  ? 0.21173 0.17259 0.18556 0.04816  -0.00563 0.00814  1007 U   A C6    
221 P  P     . U   A 8  ? 0.20497 0.17365 0.23473 0.02326  0.05365  -0.00935 1008 U   A P     
222 O  OP1   . U   A 8  ? 0.26069 0.18106 0.26130 0.02685  0.08059  0.00658  1008 U   A OP1   
223 O  OP2   . U   A 8  ? 0.22257 0.18891 0.23936 -0.02407 0.05601  -0.03657 1008 U   A OP2   
224 O  "O5'" . U   A 8  ? 0.18646 0.20382 0.21484 0.04104  0.02645  0.02455  1008 U   A "O5'" 
225 C  "C5'" . U   A 8  ? 0.21164 0.22200 0.20037 0.04085  0.03618  0.04230  1008 U   A "C5'" 
226 C  "C4'" . U   A 8  ? 0.21606 0.21759 0.21153 0.05073  0.05588  0.02804  1008 U   A "C4'" 
227 O  "O4'" . U   A 8  ? 0.19594 0.20512 0.22718 0.02579  0.05509  0.02809  1008 U   A "O4'" 
228 C  "C3'" . U   A 8  ? 0.23394 0.22747 0.21868 0.06175  0.06185  0.03154  1008 U   A "C3'" 
229 O  "O3'" . U   A 8  ? 0.32108 0.24486 0.24873 0.07679  0.08947  0.05222  1008 U   A "O3'" 
230 C  "C2'" . U   A 8  ? 0.22747 0.23882 0.24571 0.02599  0.05760  0.04242  1008 U   A "C2'" 
231 O  "O2'" . U   A 8  ? 0.22028 0.27115 0.28251 0.03007  0.03651  0.05327  1008 U   A "O2'" 
232 C  "C1'" . U   A 8  ? 0.19759 0.19799 0.23065 0.01574  0.07260  0.02330  1008 U   A "C1'" 
233 N  N1    . U   A 8  ? 0.20804 0.15822 0.21595 0.01479  0.06416  0.01741  1008 U   A N1    
234 C  C2    . U   A 8  ? 0.21058 0.15160 0.21541 0.01614  0.04966  0.03793  1008 U   A C2    
235 O  O2    . U   A 8  ? 0.20171 0.16951 0.23670 0.01110  0.03620  0.01240  1008 U   A O2    
236 N  N3    . U   A 8  ? 0.21367 0.15417 0.20852 0.03794  0.06331  0.02665  1008 U   A N3    
237 C  C4    . U   A 8  ? 0.20987 0.17541 0.19869 0.03475  0.05562  0.03109  1008 U   A C4    
238 O  O4    . U   A 8  ? 0.18674 0.18850 0.21850 0.03429  0.05704  0.03102  1008 U   A O4    
239 C  C5    . U   A 8  ? 0.22506 0.15992 0.20537 0.02938  0.06352  0.02220  1008 U   A C5    
240 C  C6    . U   A 8  ? 0.20337 0.15636 0.22004 0.00848  0.04725  0.02062  1008 U   A C6    
251 P  P     . A   A 9  ? 0.38676 0.22527 0.29799 0.11634  0.10971  0.03183  1009 A   A P     
252 O  OP1   . A   A 9  ? 0.43302 0.24543 0.33164 0.11722  0.15510  0.02721  1009 A   A OP1   
253 O  OP2   . A   A 9  ? 0.43075 0.22075 0.30398 0.07746  0.08289  0.02698  1009 A   A OP2   
254 O  "O5'" . A   A 9  ? 0.27283 0.25719 0.25719 0.09548  0.08355  0.07401  1009 A   A "O5'" 
255 C  "C5'" . A   A 9  ? 0.19350 0.24488 0.28750 0.07556  0.05376  0.07930  1009 A   A "C5'" 
256 C  "C4'" . A   A 9  ? 0.13766 0.20531 0.28503 0.04454  0.03018  0.05476  1009 A   A "C4'" 
257 O  "O4'" . A   A 9  ? 0.14988 0.20348 0.27217 0.00869  0.05448  0.05462  1009 A   A "O4'" 
258 C  "C3'" . A   A 9  ? 0.12939 0.18125 0.24862 0.02294  0.01522  0.02560  1009 A   A "C3'" 
259 O  "O3'" . A   A 9  ? 0.12806 0.20065 0.23164 0.03143  0.00779  0.02013  1009 A   A "O3'" 
260 C  "C2'" . A   A 9  ? 0.13997 0.16146 0.26043 -0.01974 0.03371  0.02976  1009 A   A "C2'" 
261 O  "O2'" . A   A 9  ? 0.15135 0.17947 0.24949 -0.01324 0.00478  0.01734  1009 A   A "O2'" 
262 C  "C1'" . A   A 9  ? 0.12899 0.17426 0.26086 -0.00694 0.04005  0.03634  1009 A   A "C1'" 
263 N  N9    . A   A 9  ? 0.13973 0.16294 0.23739 -0.00265 0.03847  0.01306  1009 A   A N9    
264 C  C8    . A   A 9  ? 0.14692 0.15087 0.22689 0.00905  0.06927  0.00141  1009 A   A C8    
265 N  N7    . A   A 9  ? 0.12373 0.15129 0.21394 0.01048  0.03139  0.00522  1009 A   A N7    
266 C  C5    . A   A 9  ? 0.14284 0.13240 0.19592 0.00946  0.03829  0.00237  1009 A   A C5    
267 C  C6    . A   A 9  ? 0.15366 0.13284 0.17571 0.00919  0.04630  0.02376  1009 A   A C6    
268 N  N6    . A   A 9  ? 0.12842 0.15013 0.19671 0.02610  0.03499  0.00616  1009 A   A N6    
269 N  N1    . A   A 9  ? 0.13293 0.15398 0.18280 -0.00479 0.03831  0.00997  1009 A   A N1    
270 C  C2    . A   A 9  ? 0.14667 0.14723 0.21519 -0.01390 0.02653  0.00207  1009 A   A C2    
271 N  N3    . A   A 9  ? 0.13653 0.15292 0.22757 -0.01393 0.03079  0.00469  1009 A   A N3    
272 C  C4    . A   A 9  ? 0.13222 0.14519 0.22831 0.00452  0.03805  0.00949  1009 A   A C4    
284 P  P     . G   A 10 ? 0.13841 0.17372 0.25897 0.01561  -0.00289 -0.00951 1010 G   A P     
285 O  OP1   . G   A 10 ? 0.19143 0.17458 0.29704 0.00953  -0.02019 -0.00670 1010 G   A OP1   
286 O  OP2   . G   A 10 ? 0.14352 0.22062 0.30153 0.01405  0.00024  -0.01682 1010 G   A OP2   
287 O  "O5'" . G   A 10 ? 0.13749 0.16790 0.26189 -0.00967 -0.00105 0.01170  1010 G   A "O5'" 
288 C  "C5'" . G   A 10 ? 0.15231 0.17279 0.24573 -0.00689 0.01049  0.04746  1010 G   A "C5'" 
289 C  "C4'" . G   A 10 ? 0.13382 0.18391 0.23320 -0.02316 -0.00360 0.04759  1010 G   A "C4'" 
290 O  "O4'" . G   A 10 ? 0.13357 0.16396 0.24911 -0.02042 0.00110  0.03074  1010 G   A "O4'" 
291 C  "C3'" . G   A 10 ? 0.12930 0.18911 0.27111 -0.02052 0.01535  0.05746  1010 G   A "C3'" 
292 O  "O3'" . G   A 10 ? 0.14276 0.18901 0.30956 -0.02519 0.00646  0.05397  1010 G   A "O3'" 
293 C  "C2'" . G   A 10 ? 0.14277 0.19907 0.24792 -0.01943 0.01018  0.04078  1010 G   A "C2'" 
294 O  "O2'" . G   A 10 ? 0.16616 0.21340 0.24389 -0.01688 0.01463  0.03595  1010 G   A "O2'" 
295 C  "C1'" . G   A 10 ? 0.12518 0.17157 0.20799 -0.01498 0.00492  0.01554  1010 G   A "C1'" 
296 N  N9    . G   A 10 ? 0.11697 0.14030 0.20355 -0.01979 0.00404  0.01055  1010 G   A N9    
297 C  C8    . G   A 10 ? 0.11442 0.14972 0.23039 -0.02058 0.02552  0.00246  1010 G   A C8    
298 N  N7    . G   A 10 ? 0.11691 0.13813 0.22012 -0.02606 0.02202  -0.01685 1010 G   A N7    
299 C  C5    . G   A 10 ? 0.12333 0.13891 0.20445 -0.02255 0.02262  -0.00656 1010 G   A C5    
300 C  C6    . G   A 10 ? 0.13482 0.12549 0.18920 -0.01261 0.02024  -0.00964 1010 G   A C6    
301 O  O6    . G   A 10 ? 0.12976 0.16118 0.20149 -0.00903 0.02660  -0.00904 1010 G   A O6    
302 N  N1    . G   A 10 ? 0.14165 0.13943 0.18095 -0.00106 0.01067  0.00534  1010 G   A N1    
303 C  C2    . G   A 10 ? 0.14156 0.14155 0.18947 -0.01599 0.01339  0.00780  1010 G   A C2    
304 N  N2    . G   A 10 ? 0.15073 0.15350 0.21310 -0.00981 0.03048  0.00771  1010 G   A N2    
305 N  N3    . G   A 10 ? 0.14593 0.14172 0.19632 -0.01840 0.01618  -0.00277 1010 G   A N3    
306 C  C4    . G   A 10 ? 0.13277 0.13505 0.20506 -0.01611 0.01725  0.01531  1010 G   A C4    
318 P  P     . C   A 11 ? 0.17430 0.17149 0.35786 -0.01554 0.00695  0.05948  1011 C   A P     
319 O  OP1   . C   A 11 ? 0.18522 0.17860 0.42966 -0.00303 0.00007  0.06091  1011 C   A OP1   
320 O  OP2   . C   A 11 ? 0.18129 0.15878 0.40286 -0.01264 0.07633  0.00559  1011 C   A OP2   
321 O  "O5'" . C   A 11 ? 0.17001 0.21003 0.29603 -0.03910 0.00495  0.06508  1011 C   A "O5'" 
322 C  "C5'" . C   A 11 ? 0.15670 0.23497 0.26772 -0.03923 -0.01400 0.06343  1011 C   A "C5'" 
323 C  "C4'" . C   A 11 ? 0.17518 0.22652 0.23524 -0.03926 0.00184  0.05497  1011 C   A "C4'" 
324 O  "O4'" . C   A 11 ? 0.16445 0.21385 0.22351 -0.05536 -0.00970 0.03585  1011 C   A "O4'" 
325 C  "C3'" . C   A 11 ? 0.16914 0.21632 0.23496 -0.03483 0.00333  0.06587  1011 C   A "C3'" 
326 O  "O3'" . C   A 11 ? 0.19071 0.20159 0.27117 -0.02884 0.01476  0.05191  1011 C   A "O3'" 
327 C  "C2'" . C   A 11 ? 0.16596 0.22050 0.21987 -0.03192 0.01505  0.04744  1011 C   A "C2'" 
328 O  "O2'" . C   A 11 ? 0.17552 0.22949 0.24008 -0.01764 -0.00002 0.04767  1011 C   A "O2'" 
329 C  "C1'" . C   A 11 ? 0.14797 0.20787 0.23489 -0.05040 0.00212  0.02373  1011 C   A "C1'" 
330 N  N1    . C   A 11 ? 0.15805 0.17821 0.20868 -0.03233 -0.00708 0.00213  1011 C   A N1    
331 C  C2    . C   A 11 ? 0.16647 0.16415 0.20523 -0.02456 0.00229  -0.01134 1011 C   A C2    
332 O  O2    . C   A 11 ? 0.17062 0.16991 0.19771 -0.00006 -0.01559 -0.00315 1011 C   A O2    
333 N  N3    . C   A 11 ? 0.16211 0.15447 0.20061 -0.02539 0.00348  -0.00859 1011 C   A N3    
334 C  C4    . C   A 11 ? 0.16601 0.15267 0.18948 -0.03044 0.00739  -0.00331 1011 C   A C4    
335 N  N4    . C   A 11 ? 0.17574 0.15950 0.19763 -0.02496 0.00695  -0.01278 1011 C   A N4    
336 C  C5    . C   A 11 ? 0.17496 0.15571 0.21673 -0.01969 0.01332  0.01500  1011 C   A C5    
337 C  C6    . C   A 11 ? 0.15731 0.17773 0.21288 -0.03361 -0.01272 0.02588  1011 C   A C6    
349 P  P     . G   A 12 ? 0.19676 0.19718 0.31126 0.00538  0.05171  0.06244  1012 G   A P     
350 O  OP1   . G   A 12 ? 0.21004 0.22019 0.37174 0.00858  0.01233  0.10910  1012 G   A OP1   
351 O  OP2   . G   A 12 ? 0.23841 0.20603 0.33519 0.03090  0.02790  0.04852  1012 G   A OP2   
352 O  "O5'" . G   A 12 ? 0.16794 0.20749 0.25490 -0.01424 0.02375  0.05782  1012 G   A "O5'" 
353 C  "C5'" . G   A 12 ? 0.16136 0.22228 0.23594 -0.02474 0.00390  0.06858  1012 G   A "C5'" 
354 C  "C4'" . G   A 12 ? 0.17853 0.21797 0.19007 -0.01980 -0.00577 0.03640  1012 G   A "C4'" 
355 O  "O4'" . G   A 12 ? 0.18619 0.20013 0.18879 -0.02462 0.00203  0.02292  1012 G   A "O4'" 
356 C  "C3'" . G   A 12 ? 0.19764 0.20171 0.18971 -0.03920 0.00990  0.03461  1012 G   A "C3'" 
357 O  "O3'" . G   A 12 ? 0.22638 0.21353 0.21260 -0.06444 0.00386  0.05259  1012 G   A "O3'" 
358 C  "C2'" . G   A 12 ? 0.16350 0.20488 0.18759 -0.03560 0.00060  0.00658  1012 G   A "C2'" 
359 O  "O2'" . G   A 12 ? 0.18842 0.22210 0.20704 -0.01254 0.01167  -0.01142 1012 G   A "O2'" 
360 C  "C1'" . G   A 12 ? 0.16629 0.18356 0.20578 -0.02491 0.00446  0.00830  1012 G   A "C1'" 
361 N  N9    . G   A 12 ? 0.16223 0.16595 0.19664 -0.03682 0.01031  0.00350  1012 G   A N9    
362 C  C8    . G   A 12 ? 0.17258 0.16559 0.21101 -0.02065 0.00368  0.01176  1012 G   A C8    
363 N  N7    . G   A 12 ? 0.17384 0.17398 0.18562 0.00124  0.00856  0.00097  1012 G   A N7    
364 C  C5    . G   A 12 ? 0.16758 0.16285 0.18158 -0.01552 -0.00686 0.00963  1012 G   A C5    
365 C  C6    . G   A 12 ? 0.16121 0.14165 0.20121 -0.01613 0.01141  -0.00562 1012 G   A C6    
366 O  O6    . G   A 12 ? 0.15782 0.14619 0.20243 -0.01310 0.01529  -0.00630 1012 G   A O6    
367 N  N1    . G   A 12 ? 0.16732 0.13107 0.18827 -0.01795 0.00619  -0.00538 1012 G   A N1    
368 C  C2    . G   A 12 ? 0.15774 0.15233 0.18229 -0.00904 0.00468  -0.01014 1012 G   A C2    
369 N  N2    . G   A 12 ? 0.16844 0.17085 0.20392 -0.01628 0.00226  0.00470  1012 G   A N2    
370 N  N3    . G   A 12 ? 0.17031 0.15955 0.19057 -0.00809 0.01531  0.00502  1012 G   A N3    
371 C  C4    . G   A 12 ? 0.17698 0.16878 0.17611 -0.02129 -0.00138 0.00803  1012 G   A C4    
384 MG MG    . MG  B .  ? 0.54005 0.69771 0.30275 0.31156  0.12455  0.10849  1101 MG  A MG    
385 MG MG    . MG  C .  ? 0.79939 1.09116 1.02649 0.03387  0.13252  -0.05764 1102 MG  A MG    
386 O  O     . HOH D .  ? 0.36748 0.62998 0.54391 0.18472  0.01840  -0.17814 1201 HOH A O     
387 O  O     . HOH D .  ? 0.41338 0.48413 0.28075 0.21772  0.07240  0.13499  1202 HOH A O     
388 O  O     . HOH D .  ? 0.24342 0.22046 0.26757 -0.01711 -0.02273 -0.03014 1203 HOH A O     
389 O  O     . HOH D .  ? 0.20975 0.35352 0.27485 -0.01679 -0.01632 -0.08240 1204 HOH A O     
390 O  O     . HOH D .  ? 0.58558 0.25383 0.46322 0.01282  0.28147  -0.00066 1205 HOH A O     
391 O  O     . HOH D .  ? 0.35890 0.27679 0.35165 -0.08826 -0.05359 0.07639  1206 HOH A O     
392 O  O     . HOH D .  ? 0.21200 0.19857 0.22956 0.00101  0.04570  0.00646  1207 HOH A O     
393 O  O     . HOH D .  ? 0.41790 0.33755 0.29889 0.03301  0.12060  0.00735  1208 HOH A O     
394 O  O     . HOH D .  ? 0.44290 0.35780 0.35255 -0.02710 0.01360  -0.10466 1209 HOH A O     
395 O  O     . HOH D .  ? 0.33217 0.42508 0.33589 -0.02296 -0.08078 0.08614  1210 HOH A O     
396 O  O     . HOH D .  ? 0.54769 0.23125 0.23214 -0.02150 0.08171  0.03253  1211 HOH A O     
397 O  O     . HOH D .  ? 0.46546 0.32537 0.76287 0.15995  0.00355  -0.12307 1212 HOH A O     
398 O  O     . HOH D .  ? 0.60061 0.31474 0.65332 0.04049  -0.00855 -0.23166 1213 HOH A O     
399 O  O     . HOH D .  ? 0.38042 0.68566 0.37568 -0.18969 -0.11148 -0.06936 1214 HOH A O     
400 O  O     . HOH D .  ? 0.23986 0.30221 0.48760 0.09422  -0.12635 -0.09355 1215 HOH A O     
401 O  O     . HOH D .  ? 0.32423 0.54008 0.22862 -0.08532 0.07470  0.00645  1216 HOH A O     
402 O  O     . HOH D .  ? 0.65352 0.39644 0.38258 -0.07073 0.00377  -0.04626 1217 HOH A O     
403 O  O     . HOH D .  ? 0.18825 0.29370 0.22558 -0.04646 -0.00308 0.01192  1218 HOH A O     
404 O  O     . HOH D .  ? 0.19415 0.32490 0.21435 -0.03685 -0.00624 0.01546  1219 HOH A O     
405 O  O     . HOH D .  ? 0.18908 0.28513 0.33609 0.04184  0.02785  -0.04856 1220 HOH A O     
406 O  O     . HOH D .  ? 0.38349 0.31623 0.33632 0.04200  0.12856  0.01293  1221 HOH A O     
407 O  O     . HOH D .  ? 0.41730 0.30264 0.28145 -0.00208 0.04772  -0.03714 1222 HOH A O     
408 O  O     . HOH D .  ? 0.17214 0.30562 0.36488 0.01953  0.02668  -0.10860 1223 HOH A O     
409 O  O     . HOH D .  ? 0.20411 0.30744 0.26094 0.01012  -0.00622 -0.04815 1224 HOH A O     
410 O  O     . HOH D .  ? 0.23658 0.26152 0.20900 -0.00511 0.04738  -0.01043 1225 HOH A O     
411 O  O     . HOH D .  ? 0.60842 0.38888 0.65054 0.20220  0.27363  0.20589  1226 HOH A O     
412 O  O     . HOH D .  ? 0.52266 0.30692 0.41573 -0.17493 0.02781  0.04687  1227 HOH A O     
413 O  O     . HOH D .  ? 0.24233 0.23584 0.32517 -0.07440 -0.02918 0.07286  1228 HOH A O     
414 O  O     . HOH D .  ? 0.40969 0.35007 0.29188 -0.13554 0.08701  0.05698  1229 HOH A O     
415 O  O     . HOH D .  ? 0.25732 0.53564 0.26876 -0.16942 0.00607  0.03985  1230 HOH A O     
416 O  O     . HOH D .  ? 0.31811 0.24863 0.23882 -0.03928 0.01629  0.01364  1231 HOH A O     
417 O  O     . HOH D .  ? 0.32708 0.32805 0.76041 -0.02515 0.07134  0.05737  1232 HOH A O     
418 O  O     . HOH D .  ? 0.72049 0.40491 0.31328 0.29523  0.00025  -0.00159 1233 HOH A O     
419 O  O     . HOH D .  ? 0.28782 0.26744 0.95749 -0.02378 -0.14527 0.10218  1234 HOH A O     
420 O  O     . HOH D .  ? 0.54614 0.47573 0.47964 -0.05425 0.00678  -0.20007 1235 HOH A O     
421 O  O     . HOH D .  ? 0.25926 0.28181 0.28321 0.01357  0.00763  0.00330  1236 HOH A O     
422 O  O     . HOH D .  ? 0.19994 0.21109 0.29547 -0.01568 0.01176  0.03691  1237 HOH A O     
423 O  O     . HOH D .  ? 0.32043 0.61939 0.24564 0.14148  0.04122  -0.09805 1238 HOH A O     
424 O  O     . HOH D .  ? 0.35688 0.19757 0.55435 0.00529  -0.15781 -0.03887 1239 HOH A O     
425 O  O     . HOH D .  ? 0.19340 0.36703 0.73936 -0.03033 -0.00243 -0.05937 1240 HOH A O     
426 O  O     . HOH D .  ? 0.22652 0.73655 0.29212 -0.04172 0.03792  0.07005  1241 HOH A O     
427 O  O     . HOH D .  ? 0.57313 0.71753 0.23622 0.21414  0.07319  0.04315  1242 HOH A O     
428 O  O     . HOH D .  ? 0.44932 0.26833 0.61726 0.08697  -0.28371 -0.13571 1243 HOH A O     
429 O  O     . HOH D .  ? 0.30912 0.34513 0.80396 -0.04492 0.21665  -0.08308 1244 HOH A O     
430 O  O     . HOH D .  ? 0.24577 0.26373 0.28292 0.03632  0.02522  0.06402  1245 HOH A O     
431 O  O     . HOH D .  ? 0.47280 0.30989 0.67838 0.01475  -0.30412 -0.06298 1246 HOH A O     
432 O  O     . HOH D .  ? 0.31448 0.33312 0.67197 0.11055  0.18958  0.15198  1247 HOH A O     
433 O  O     . HOH D .  ? 0.29438 0.38217 0.25866 0.06563  0.01264  0.00046  1248 HOH A O     
434 O  O     . HOH D .  ? 0.26855 0.38297 0.31694 -0.06380 0.07497  -0.08105 1249 HOH A O     
435 O  O     . HOH D .  ? 0.23354 0.33149 0.34381 -0.02635 -0.01643 -0.09793 1250 HOH A O     
436 O  O     . HOH D .  ? 0.62554 0.54137 0.43739 0.22861  0.24185  0.19165  1251 HOH A O     
437 O  O     . HOH D .  ? 0.22059 0.38324 0.71210 0.03111  -0.06304 -0.24088 1252 HOH A O     
438 O  O     . HOH D .  ? 0.22799 0.34319 0.22654 -0.01700 -0.01481 0.01602  1253 HOH A O     
439 O  O     . HOH D .  ? 0.29585 0.32473 0.90799 0.01611  -0.15292 0.09680  1254 HOH A O     
440 O  O     . HOH D .  ? 0.57004 0.60246 0.30723 -0.20642 -0.07590 0.12291  1255 HOH A O     
441 O  O     . HOH D .  ? 0.41063 0.24711 0.39376 -0.00510 -0.08905 0.04185  1256 HOH A O     
442 O  O     . HOH D .  ? 0.58598 0.38625 0.38826 -0.18976 0.06327  -0.11184 1257 HOH A O     
443 O  O     . HOH D .  ? 0.19510 0.62787 0.43606 -0.02664 0.05446  0.00019  1258 HOH A O     
444 O  O     . HOH D .  ? 0.62630 0.37612 0.31910 0.22181  -0.15454 -0.03260 1259 HOH A O     
445 O  O     . HOH D .  ? 0.53903 0.36168 0.68333 0.18309  -0.21215 -0.18819 1260 HOH A O     
446 O  O     . HOH D .  ? 0.22297 0.29447 0.25782 0.04319  -0.00056 0.00149  1261 HOH A O     
447 O  O     . HOH D .  ? 0.29251 0.22675 0.37131 0.04073  0.05796  -0.00931 1262 HOH A O     
448 O  O     . HOH D .  ? 0.65320 0.26895 0.57769 -0.00059 0.33033  0.00052  1263 HOH A O     
449 O  O     . HOH D .  ? 0.36206 0.57281 0.44060 -0.07698 -0.13186 -0.03894 1264 HOH A O     
450 O  O     . HOH D .  ? 0.27462 0.82619 0.31726 -0.16602 -0.04179 0.14473  1265 HOH A O     
451 O  O     . HOH D .  ? 0.58818 0.28534 0.33427 0.13137  -0.03735 -0.02324 1266 HOH A O     
452 O  O     . HOH D .  ? 0.48065 0.46643 0.62936 -0.09797 0.08068  -0.30738 1267 HOH A O     
453 O  O     . HOH D .  ? 0.45195 0.83957 0.33451 -0.14046 0.06506  -0.21158 1268 HOH A O     
454 O  O     . HOH D .  ? 0.34648 0.56522 0.65243 0.02559  0.11038  0.30548  1269 HOH A O     
455 O  O     . HOH D .  ? 0.47061 0.46648 0.46525 -0.01785 0.26031  -0.11218 1270 HOH A O     
456 O  O     . HOH D .  ? 0.19747 0.32392 0.37213 -0.02544 0.04392  -0.03767 1271 HOH A O     
457 O  O     . HOH D .  ? 0.60652 0.67684 0.55514 0.13692  0.14691  -0.02654 1272 HOH A O     
458 O  O     . HOH D .  ? 0.51259 0.65426 0.28531 -0.09457 0.10274  0.14918  1273 HOH A O     
459 O  O     . HOH D .  ? 0.32566 0.62293 0.63837 0.09462  -0.06403 0.17685  1274 HOH A O     
460 O  O     . HOH D .  ? 0.30654 0.49760 0.39927 -0.08135 -0.04520 0.07810  1275 HOH A O     
461 O  O     . HOH D .  ? 0.33632 0.57467 0.90616 -0.05492 -0.06381 -0.03054 1276 HOH A O     
462 O  O     . HOH D .  ? 0.33769 0.55166 0.63599 -0.12130 -0.18138 0.08871  1277 HOH A O     
# 
